data_7ZAD
# 
_entry.id   7ZAD 
# 
_audit_conform.dict_name       mmcif_pdbx.dic 
_audit_conform.dict_version    5.384 
_audit_conform.dict_location   http://mmcif.pdb.org/dictionaries/ascii/mmcif_pdbx.dic 
# 
loop_
_database_2.database_id 
_database_2.database_code 
_database_2.pdbx_database_accession 
_database_2.pdbx_DOI 
PDB   7ZAD         pdb_00007zad 10.2210/pdb7zad/pdb 
WWPDB D_1292121873 ?            ?                   
# 
loop_
_pdbx_audit_revision_history.ordinal 
_pdbx_audit_revision_history.data_content_type 
_pdbx_audit_revision_history.major_revision 
_pdbx_audit_revision_history.minor_revision 
_pdbx_audit_revision_history.revision_date 
1 'Structure model' 1 0 2022-11-23 
2 'Structure model' 1 1 2022-12-07 
3 'Structure model' 1 2 2023-01-11 
4 'Structure model' 1 3 2024-01-31 
# 
_pdbx_audit_revision_details.ordinal             1 
_pdbx_audit_revision_details.revision_ordinal    1 
_pdbx_audit_revision_details.data_content_type   'Structure model' 
_pdbx_audit_revision_details.provider            repository 
_pdbx_audit_revision_details.type                'Initial release' 
_pdbx_audit_revision_details.description         ? 
_pdbx_audit_revision_details.details             ? 
# 
loop_
_pdbx_audit_revision_group.ordinal 
_pdbx_audit_revision_group.revision_ordinal 
_pdbx_audit_revision_group.data_content_type 
_pdbx_audit_revision_group.group 
1 2 'Structure model' 'Database references'    
2 3 'Structure model' 'Database references'    
3 4 'Structure model' 'Data collection'        
4 4 'Structure model' 'Refinement description' 
# 
loop_
_pdbx_audit_revision_category.ordinal 
_pdbx_audit_revision_category.revision_ordinal 
_pdbx_audit_revision_category.data_content_type 
_pdbx_audit_revision_category.category 
1 2 'Structure model' citation                      
2 2 'Structure model' citation_author               
3 3 'Structure model' citation_author               
4 4 'Structure model' chem_comp_atom                
5 4 'Structure model' chem_comp_bond                
6 4 'Structure model' pdbx_initial_refinement_model 
# 
loop_
_pdbx_audit_revision_item.ordinal 
_pdbx_audit_revision_item.revision_ordinal 
_pdbx_audit_revision_item.data_content_type 
_pdbx_audit_revision_item.item 
1 2 'Structure model' '_citation.journal_volume'          
2 2 'Structure model' '_citation.page_first'              
3 2 'Structure model' '_citation.page_last'               
4 2 'Structure model' '_citation_author.identifier_ORCID' 
5 3 'Structure model' '_citation_author.identifier_ORCID' 
# 
_pdbx_database_status.status_code                     REL 
_pdbx_database_status.status_code_sf                  REL 
_pdbx_database_status.status_code_mr                  ? 
_pdbx_database_status.entry_id                        7ZAD 
_pdbx_database_status.recvd_initial_deposition_date   2022-03-22 
_pdbx_database_status.SG_entry                        N 
_pdbx_database_status.deposit_site                    PDBE 
_pdbx_database_status.process_site                    PDBE 
_pdbx_database_status.status_code_cs                  ? 
_pdbx_database_status.status_code_nmr_data            ? 
_pdbx_database_status.methods_development_category    ? 
_pdbx_database_status.pdb_format_compatible           N 
# 
_pdbx_contact_author.id                 2 
_pdbx_contact_author.email              martin.noble@ncl.ac.uk 
_pdbx_contact_author.name_first         Martin 
_pdbx_contact_author.name_last          Noble 
_pdbx_contact_author.name_mi            E.M 
_pdbx_contact_author.role               'principal investigator/group leader' 
_pdbx_contact_author.identifier_ORCID   0000-0002-3595-9807 
# 
loop_
_audit_author.name 
_audit_author.pdbx_ordinal 
_audit_author.identifier_ORCID 
'Turberville, S.' 1 0000-0003-2173-9675 
'Martin, M.P.'    2 0000-0003-4810-3351 
'Hope, I.'        3 ?                   
'Noble, M.E.M.'   4 0000-0002-3595-9807 
# 
_citation.abstract                  ? 
_citation.abstract_id_CAS           ? 
_citation.book_id_ISBN              ? 
_citation.book_publisher            ? 
_citation.book_publisher_city       ? 
_citation.book_title                ? 
_citation.coordinate_linkage        ? 
_citation.country                   US 
_citation.database_id_Medline       ? 
_citation.details                   ? 
_citation.id                        primary 
_citation.journal_abbrev            J.Med.Chem. 
_citation.journal_id_ASTM           JMCMAR 
_citation.journal_id_CSD            0151 
_citation.journal_id_ISSN           0022-2623 
_citation.journal_full              ? 
_citation.journal_issue             ? 
_citation.journal_volume            65 
_citation.language                  ? 
_citation.page_first                15416 
_citation.page_last                 15432 
_citation.title                     
;Mapping Ligand Interactions of Bromodomains BRD4 and ATAD2 with FragLites and PepLites&#9472;Halogenated Probes of Druglike and Peptide-like Molecular Interactions.
;
_citation.year                      2022 
_citation.database_id_CSD           ? 
_citation.pdbx_database_id_DOI      10.1021/acs.jmedchem.2c01357 
_citation.pdbx_database_id_PubMed   36367089 
_citation.pdbx_database_id_patent   ? 
_citation.unpublished_flag          ? 
# 
loop_
_citation_author.citation_id 
_citation_author.name 
_citation_author.ordinal 
_citation_author.identifier_ORCID 
primary 'Davison, G.'       1  0000-0001-5466-2702 
primary 'Martin, M.P.'      2  ?                   
primary 'Turberville, S.'   3  ?                   
primary 'Dormen, S.'        4  ?                   
primary 'Heath, R.'         5  ?                   
primary 'Heptinstall, A.B.' 6  ?                   
primary 'Lawson, M.'        7  ?                   
primary 'Miller, D.C.'      8  0000-0001-6846-2007 
primary 'Ng, Y.M.'          9  ?                   
primary 'Sanderson, J.N.'   10 0000-0003-1000-2897 
primary 'Hope, I.'          11 0000-0002-8002-5026 
primary 'Wood, D.J.'        12 ?                   
primary 'Cano, C.'          13 0000-0002-2032-2272 
primary 'Endicott, J.A.'    14 ?                   
primary 'Hardcastle, I.R.'  15 0000-0001-7495-3769 
primary 'Noble, M.E.M.'     16 ?                   
primary 'Waring, M.J.'      17 0000-0002-9110-8783 
# 
loop_
_entity.id 
_entity.type 
_entity.src_method 
_entity.pdbx_description 
_entity.formula_weight 
_entity.pdbx_number_of_molecules 
_entity.pdbx_ec 
_entity.pdbx_mutation 
_entity.pdbx_fragment 
_entity.details 
1 polymer     man 'Isoform C of Bromodomain-containing protein 4' 15294.578 1   ? ? ? ? 
2 non-polymer syn GLYCEROL                                        92.094    2   ? ? ? ? 
3 non-polymer syn 4-iodanylbenzamide                              247.033   1   ? ? ? ? 
4 water       nat water                                           18.015    177 ? ? ? ? 
# 
_entity_name_com.entity_id   1 
_entity_name_com.name        'Protein HUNK1' 
# 
_entity_poly.entity_id                      1 
_entity_poly.type                           'polypeptide(L)' 
_entity_poly.nstd_linkage                   no 
_entity_poly.nstd_monomer                   no 
_entity_poly.pdbx_seq_one_letter_code       
;GSHMNPPPPETSNPNKPKRQTNQLQYLLRVVLKTLWKHQFAWPFQQPVDAVKLNLPDYYKIIKTPMDMGTIKKRLENNYY
WNAQECIQDFNTMFTNCYIYNKPGDDIVLMAEALEKLFLQKINELPTEE
;
_entity_poly.pdbx_seq_one_letter_code_can   
;GSHMNPPPPETSNPNKPKRQTNQLQYLLRVVLKTLWKHQFAWPFQQPVDAVKLNLPDYYKIIKTPMDMGTIKKRLENNYY
WNAQECIQDFNTMFTNCYIYNKPGDDIVLMAEALEKLFLQKINELPTEE
;
_entity_poly.pdbx_strand_id                 AAA 
_entity_poly.pdbx_target_identifier         ? 
# 
loop_
_pdbx_entity_nonpoly.entity_id 
_pdbx_entity_nonpoly.name 
_pdbx_entity_nonpoly.comp_id 
2 GLYCEROL           GOL 
3 4-iodanylbenzamide IJL 
4 water              HOH 
# 
loop_
_entity_poly_seq.entity_id 
_entity_poly_seq.num 
_entity_poly_seq.mon_id 
_entity_poly_seq.hetero 
1 1   GLY n 
1 2   SER n 
1 3   HIS n 
1 4   MET n 
1 5   ASN n 
1 6   PRO n 
1 7   PRO n 
1 8   PRO n 
1 9   PRO n 
1 10  GLU n 
1 11  THR n 
1 12  SER n 
1 13  ASN n 
1 14  PRO n 
1 15  ASN n 
1 16  LYS n 
1 17  PRO n 
1 18  LYS n 
1 19  ARG n 
1 20  GLN n 
1 21  THR n 
1 22  ASN n 
1 23  GLN n 
1 24  LEU n 
1 25  GLN n 
1 26  TYR n 
1 27  LEU n 
1 28  LEU n 
1 29  ARG n 
1 30  VAL n 
1 31  VAL n 
1 32  LEU n 
1 33  LYS n 
1 34  THR n 
1 35  LEU n 
1 36  TRP n 
1 37  LYS n 
1 38  HIS n 
1 39  GLN n 
1 40  PHE n 
1 41  ALA n 
1 42  TRP n 
1 43  PRO n 
1 44  PHE n 
1 45  GLN n 
1 46  GLN n 
1 47  PRO n 
1 48  VAL n 
1 49  ASP n 
1 50  ALA n 
1 51  VAL n 
1 52  LYS n 
1 53  LEU n 
1 54  ASN n 
1 55  LEU n 
1 56  PRO n 
1 57  ASP n 
1 58  TYR n 
1 59  TYR n 
1 60  LYS n 
1 61  ILE n 
1 62  ILE n 
1 63  LYS n 
1 64  THR n 
1 65  PRO n 
1 66  MET n 
1 67  ASP n 
1 68  MET n 
1 69  GLY n 
1 70  THR n 
1 71  ILE n 
1 72  LYS n 
1 73  LYS n 
1 74  ARG n 
1 75  LEU n 
1 76  GLU n 
1 77  ASN n 
1 78  ASN n 
1 79  TYR n 
1 80  TYR n 
1 81  TRP n 
1 82  ASN n 
1 83  ALA n 
1 84  GLN n 
1 85  GLU n 
1 86  CYS n 
1 87  ILE n 
1 88  GLN n 
1 89  ASP n 
1 90  PHE n 
1 91  ASN n 
1 92  THR n 
1 93  MET n 
1 94  PHE n 
1 95  THR n 
1 96  ASN n 
1 97  CYS n 
1 98  TYR n 
1 99  ILE n 
1 100 TYR n 
1 101 ASN n 
1 102 LYS n 
1 103 PRO n 
1 104 GLY n 
1 105 ASP n 
1 106 ASP n 
1 107 ILE n 
1 108 VAL n 
1 109 LEU n 
1 110 MET n 
1 111 ALA n 
1 112 GLU n 
1 113 ALA n 
1 114 LEU n 
1 115 GLU n 
1 116 LYS n 
1 117 LEU n 
1 118 PHE n 
1 119 LEU n 
1 120 GLN n 
1 121 LYS n 
1 122 ILE n 
1 123 ASN n 
1 124 GLU n 
1 125 LEU n 
1 126 PRO n 
1 127 THR n 
1 128 GLU n 
1 129 GLU n 
# 
_entity_src_gen.entity_id                          1 
_entity_src_gen.pdbx_src_id                        1 
_entity_src_gen.pdbx_alt_source_flag               sample 
_entity_src_gen.pdbx_seq_type                      'Biological sequence' 
_entity_src_gen.pdbx_beg_seq_num                   1 
_entity_src_gen.pdbx_end_seq_num                   129 
_entity_src_gen.gene_src_common_name               human 
_entity_src_gen.gene_src_genus                     ? 
_entity_src_gen.pdbx_gene_src_gene                 'BRD4, HUNK1' 
_entity_src_gen.gene_src_species                   ? 
_entity_src_gen.gene_src_strain                    ? 
_entity_src_gen.gene_src_tissue                    ? 
_entity_src_gen.gene_src_tissue_fraction           ? 
_entity_src_gen.gene_src_details                   ? 
_entity_src_gen.pdbx_gene_src_fragment             ? 
_entity_src_gen.pdbx_gene_src_scientific_name      'Homo sapiens' 
_entity_src_gen.pdbx_gene_src_ncbi_taxonomy_id     9606 
_entity_src_gen.pdbx_gene_src_variant              ? 
_entity_src_gen.pdbx_gene_src_cell_line            ? 
_entity_src_gen.pdbx_gene_src_atcc                 ? 
_entity_src_gen.pdbx_gene_src_organ                ? 
_entity_src_gen.pdbx_gene_src_organelle            ? 
_entity_src_gen.pdbx_gene_src_cell                 ? 
_entity_src_gen.pdbx_gene_src_cellular_location    ? 
_entity_src_gen.host_org_common_name               ? 
_entity_src_gen.pdbx_host_org_scientific_name      'Escherichia coli BL21(DE3)' 
_entity_src_gen.pdbx_host_org_ncbi_taxonomy_id     469008 
_entity_src_gen.host_org_genus                     ? 
_entity_src_gen.pdbx_host_org_gene                 ? 
_entity_src_gen.pdbx_host_org_organ                ? 
_entity_src_gen.host_org_species                   ? 
_entity_src_gen.pdbx_host_org_tissue               ? 
_entity_src_gen.pdbx_host_org_tissue_fraction      ? 
_entity_src_gen.pdbx_host_org_strain               ? 
_entity_src_gen.pdbx_host_org_variant              ? 
_entity_src_gen.pdbx_host_org_cell_line            ? 
_entity_src_gen.pdbx_host_org_atcc                 ? 
_entity_src_gen.pdbx_host_org_culture_collection   ? 
_entity_src_gen.pdbx_host_org_cell                 ? 
_entity_src_gen.pdbx_host_org_organelle            ? 
_entity_src_gen.pdbx_host_org_cellular_location    ? 
_entity_src_gen.pdbx_host_org_vector_type          ? 
_entity_src_gen.pdbx_host_org_vector               ? 
_entity_src_gen.host_org_details                   ? 
_entity_src_gen.expression_system_id               ? 
_entity_src_gen.plasmid_name                       pET28b 
_entity_src_gen.plasmid_details                    ? 
_entity_src_gen.pdbx_description                   ? 
# 
loop_
_chem_comp.id 
_chem_comp.type 
_chem_comp.mon_nstd_flag 
_chem_comp.name 
_chem_comp.pdbx_synonyms 
_chem_comp.formula 
_chem_comp.formula_weight 
ALA 'L-peptide linking' y ALANINE            ?                               'C3 H7 N O2'     89.093  
ARG 'L-peptide linking' y ARGININE           ?                               'C6 H15 N4 O2 1' 175.209 
ASN 'L-peptide linking' y ASPARAGINE         ?                               'C4 H8 N2 O3'    132.118 
ASP 'L-peptide linking' y 'ASPARTIC ACID'    ?                               'C4 H7 N O4'     133.103 
CYS 'L-peptide linking' y CYSTEINE           ?                               'C3 H7 N O2 S'   121.158 
GLN 'L-peptide linking' y GLUTAMINE          ?                               'C5 H10 N2 O3'   146.144 
GLU 'L-peptide linking' y 'GLUTAMIC ACID'    ?                               'C5 H9 N O4'     147.129 
GLY 'peptide linking'   y GLYCINE            ?                               'C2 H5 N O2'     75.067  
GOL non-polymer         . GLYCEROL           'GLYCERIN; PROPANE-1,2,3-TRIOL' 'C3 H8 O3'       92.094  
HIS 'L-peptide linking' y HISTIDINE          ?                               'C6 H10 N3 O2 1' 156.162 
HOH non-polymer         . WATER              ?                               'H2 O'           18.015  
IJL non-polymer         . 4-iodanylbenzamide ?                               'C7 H6 I N O'    247.033 
ILE 'L-peptide linking' y ISOLEUCINE         ?                               'C6 H13 N O2'    131.173 
LEU 'L-peptide linking' y LEUCINE            ?                               'C6 H13 N O2'    131.173 
LYS 'L-peptide linking' y LYSINE             ?                               'C6 H15 N2 O2 1' 147.195 
MET 'L-peptide linking' y METHIONINE         ?                               'C5 H11 N O2 S'  149.211 
PHE 'L-peptide linking' y PHENYLALANINE      ?                               'C9 H11 N O2'    165.189 
PRO 'L-peptide linking' y PROLINE            ?                               'C5 H9 N O2'     115.130 
SER 'L-peptide linking' y SERINE             ?                               'C3 H7 N O3'     105.093 
THR 'L-peptide linking' y THREONINE          ?                               'C4 H9 N O3'     119.119 
TRP 'L-peptide linking' y TRYPTOPHAN         ?                               'C11 H12 N2 O2'  204.225 
TYR 'L-peptide linking' y TYROSINE           ?                               'C9 H11 N O3'    181.189 
VAL 'L-peptide linking' y VALINE             ?                               'C5 H11 N O2'    117.146 
# 
loop_
_pdbx_poly_seq_scheme.asym_id 
_pdbx_poly_seq_scheme.entity_id 
_pdbx_poly_seq_scheme.seq_id 
_pdbx_poly_seq_scheme.mon_id 
_pdbx_poly_seq_scheme.ndb_seq_num 
_pdbx_poly_seq_scheme.pdb_seq_num 
_pdbx_poly_seq_scheme.auth_seq_num 
_pdbx_poly_seq_scheme.pdb_mon_id 
_pdbx_poly_seq_scheme.auth_mon_id 
_pdbx_poly_seq_scheme.pdb_strand_id 
_pdbx_poly_seq_scheme.pdb_ins_code 
_pdbx_poly_seq_scheme.hetero 
A 1 1   GLY 1   40  40  GLY GLY AAA . n 
A 1 2   SER 2   41  41  SER SER AAA . n 
A 1 3   HIS 3   42  42  HIS HIS AAA . n 
A 1 4   MET 4   43  43  MET MET AAA . n 
A 1 5   ASN 5   44  44  ASN ASN AAA . n 
A 1 6   PRO 6   45  45  PRO PRO AAA . n 
A 1 7   PRO 7   46  46  PRO PRO AAA . n 
A 1 8   PRO 8   47  47  PRO PRO AAA . n 
A 1 9   PRO 9   48  48  PRO PRO AAA . n 
A 1 10  GLU 10  49  49  GLU GLU AAA . n 
A 1 11  THR 11  50  50  THR THR AAA . n 
A 1 12  SER 12  51  51  SER SER AAA . n 
A 1 13  ASN 13  52  52  ASN ASN AAA . n 
A 1 14  PRO 14  53  53  PRO PRO AAA . n 
A 1 15  ASN 15  54  54  ASN ASN AAA . n 
A 1 16  LYS 16  55  55  LYS LYS AAA . n 
A 1 17  PRO 17  56  56  PRO PRO AAA . n 
A 1 18  LYS 18  57  57  LYS LYS AAA . n 
A 1 19  ARG 19  58  58  ARG ARG AAA . n 
A 1 20  GLN 20  59  59  GLN GLN AAA . n 
A 1 21  THR 21  60  60  THR THR AAA . n 
A 1 22  ASN 22  61  61  ASN ASN AAA . n 
A 1 23  GLN 23  62  62  GLN GLN AAA . n 
A 1 24  LEU 24  63  63  LEU LEU AAA . n 
A 1 25  GLN 25  64  64  GLN GLN AAA . n 
A 1 26  TYR 26  65  65  TYR TYR AAA . n 
A 1 27  LEU 27  66  66  LEU LEU AAA . n 
A 1 28  LEU 28  67  67  LEU LEU AAA . n 
A 1 29  ARG 29  68  68  ARG ARG AAA . n 
A 1 30  VAL 30  69  69  VAL VAL AAA . n 
A 1 31  VAL 31  70  70  VAL VAL AAA . n 
A 1 32  LEU 32  71  71  LEU LEU AAA . n 
A 1 33  LYS 33  72  72  LYS LYS AAA . n 
A 1 34  THR 34  73  73  THR THR AAA . n 
A 1 35  LEU 35  74  74  LEU LEU AAA . n 
A 1 36  TRP 36  75  75  TRP TRP AAA . n 
A 1 37  LYS 37  76  76  LYS LYS AAA . n 
A 1 38  HIS 38  77  77  HIS HIS AAA . n 
A 1 39  GLN 39  78  78  GLN GLN AAA . n 
A 1 40  PHE 40  79  79  PHE PHE AAA . n 
A 1 41  ALA 41  80  80  ALA ALA AAA . n 
A 1 42  TRP 42  81  81  TRP TRP AAA . n 
A 1 43  PRO 43  82  82  PRO PRO AAA . n 
A 1 44  PHE 44  83  83  PHE PHE AAA . n 
A 1 45  GLN 45  84  84  GLN GLN AAA . n 
A 1 46  GLN 46  85  85  GLN GLN AAA . n 
A 1 47  PRO 47  86  86  PRO PRO AAA . n 
A 1 48  VAL 48  87  87  VAL VAL AAA . n 
A 1 49  ASP 49  88  88  ASP ASP AAA . n 
A 1 50  ALA 50  89  89  ALA ALA AAA . n 
A 1 51  VAL 51  90  90  VAL VAL AAA . n 
A 1 52  LYS 52  91  91  LYS LYS AAA . n 
A 1 53  LEU 53  92  92  LEU LEU AAA . n 
A 1 54  ASN 54  93  93  ASN ASN AAA . n 
A 1 55  LEU 55  94  94  LEU LEU AAA . n 
A 1 56  PRO 56  95  95  PRO PRO AAA . n 
A 1 57  ASP 57  96  96  ASP ASP AAA . n 
A 1 58  TYR 58  97  97  TYR TYR AAA . n 
A 1 59  TYR 59  98  98  TYR TYR AAA . n 
A 1 60  LYS 60  99  99  LYS LYS AAA . n 
A 1 61  ILE 61  100 100 ILE ILE AAA . n 
A 1 62  ILE 62  101 101 ILE ILE AAA . n 
A 1 63  LYS 63  102 102 LYS LYS AAA . n 
A 1 64  THR 64  103 103 THR THR AAA . n 
A 1 65  PRO 65  104 104 PRO PRO AAA . n 
A 1 66  MET 66  105 105 MET MET AAA . n 
A 1 67  ASP 67  106 106 ASP ASP AAA . n 
A 1 68  MET 68  107 107 MET MET AAA . n 
A 1 69  GLY 69  108 108 GLY GLY AAA . n 
A 1 70  THR 70  109 109 THR THR AAA . n 
A 1 71  ILE 71  110 110 ILE ILE AAA . n 
A 1 72  LYS 72  111 111 LYS LYS AAA . n 
A 1 73  LYS 73  112 112 LYS LYS AAA . n 
A 1 74  ARG 74  113 113 ARG ARG AAA . n 
A 1 75  LEU 75  114 114 LEU LEU AAA . n 
A 1 76  GLU 76  115 115 GLU GLU AAA . n 
A 1 77  ASN 77  116 116 ASN ASN AAA . n 
A 1 78  ASN 78  117 117 ASN ASN AAA . n 
A 1 79  TYR 79  118 118 TYR TYR AAA . n 
A 1 80  TYR 80  119 119 TYR TYR AAA . n 
A 1 81  TRP 81  120 120 TRP TRP AAA . n 
A 1 82  ASN 82  121 121 ASN ASN AAA . n 
A 1 83  ALA 83  122 122 ALA ALA AAA . n 
A 1 84  GLN 84  123 123 GLN GLN AAA . n 
A 1 85  GLU 85  124 124 GLU GLU AAA . n 
A 1 86  CYS 86  125 125 CYS CYS AAA . n 
A 1 87  ILE 87  126 126 ILE ILE AAA . n 
A 1 88  GLN 88  127 127 GLN GLN AAA . n 
A 1 89  ASP 89  128 128 ASP ASP AAA . n 
A 1 90  PHE 90  129 129 PHE PHE AAA . n 
A 1 91  ASN 91  130 130 ASN ASN AAA . n 
A 1 92  THR 92  131 131 THR THR AAA . n 
A 1 93  MET 93  132 132 MET MET AAA . n 
A 1 94  PHE 94  133 133 PHE PHE AAA . n 
A 1 95  THR 95  134 134 THR THR AAA . n 
A 1 96  ASN 96  135 135 ASN ASN AAA . n 
A 1 97  CYS 97  136 136 CYS CYS AAA . n 
A 1 98  TYR 98  137 137 TYR TYR AAA . n 
A 1 99  ILE 99  138 138 ILE ILE AAA . n 
A 1 100 TYR 100 139 139 TYR TYR AAA . n 
A 1 101 ASN 101 140 140 ASN ASN AAA . n 
A 1 102 LYS 102 141 141 LYS LYS AAA . n 
A 1 103 PRO 103 142 142 PRO PRO AAA . n 
A 1 104 GLY 104 143 143 GLY GLY AAA . n 
A 1 105 ASP 105 144 144 ASP ASP AAA . n 
A 1 106 ASP 106 145 145 ASP ASP AAA . n 
A 1 107 ILE 107 146 146 ILE ILE AAA . n 
A 1 108 VAL 108 147 147 VAL VAL AAA . n 
A 1 109 LEU 109 148 148 LEU LEU AAA . n 
A 1 110 MET 110 149 149 MET MET AAA . n 
A 1 111 ALA 111 150 150 ALA ALA AAA . n 
A 1 112 GLU 112 151 151 GLU GLU AAA . n 
A 1 113 ALA 113 152 152 ALA ALA AAA . n 
A 1 114 LEU 114 153 153 LEU LEU AAA . n 
A 1 115 GLU 115 154 154 GLU GLU AAA . n 
A 1 116 LYS 116 155 155 LYS LYS AAA . n 
A 1 117 LEU 117 156 156 LEU LEU AAA . n 
A 1 118 PHE 118 157 157 PHE PHE AAA . n 
A 1 119 LEU 119 158 158 LEU LEU AAA . n 
A 1 120 GLN 120 159 159 GLN GLN AAA . n 
A 1 121 LYS 121 160 160 LYS LYS AAA . n 
A 1 122 ILE 122 161 161 ILE ILE AAA . n 
A 1 123 ASN 123 162 162 ASN ASN AAA . n 
A 1 124 GLU 124 163 163 GLU GLU AAA . n 
A 1 125 LEU 125 164 164 LEU LEU AAA . n 
A 1 126 PRO 126 165 165 PRO PRO AAA . n 
A 1 127 THR 127 166 166 THR THR AAA . n 
A 1 128 GLU 128 167 167 GLU GLU AAA . n 
A 1 129 GLU 129 168 168 GLU GLU AAA . n 
# 
loop_
_pdbx_nonpoly_scheme.asym_id 
_pdbx_nonpoly_scheme.entity_id 
_pdbx_nonpoly_scheme.mon_id 
_pdbx_nonpoly_scheme.ndb_seq_num 
_pdbx_nonpoly_scheme.pdb_seq_num 
_pdbx_nonpoly_scheme.auth_seq_num 
_pdbx_nonpoly_scheme.pdb_mon_id 
_pdbx_nonpoly_scheme.auth_mon_id 
_pdbx_nonpoly_scheme.pdb_strand_id 
_pdbx_nonpoly_scheme.pdb_ins_code 
B 2 GOL 1   201 2   GOL GOL AAA . 
C 2 GOL 1   202 3   GOL GOL AAA . 
D 3 IJL 1   203 1   IJL DRG AAA . 
E 4 HOH 1   301 38  HOH HOH AAA . 
E 4 HOH 2   302 88  HOH HOH AAA . 
E 4 HOH 3   303 96  HOH HOH AAA . 
E 4 HOH 4   304 153 HOH HOH AAA . 
E 4 HOH 5   305 176 HOH HOH AAA . 
E 4 HOH 6   306 106 HOH HOH AAA . 
E 4 HOH 7   307 173 HOH HOH AAA . 
E 4 HOH 8   308 101 HOH HOH AAA . 
E 4 HOH 9   309 169 HOH HOH AAA . 
E 4 HOH 10  310 70  HOH HOH AAA . 
E 4 HOH 11  311 171 HOH HOH AAA . 
E 4 HOH 12  312 47  HOH HOH AAA . 
E 4 HOH 13  313 118 HOH HOH AAA . 
E 4 HOH 14  314 139 HOH HOH AAA . 
E 4 HOH 15  315 80  HOH HOH AAA . 
E 4 HOH 16  316 68  HOH HOH AAA . 
E 4 HOH 17  317 159 HOH HOH AAA . 
E 4 HOH 18  318 21  HOH HOH AAA . 
E 4 HOH 19  319 178 HOH HOH AAA . 
E 4 HOH 20  320 116 HOH HOH AAA . 
E 4 HOH 21  321 26  HOH HOH AAA . 
E 4 HOH 22  322 71  HOH HOH AAA . 
E 4 HOH 23  323 30  HOH HOH AAA . 
E 4 HOH 24  324 51  HOH HOH AAA . 
E 4 HOH 25  325 77  HOH HOH AAA . 
E 4 HOH 26  326 128 HOH HOH AAA . 
E 4 HOH 27  327 72  HOH HOH AAA . 
E 4 HOH 28  328 49  HOH HOH AAA . 
E 4 HOH 29  329 91  HOH HOH AAA . 
E 4 HOH 30  330 9   HOH HOH AAA . 
E 4 HOH 31  331 24  HOH HOH AAA . 
E 4 HOH 32  332 60  HOH HOH AAA . 
E 4 HOH 33  333 35  HOH HOH AAA . 
E 4 HOH 34  334 133 HOH HOH AAA . 
E 4 HOH 35  335 25  HOH HOH AAA . 
E 4 HOH 36  336 122 HOH HOH AAA . 
E 4 HOH 37  337 160 HOH HOH AAA . 
E 4 HOH 38  338 69  HOH HOH AAA . 
E 4 HOH 39  339 144 HOH HOH AAA . 
E 4 HOH 40  340 89  HOH HOH AAA . 
E 4 HOH 41  341 174 HOH HOH AAA . 
E 4 HOH 42  342 40  HOH HOH AAA . 
E 4 HOH 43  343 18  HOH HOH AAA . 
E 4 HOH 44  344 10  HOH HOH AAA . 
E 4 HOH 45  345 138 HOH HOH AAA . 
E 4 HOH 46  346 110 HOH HOH AAA . 
E 4 HOH 47  347 129 HOH HOH AAA . 
E 4 HOH 48  348 13  HOH HOH AAA . 
E 4 HOH 49  349 137 HOH HOH AAA . 
E 4 HOH 50  350 175 HOH HOH AAA . 
E 4 HOH 51  351 52  HOH HOH AAA . 
E 4 HOH 52  352 149 HOH HOH AAA . 
E 4 HOH 53  353 46  HOH HOH AAA . 
E 4 HOH 54  354 59  HOH HOH AAA . 
E 4 HOH 55  355 55  HOH HOH AAA . 
E 4 HOH 56  356 7   HOH HOH AAA . 
E 4 HOH 57  357 43  HOH HOH AAA . 
E 4 HOH 58  358 56  HOH HOH AAA . 
E 4 HOH 59  359 78  HOH HOH AAA . 
E 4 HOH 60  360 152 HOH HOH AAA . 
E 4 HOH 61  361 50  HOH HOH AAA . 
E 4 HOH 62  362 93  HOH HOH AAA . 
E 4 HOH 63  363 19  HOH HOH AAA . 
E 4 HOH 64  364 12  HOH HOH AAA . 
E 4 HOH 65  365 179 HOH HOH AAA . 
E 4 HOH 66  366 27  HOH HOH AAA . 
E 4 HOH 67  367 161 HOH HOH AAA . 
E 4 HOH 68  368 58  HOH HOH AAA . 
E 4 HOH 69  369 66  HOH HOH AAA . 
E 4 HOH 70  370 134 HOH HOH AAA . 
E 4 HOH 71  371 97  HOH HOH AAA . 
E 4 HOH 72  372 53  HOH HOH AAA . 
E 4 HOH 73  373 44  HOH HOH AAA . 
E 4 HOH 74  374 23  HOH HOH AAA . 
E 4 HOH 75  375 79  HOH HOH AAA . 
E 4 HOH 76  376 87  HOH HOH AAA . 
E 4 HOH 77  377 57  HOH HOH AAA . 
E 4 HOH 78  378 31  HOH HOH AAA . 
E 4 HOH 79  379 158 HOH HOH AAA . 
E 4 HOH 80  380 170 HOH HOH AAA . 
E 4 HOH 81  381 11  HOH HOH AAA . 
E 4 HOH 82  382 2   HOH HOH AAA . 
E 4 HOH 83  383 1   HOH HOH AAA . 
E 4 HOH 84  384 5   HOH HOH AAA . 
E 4 HOH 85  385 48  HOH HOH AAA . 
E 4 HOH 86  386 151 HOH HOH AAA . 
E 4 HOH 87  387 37  HOH HOH AAA . 
E 4 HOH 88  388 120 HOH HOH AAA . 
E 4 HOH 89  389 16  HOH HOH AAA . 
E 4 HOH 90  390 107 HOH HOH AAA . 
E 4 HOH 91  391 163 HOH HOH AAA . 
E 4 HOH 92  392 99  HOH HOH AAA . 
E 4 HOH 93  393 8   HOH HOH AAA . 
E 4 HOH 94  394 135 HOH HOH AAA . 
E 4 HOH 95  395 85  HOH HOH AAA . 
E 4 HOH 96  396 6   HOH HOH AAA . 
E 4 HOH 97  397 131 HOH HOH AAA . 
E 4 HOH 98  398 22  HOH HOH AAA . 
E 4 HOH 99  399 4   HOH HOH AAA . 
E 4 HOH 100 400 154 HOH HOH AAA . 
E 4 HOH 101 401 83  HOH HOH AAA . 
E 4 HOH 102 402 17  HOH HOH AAA . 
E 4 HOH 103 403 95  HOH HOH AAA . 
E 4 HOH 104 404 75  HOH HOH AAA . 
E 4 HOH 105 405 32  HOH HOH AAA . 
E 4 HOH 106 406 34  HOH HOH AAA . 
E 4 HOH 107 407 150 HOH HOH AAA . 
E 4 HOH 108 408 155 HOH HOH AAA . 
E 4 HOH 109 409 123 HOH HOH AAA . 
E 4 HOH 110 410 81  HOH HOH AAA . 
E 4 HOH 111 411 63  HOH HOH AAA . 
E 4 HOH 112 412 130 HOH HOH AAA . 
E 4 HOH 113 413 84  HOH HOH AAA . 
E 4 HOH 114 414 45  HOH HOH AAA . 
E 4 HOH 115 415 39  HOH HOH AAA . 
E 4 HOH 116 416 111 HOH HOH AAA . 
E 4 HOH 117 417 33  HOH HOH AAA . 
E 4 HOH 118 418 136 HOH HOH AAA . 
E 4 HOH 119 419 42  HOH HOH AAA . 
E 4 HOH 120 420 20  HOH HOH AAA . 
E 4 HOH 121 421 41  HOH HOH AAA . 
E 4 HOH 122 422 36  HOH HOH AAA . 
E 4 HOH 123 423 127 HOH HOH AAA . 
E 4 HOH 124 424 3   HOH HOH AAA . 
E 4 HOH 125 425 104 HOH HOH AAA . 
E 4 HOH 126 426 168 HOH HOH AAA . 
E 4 HOH 127 427 125 HOH HOH AAA . 
E 4 HOH 128 428 92  HOH HOH AAA . 
E 4 HOH 129 429 156 HOH HOH AAA . 
E 4 HOH 130 430 108 HOH HOH AAA . 
E 4 HOH 131 431 117 HOH HOH AAA . 
E 4 HOH 132 432 126 HOH HOH AAA . 
E 4 HOH 133 433 86  HOH HOH AAA . 
E 4 HOH 134 434 180 HOH HOH AAA . 
E 4 HOH 135 435 82  HOH HOH AAA . 
E 4 HOH 136 436 172 HOH HOH AAA . 
E 4 HOH 137 437 14  HOH HOH AAA . 
E 4 HOH 138 438 140 HOH HOH AAA . 
E 4 HOH 139 439 112 HOH HOH AAA . 
E 4 HOH 140 440 90  HOH HOH AAA . 
E 4 HOH 141 441 94  HOH HOH AAA . 
E 4 HOH 142 442 157 HOH HOH AAA . 
E 4 HOH 143 443 76  HOH HOH AAA . 
E 4 HOH 144 444 65  HOH HOH AAA . 
E 4 HOH 145 445 132 HOH HOH AAA . 
E 4 HOH 146 446 62  HOH HOH AAA . 
E 4 HOH 147 447 167 HOH HOH AAA . 
E 4 HOH 148 448 141 HOH HOH AAA . 
E 4 HOH 149 449 100 HOH HOH AAA . 
E 4 HOH 150 450 147 HOH HOH AAA . 
E 4 HOH 151 451 64  HOH HOH AAA . 
E 4 HOH 152 452 165 HOH HOH AAA . 
E 4 HOH 153 453 61  HOH HOH AAA . 
E 4 HOH 154 454 142 HOH HOH AAA . 
E 4 HOH 155 455 113 HOH HOH AAA . 
E 4 HOH 156 456 29  HOH HOH AAA . 
E 4 HOH 157 457 119 HOH HOH AAA . 
E 4 HOH 158 458 124 HOH HOH AAA . 
E 4 HOH 159 459 105 HOH HOH AAA . 
E 4 HOH 160 460 164 HOH HOH AAA . 
E 4 HOH 161 461 98  HOH HOH AAA . 
E 4 HOH 162 462 146 HOH HOH AAA . 
E 4 HOH 163 463 28  HOH HOH AAA . 
E 4 HOH 164 464 162 HOH HOH AAA . 
E 4 HOH 165 465 103 HOH HOH AAA . 
E 4 HOH 166 466 102 HOH HOH AAA . 
E 4 HOH 167 467 181 HOH HOH AAA . 
E 4 HOH 168 468 54  HOH HOH AAA . 
E 4 HOH 169 469 115 HOH HOH AAA . 
E 4 HOH 170 470 166 HOH HOH AAA . 
E 4 HOH 171 471 145 HOH HOH AAA . 
E 4 HOH 172 472 73  HOH HOH AAA . 
E 4 HOH 173 473 143 HOH HOH AAA . 
E 4 HOH 174 474 67  HOH HOH AAA . 
E 4 HOH 175 475 109 HOH HOH AAA . 
E 4 HOH 176 476 148 HOH HOH AAA . 
E 4 HOH 177 477 74  HOH HOH AAA . 
# 
loop_
_software.citation_id 
_software.classification 
_software.compiler_name 
_software.compiler_version 
_software.contact_author 
_software.contact_author_email 
_software.date 
_software.description 
_software.dependencies 
_software.hardware 
_software.language 
_software.location 
_software.mods 
_software.name 
_software.os 
_software.os_version 
_software.type 
_software.version 
_software.pdbx_ordinal 
? refinement       ? ? ? ? ? ? ? ? ? ? ? REFMAC  ? ? ? 5.8.0258 1 
? refinement       ? ? ? ? ? ? ? ? ? ? ? REFMAC  ? ? ? 5.8.0258 2 
? 'data scaling'   ? ? ? ? ? ? ? ? ? ? ? Aimless ? ? ? 0.7.4    3 
? 'data reduction' ? ? ? ? ? ? ? ? ? ? ? xia2    ? ? ? .        4 
? phasing          ? ? ? ? ? ? ? ? ? ? ? PHASER  ? ? ? .        5 
# 
_cell.angle_alpha                  90.000 
_cell.angle_alpha_esd              ? 
_cell.angle_beta                   90.000 
_cell.angle_beta_esd               ? 
_cell.angle_gamma                  90.000 
_cell.angle_gamma_esd              ? 
_cell.entry_id                     7ZAD 
_cell.details                      ? 
_cell.formula_units_Z              ? 
_cell.length_a                     37.898 
_cell.length_a_esd                 ? 
_cell.length_b                     43.111 
_cell.length_b_esd                 ? 
_cell.length_c                     79.120 
_cell.length_c_esd                 ? 
_cell.volume                       ? 
_cell.volume_esd                   ? 
_cell.Z_PDB                        4 
_cell.reciprocal_angle_alpha       ? 
_cell.reciprocal_angle_beta        ? 
_cell.reciprocal_angle_gamma       ? 
_cell.reciprocal_angle_alpha_esd   ? 
_cell.reciprocal_angle_beta_esd    ? 
_cell.reciprocal_angle_gamma_esd   ? 
_cell.reciprocal_length_a          ? 
_cell.reciprocal_length_b          ? 
_cell.reciprocal_length_c          ? 
_cell.reciprocal_length_a_esd      ? 
_cell.reciprocal_length_b_esd      ? 
_cell.reciprocal_length_c_esd      ? 
_cell.pdbx_unique_axis             ? 
# 
_symmetry.entry_id                         7ZAD 
_symmetry.cell_setting                     ? 
_symmetry.Int_Tables_number                19 
_symmetry.space_group_name_Hall            ? 
_symmetry.space_group_name_H-M             'P 21 21 21' 
_symmetry.pdbx_full_space_group_name_H-M   ? 
# 
_exptl.absorpt_coefficient_mu     ? 
_exptl.absorpt_correction_T_max   ? 
_exptl.absorpt_correction_T_min   ? 
_exptl.absorpt_correction_type    ? 
_exptl.absorpt_process_details    ? 
_exptl.entry_id                   7ZAD 
_exptl.crystals_number            1 
_exptl.details                    ? 
_exptl.method                     'X-RAY DIFFRACTION' 
_exptl.method_details             ? 
# 
_exptl_crystal.colour                      ? 
_exptl_crystal.density_diffrn              ? 
_exptl_crystal.density_Matthews            2.11 
_exptl_crystal.density_method              ? 
_exptl_crystal.density_percent_sol         41.79 
_exptl_crystal.description                 ? 
_exptl_crystal.F_000                       ? 
_exptl_crystal.id                          1 
_exptl_crystal.preparation                 ? 
_exptl_crystal.size_max                    ? 
_exptl_crystal.size_mid                    ? 
_exptl_crystal.size_min                    ? 
_exptl_crystal.size_rad                    ? 
_exptl_crystal.colour_lustre               ? 
_exptl_crystal.colour_modifier             ? 
_exptl_crystal.colour_primary              ? 
_exptl_crystal.density_meas                ? 
_exptl_crystal.density_meas_esd            ? 
_exptl_crystal.density_meas_gt             ? 
_exptl_crystal.density_meas_lt             ? 
_exptl_crystal.density_meas_temp           ? 
_exptl_crystal.density_meas_temp_esd       ? 
_exptl_crystal.density_meas_temp_gt        ? 
_exptl_crystal.density_meas_temp_lt        ? 
_exptl_crystal.pdbx_crystal_image_url      ? 
_exptl_crystal.pdbx_crystal_image_format   ? 
_exptl_crystal.pdbx_mosaicity              ? 
_exptl_crystal.pdbx_mosaicity_esd          ? 
# 
_exptl_crystal_grow.apparatus       ? 
_exptl_crystal_grow.atmosphere      ? 
_exptl_crystal_grow.crystal_id      1 
_exptl_crystal_grow.details         ? 
_exptl_crystal_grow.method          'VAPOR DIFFUSION, SITTING DROP' 
_exptl_crystal_grow.method_ref      ? 
_exptl_crystal_grow.pH              8.5 
_exptl_crystal_grow.pressure        ? 
_exptl_crystal_grow.pressure_esd    ? 
_exptl_crystal_grow.seeding         ? 
_exptl_crystal_grow.seeding_ref     ? 
_exptl_crystal_grow.temp            293 
_exptl_crystal_grow.temp_details    ? 
_exptl_crystal_grow.temp_esd        ? 
_exptl_crystal_grow.time            ? 
_exptl_crystal_grow.pdbx_details    
;0.1 M Buffer system 3 (1 M Tris, 1 M BICINE, pH 8.5), 34-44% Precipitant Solution 3 (20% PEG 4000, 40%) and 60-80 mM Halogens Mix (NaF, NaBr and NaI) solution
;
_exptl_crystal_grow.pdbx_pH_range   ? 
# 
_diffrn.ambient_environment              ? 
_diffrn.ambient_temp                     100 
_diffrn.ambient_temp_details             ? 
_diffrn.ambient_temp_esd                 ? 
_diffrn.crystal_id                       1 
_diffrn.crystal_support                  ? 
_diffrn.crystal_treatment                ? 
_diffrn.details                          ? 
_diffrn.id                               1 
_diffrn.ambient_pressure                 ? 
_diffrn.ambient_pressure_esd             ? 
_diffrn.ambient_pressure_gt              ? 
_diffrn.ambient_pressure_lt              ? 
_diffrn.ambient_temp_gt                  ? 
_diffrn.ambient_temp_lt                  ? 
_diffrn.pdbx_serial_crystal_experiment   N 
# 
_diffrn_detector.details                      ? 
_diffrn_detector.detector                     PIXEL 
_diffrn_detector.diffrn_id                    1 
_diffrn_detector.type                         'DECTRIS PILATUS 6M' 
_diffrn_detector.area_resol_mean              ? 
_diffrn_detector.dtime                        ? 
_diffrn_detector.pdbx_frames_total            ? 
_diffrn_detector.pdbx_collection_time_total   ? 
_diffrn_detector.pdbx_collection_date         2019-09-25 
_diffrn_detector.pdbx_frequency               ? 
# 
_diffrn_radiation.collimation                      ? 
_diffrn_radiation.diffrn_id                        1 
_diffrn_radiation.filter_edge                      ? 
_diffrn_radiation.inhomogeneity                    ? 
_diffrn_radiation.monochromator                    ? 
_diffrn_radiation.polarisn_norm                    ? 
_diffrn_radiation.polarisn_ratio                   ? 
_diffrn_radiation.probe                            ? 
_diffrn_radiation.type                             ? 
_diffrn_radiation.xray_symbol                      ? 
_diffrn_radiation.wavelength_id                    1 
_diffrn_radiation.pdbx_monochromatic_or_laue_m_l   M 
_diffrn_radiation.pdbx_wavelength_list             ? 
_diffrn_radiation.pdbx_wavelength                  ? 
_diffrn_radiation.pdbx_diffrn_protocol             'SINGLE WAVELENGTH' 
_diffrn_radiation.pdbx_analyzer                    ? 
_diffrn_radiation.pdbx_scattering_type             x-ray 
# 
_diffrn_radiation_wavelength.id           1 
_diffrn_radiation_wavelength.wavelength   0.911628 
_diffrn_radiation_wavelength.wt           1.0 
# 
_diffrn_source.current                     ? 
_diffrn_source.details                     ? 
_diffrn_source.diffrn_id                   1 
_diffrn_source.power                       ? 
_diffrn_source.size                        ? 
_diffrn_source.source                      SYNCHROTRON 
_diffrn_source.target                      ? 
_diffrn_source.type                        'DIAMOND BEAMLINE I04-1' 
_diffrn_source.voltage                     ? 
_diffrn_source.take-off_angle              ? 
_diffrn_source.pdbx_wavelength_list        0.911628 
_diffrn_source.pdbx_wavelength             ? 
_diffrn_source.pdbx_synchrotron_beamline   I04-1 
_diffrn_source.pdbx_synchrotron_site       Diamond 
# 
_reflns.B_iso_Wilson_estimate                          ? 
_reflns.entry_id                                       7ZAD 
_reflns.data_reduction_details                         ? 
_reflns.data_reduction_method                          ? 
_reflns.d_resolution_high                              1.07 
_reflns.d_resolution_low                               39.56 
_reflns.details                                        ? 
_reflns.limit_h_max                                    ? 
_reflns.limit_h_min                                    ? 
_reflns.limit_k_max                                    ? 
_reflns.limit_k_min                                    ? 
_reflns.limit_l_max                                    ? 
_reflns.limit_l_min                                    ? 
_reflns.number_all                                     ? 
_reflns.number_obs                                     57056 
_reflns.observed_criterion                             ? 
_reflns.observed_criterion_F_max                       ? 
_reflns.observed_criterion_F_min                       ? 
_reflns.observed_criterion_I_max                       ? 
_reflns.observed_criterion_I_min                       ? 
_reflns.observed_criterion_sigma_F                     ? 
_reflns.observed_criterion_sigma_I                     ? 
_reflns.percent_possible_obs                           98.5 
_reflns.R_free_details                                 ? 
_reflns.Rmerge_F_all                                   ? 
_reflns.Rmerge_F_obs                                   ? 
_reflns.Friedel_coverage                               ? 
_reflns.number_gt                                      ? 
_reflns.threshold_expression                           ? 
_reflns.pdbx_redundancy                                12.8 
_reflns.pdbx_Rmerge_I_obs                              0.063 
_reflns.pdbx_Rmerge_I_all                              ? 
_reflns.pdbx_Rsym_value                                ? 
_reflns.pdbx_netI_over_av_sigmaI                       ? 
_reflns.pdbx_netI_over_sigmaI                          14.6 
_reflns.pdbx_res_netI_over_av_sigmaI_2                 ? 
_reflns.pdbx_res_netI_over_sigmaI_2                    ? 
_reflns.pdbx_chi_squared                               ? 
_reflns.pdbx_scaling_rejects                           ? 
_reflns.pdbx_d_res_high_opt                            ? 
_reflns.pdbx_d_res_low_opt                             ? 
_reflns.pdbx_d_res_opt_method                          ? 
_reflns.phase_calculation_details                      ? 
_reflns.pdbx_Rrim_I_all                                0.068 
_reflns.pdbx_Rpim_I_all                                0.026 
_reflns.pdbx_d_opt                                     ? 
_reflns.pdbx_number_measured_all                       ? 
_reflns.pdbx_diffrn_id                                 1 
_reflns.pdbx_ordinal                                   1 
_reflns.pdbx_CC_half                                   1.000 
_reflns.pdbx_CC_star                                   ? 
_reflns.pdbx_R_split                                   ? 
_reflns.pdbx_aniso_diffraction_limit_axis_1_ortho[1]   ? 
_reflns.pdbx_aniso_diffraction_limit_axis_1_ortho[2]   ? 
_reflns.pdbx_aniso_diffraction_limit_axis_1_ortho[3]   ? 
_reflns.pdbx_aniso_diffraction_limit_axis_2_ortho[1]   ? 
_reflns.pdbx_aniso_diffraction_limit_axis_2_ortho[2]   ? 
_reflns.pdbx_aniso_diffraction_limit_axis_2_ortho[3]   ? 
_reflns.pdbx_aniso_diffraction_limit_axis_3_ortho[1]   ? 
_reflns.pdbx_aniso_diffraction_limit_axis_3_ortho[2]   ? 
_reflns.pdbx_aniso_diffraction_limit_axis_3_ortho[3]   ? 
_reflns.pdbx_aniso_diffraction_limit_1                 ? 
_reflns.pdbx_aniso_diffraction_limit_2                 ? 
_reflns.pdbx_aniso_diffraction_limit_3                 ? 
_reflns.pdbx_aniso_B_tensor_eigenvector_1_ortho[1]     ? 
_reflns.pdbx_aniso_B_tensor_eigenvector_1_ortho[2]     ? 
_reflns.pdbx_aniso_B_tensor_eigenvector_1_ortho[3]     ? 
_reflns.pdbx_aniso_B_tensor_eigenvector_2_ortho[1]     ? 
_reflns.pdbx_aniso_B_tensor_eigenvector_2_ortho[2]     ? 
_reflns.pdbx_aniso_B_tensor_eigenvector_2_ortho[3]     ? 
_reflns.pdbx_aniso_B_tensor_eigenvector_3_ortho[1]     ? 
_reflns.pdbx_aniso_B_tensor_eigenvector_3_ortho[2]     ? 
_reflns.pdbx_aniso_B_tensor_eigenvector_3_ortho[3]     ? 
_reflns.pdbx_aniso_B_tensor_eigenvalue_1               ? 
_reflns.pdbx_aniso_B_tensor_eigenvalue_2               ? 
_reflns.pdbx_aniso_B_tensor_eigenvalue_3               ? 
_reflns.pdbx_orthogonalization_convention              ? 
_reflns.pdbx_percent_possible_ellipsoidal              ? 
_reflns.pdbx_percent_possible_spherical                ? 
_reflns.pdbx_percent_possible_ellipsoidal_anomalous    ? 
_reflns.pdbx_percent_possible_spherical_anomalous      ? 
_reflns.pdbx_redundancy_anomalous                      ? 
_reflns.pdbx_CC_half_anomalous                         ? 
_reflns.pdbx_absDiff_over_sigma_anomalous              ? 
_reflns.pdbx_percent_possible_anomalous                ? 
_reflns.pdbx_observed_signal_threshold                 ? 
_reflns.pdbx_signal_type                               ? 
_reflns.pdbx_signal_details                            ? 
_reflns.pdbx_signal_software_id                        ? 
# 
loop_
_reflns_shell.d_res_high 
_reflns_shell.d_res_low 
_reflns_shell.meanI_over_sigI_all 
_reflns_shell.meanI_over_sigI_obs 
_reflns_shell.number_measured_all 
_reflns_shell.number_measured_obs 
_reflns_shell.number_possible 
_reflns_shell.number_unique_all 
_reflns_shell.number_unique_obs 
_reflns_shell.percent_possible_all 
_reflns_shell.percent_possible_obs 
_reflns_shell.Rmerge_F_all 
_reflns_shell.Rmerge_F_obs 
_reflns_shell.Rmerge_I_all 
_reflns_shell.Rmerge_I_obs 
_reflns_shell.meanI_over_sigI_gt 
_reflns_shell.meanI_over_uI_all 
_reflns_shell.meanI_over_uI_gt 
_reflns_shell.number_measured_gt 
_reflns_shell.number_unique_gt 
_reflns_shell.percent_possible_gt 
_reflns_shell.Rmerge_F_gt 
_reflns_shell.Rmerge_I_gt 
_reflns_shell.pdbx_redundancy 
_reflns_shell.pdbx_Rsym_value 
_reflns_shell.pdbx_chi_squared 
_reflns_shell.pdbx_netI_over_sigmaI_all 
_reflns_shell.pdbx_netI_over_sigmaI_obs 
_reflns_shell.pdbx_Rrim_I_all 
_reflns_shell.pdbx_Rpim_I_all 
_reflns_shell.pdbx_rejects 
_reflns_shell.pdbx_ordinal 
_reflns_shell.pdbx_diffrn_id 
_reflns_shell.pdbx_CC_half 
_reflns_shell.pdbx_CC_star 
_reflns_shell.pdbx_R_split 
_reflns_shell.pdbx_percent_possible_ellipsoidal 
_reflns_shell.pdbx_percent_possible_spherical 
_reflns_shell.pdbx_percent_possible_ellipsoidal_anomalous 
_reflns_shell.pdbx_percent_possible_spherical_anomalous 
_reflns_shell.pdbx_redundancy_anomalous 
_reflns_shell.pdbx_CC_half_anomalous 
_reflns_shell.pdbx_absDiff_over_sigma_anomalous 
_reflns_shell.pdbx_percent_possible_anomalous 
5.86 39.56 ? ? ? ? ? ? 430  ? ? ? ? ? 0.038 ? ? ? ? ? ? ? ? 11.2 ? ? ? ? 0.042 0.016 ? 1 1 0.998 ? ? ? ? ? ? ? ? ? ? 
1.07 1.09  ? ? ? ? ? ? 2600 ? ? ? ? ? 3.145 ? ? ? ? ? ? ? ? 8.2  ? ? ? ? 3.562 1.621 ? 2 1 0.300 ? ? ? ? ? ? ? ? ? ? 
# 
_refine.aniso_B[1][1]                            0.900 
_refine.aniso_B[1][2]                            0.000 
_refine.aniso_B[1][3]                            -0.000 
_refine.aniso_B[2][2]                            -0.861 
_refine.aniso_B[2][3]                            0.000 
_refine.aniso_B[3][3]                            -0.039 
_refine.B_iso_max                                ? 
_refine.B_iso_mean                               17.740 
_refine.B_iso_min                                ? 
_refine.correlation_coeff_Fo_to_Fc               0.967 
_refine.correlation_coeff_Fo_to_Fc_free          0.956 
_refine.details                                  'Hydrogens have been added in their riding positions' 
_refine.diff_density_max                         ? 
_refine.diff_density_max_esd                     ? 
_refine.diff_density_min                         ? 
_refine.diff_density_min_esd                     ? 
_refine.diff_density_rms                         ? 
_refine.diff_density_rms_esd                     ? 
_refine.entry_id                                 7ZAD 
_refine.pdbx_refine_id                           'X-RAY DIFFRACTION' 
_refine.ls_abs_structure_details                 ? 
_refine.ls_abs_structure_Flack                   ? 
_refine.ls_abs_structure_Flack_esd               ? 
_refine.ls_abs_structure_Rogers                  ? 
_refine.ls_abs_structure_Rogers_esd              ? 
_refine.ls_d_res_high                            1.070 
_refine.ls_d_res_low                             39.56 
_refine.ls_extinction_coef                       ? 
_refine.ls_extinction_coef_esd                   ? 
_refine.ls_extinction_expression                 ? 
_refine.ls_extinction_method                     ? 
_refine.ls_goodness_of_fit_all                   ? 
_refine.ls_goodness_of_fit_all_esd               ? 
_refine.ls_goodness_of_fit_obs                   ? 
_refine.ls_goodness_of_fit_obs_esd               ? 
_refine.ls_hydrogen_treatment                    ? 
_refine.ls_matrix_type                           ? 
_refine.ls_number_constraints                    ? 
_refine.ls_number_parameters                     ? 
_refine.ls_number_reflns_all                     ? 
_refine.ls_number_reflns_obs                     56992 
_refine.ls_number_reflns_R_free                  2802 
_refine.ls_number_reflns_R_work                  54190 
_refine.ls_number_restraints                     ? 
_refine.ls_percent_reflns_obs                    98.259 
_refine.ls_percent_reflns_R_free                 4.916 
_refine.ls_R_factor_all                          0.204 
_refine.ls_R_factor_obs                          ? 
_refine.ls_R_factor_R_free                       0.2300 
_refine.ls_R_factor_R_free_error                 ? 
_refine.ls_R_factor_R_free_error_details         ? 
_refine.ls_R_factor_R_work                       0.2028 
_refine.ls_R_Fsqd_factor_obs                     ? 
_refine.ls_R_I_factor_obs                        ? 
_refine.ls_redundancy_reflns_all                 ? 
_refine.ls_redundancy_reflns_obs                 ? 
_refine.ls_restrained_S_all                      ? 
_refine.ls_restrained_S_obs                      ? 
_refine.ls_shift_over_esd_max                    ? 
_refine.ls_shift_over_esd_mean                   ? 
_refine.ls_structure_factor_coef                 ? 
_refine.ls_weighting_details                     ? 
_refine.ls_weighting_scheme                      ? 
_refine.ls_wR_factor_all                         ? 
_refine.ls_wR_factor_obs                         ? 
_refine.ls_wR_factor_R_free                      ? 
_refine.ls_wR_factor_R_work                      ? 
_refine.occupancy_max                            ? 
_refine.occupancy_min                            ? 
_refine.solvent_model_details                    'MASK BULK SOLVENT' 
_refine.solvent_model_param_bsol                 ? 
_refine.solvent_model_param_ksol                 ? 
_refine.pdbx_R_complete                          ? 
_refine.ls_R_factor_gt                           ? 
_refine.ls_goodness_of_fit_gt                    ? 
_refine.ls_goodness_of_fit_ref                   ? 
_refine.ls_shift_over_su_max                     ? 
_refine.ls_shift_over_su_max_lt                  ? 
_refine.ls_shift_over_su_mean                    ? 
_refine.ls_shift_over_su_mean_lt                 ? 
_refine.pdbx_ls_sigma_I                          ? 
_refine.pdbx_ls_sigma_F                          ? 
_refine.pdbx_ls_sigma_Fsqd                       ? 
_refine.pdbx_data_cutoff_high_absF               ? 
_refine.pdbx_data_cutoff_high_rms_absF           ? 
_refine.pdbx_data_cutoff_low_absF                ? 
_refine.pdbx_isotropic_thermal_model             ? 
_refine.pdbx_ls_cross_valid_method               'FREE R-VALUE' 
_refine.pdbx_method_to_determine_struct          'MOLECULAR REPLACEMENT' 
_refine.pdbx_starting_model                      5LRQ 
_refine.pdbx_stereochemistry_target_values       ? 
_refine.pdbx_R_Free_selection_details            ? 
_refine.pdbx_stereochem_target_val_spec_case     ? 
_refine.pdbx_overall_ESU_R                       0.036 
_refine.pdbx_overall_ESU_R_Free                  0.039 
_refine.pdbx_solvent_vdw_probe_radii             1.200 
_refine.pdbx_solvent_ion_probe_radii             0.800 
_refine.pdbx_solvent_shrinkage_radii             0.800 
_refine.pdbx_real_space_R                        ? 
_refine.pdbx_density_correlation                 ? 
_refine.pdbx_pd_number_of_powder_patterns        ? 
_refine.pdbx_pd_number_of_points                 ? 
_refine.pdbx_pd_meas_number_of_points            ? 
_refine.pdbx_pd_proc_ls_prof_R_factor            ? 
_refine.pdbx_pd_proc_ls_prof_wR_factor           ? 
_refine.pdbx_pd_Marquardt_correlation_coeff      ? 
_refine.pdbx_pd_Fsqrd_R_factor                   ? 
_refine.pdbx_pd_ls_matrix_band_width             ? 
_refine.pdbx_overall_phase_error                 ? 
_refine.pdbx_overall_SU_R_free_Cruickshank_DPI   ? 
_refine.pdbx_overall_SU_R_free_Blow_DPI          ? 
_refine.pdbx_overall_SU_R_Blow_DPI               ? 
_refine.pdbx_TLS_residual_ADP_flag               ? 
_refine.pdbx_diffrn_id                           1 
_refine.overall_SU_B                             0.646 
_refine.overall_SU_ML                            0.031 
_refine.overall_SU_R_Cruickshank_DPI             ? 
_refine.overall_SU_R_free                        ? 
_refine.overall_FOM_free_R_set                   ? 
_refine.overall_FOM_work_R_set                   ? 
_refine.pdbx_average_fsc_overall                 ? 
_refine.pdbx_average_fsc_work                    ? 
_refine.pdbx_average_fsc_free                    ? 
# 
_refine_hist.pdbx_refine_id                   'X-RAY DIFFRACTION' 
_refine_hist.cycle_id                         LAST 
_refine_hist.details                          ? 
_refine_hist.d_res_high                       1.070 
_refine_hist.d_res_low                        39.56 
_refine_hist.number_atoms_solvent             177 
_refine_hist.number_atoms_total               1275 
_refine_hist.number_reflns_all                ? 
_refine_hist.number_reflns_obs                ? 
_refine_hist.number_reflns_R_free             ? 
_refine_hist.number_reflns_R_work             ? 
_refine_hist.R_factor_all                     ? 
_refine_hist.R_factor_obs                     ? 
_refine_hist.R_factor_R_free                  ? 
_refine_hist.R_factor_R_work                  ? 
_refine_hist.pdbx_number_residues_total       ? 
_refine_hist.pdbx_B_iso_mean_ligand           ? 
_refine_hist.pdbx_B_iso_mean_solvent          ? 
_refine_hist.pdbx_number_atoms_protein        1076 
_refine_hist.pdbx_number_atoms_nucleic_acid   0 
_refine_hist.pdbx_number_atoms_ligand         22 
_refine_hist.pdbx_number_atoms_lipid          ? 
_refine_hist.pdbx_number_atoms_carb           ? 
_refine_hist.pdbx_pseudo_atom_details         ? 
# 
loop_
_refine_ls_restr.pdbx_refine_id 
_refine_ls_restr.criterion 
_refine_ls_restr.dev_ideal 
_refine_ls_restr.dev_ideal_target 
_refine_ls_restr.number 
_refine_ls_restr.rejects 
_refine_ls_restr.type 
_refine_ls_restr.weight 
_refine_ls_restr.pdbx_restraint_function 
'X-RAY DIFFRACTION' ? 0.013  0.012  1166 ? r_bond_refined_d               ? ? 
'X-RAY DIFFRACTION' ? 1.951  1.653  1591 ? r_angle_refined_deg            ? ? 
'X-RAY DIFFRACTION' ? 6.449  5.000  138  ? r_dihedral_angle_1_deg         ? ? 
'X-RAY DIFFRACTION' ? 37.381 25.085 59   ? r_dihedral_angle_2_deg         ? ? 
'X-RAY DIFFRACTION' ? 12.518 15.000 205  ? r_dihedral_angle_3_deg         ? ? 
'X-RAY DIFFRACTION' ? 26.659 15.000 3    ? r_dihedral_angle_4_deg         ? ? 
'X-RAY DIFFRACTION' ? 0.109  0.200  148  ? r_chiral_restr                 ? ? 
'X-RAY DIFFRACTION' ? 0.013  0.020  911  ? r_gen_planes_refined           ? ? 
'X-RAY DIFFRACTION' ? 0.240  0.200  578  ? r_nbd_refined                  ? ? 
'X-RAY DIFFRACTION' ? 0.325  0.200  798  ? r_nbtor_refined                ? ? 
'X-RAY DIFFRACTION' ? 0.252  0.200  118  ? r_xyhbond_nbd_refined          ? ? 
'X-RAY DIFFRACTION' ? 0.215  0.200  50   ? r_symmetry_nbd_refined         ? ? 
'X-RAY DIFFRACTION' ? 0.210  0.200  28   ? r_symmetry_xyhbond_nbd_refined ? ? 
'X-RAY DIFFRACTION' ? 1.386  1.382  537  ? r_mcbond_it                    ? ? 
'X-RAY DIFFRACTION' ? 1.999  2.080  677  ? r_mcangle_it                   ? ? 
'X-RAY DIFFRACTION' ? 4.617  1.680  629  ? r_scbond_it                    ? ? 
'X-RAY DIFFRACTION' ? 5.016  2.432  913  ? r_scangle_it                   ? ? 
'X-RAY DIFFRACTION' ? 6.148  21.233 1904 ? r_lrange_it                    ? ? 
# 
loop_
_refine_ls_shell.pdbx_refine_id 
_refine_ls_shell.d_res_high 
_refine_ls_shell.d_res_low 
_refine_ls_shell.number_reflns_all 
_refine_ls_shell.number_reflns_obs 
_refine_ls_shell.number_reflns_R_free 
_refine_ls_shell.number_reflns_R_work 
_refine_ls_shell.percent_reflns_obs 
_refine_ls_shell.percent_reflns_R_free 
_refine_ls_shell.R_factor_all 
_refine_ls_shell.R_factor_obs 
_refine_ls_shell.R_factor_R_free 
_refine_ls_shell.R_factor_R_free_error 
_refine_ls_shell.R_factor_R_work 
_refine_ls_shell.redundancy_reflns_all 
_refine_ls_shell.redundancy_reflns_obs 
_refine_ls_shell.wR_factor_all 
_refine_ls_shell.wR_factor_obs 
_refine_ls_shell.wR_factor_R_free 
_refine_ls_shell.wR_factor_R_work 
_refine_ls_shell.pdbx_R_complete 
_refine_ls_shell.pdbx_total_number_of_bins_used 
_refine_ls_shell.pdbx_phase_error 
_refine_ls_shell.pdbx_fsc_work 
_refine_ls_shell.pdbx_fsc_free 
'X-RAY DIFFRACTION' 1.070 1.098 . . 215 3695 92.1952  . . . 0.341 . 0.345 . . . . . . . . . . . 
'X-RAY DIFFRACTION' 1.098 1.128 . . 173 3728 94.8687  . . . 0.324 . 0.305 . . . . . . . . . . . 
'X-RAY DIFFRACTION' 1.128 1.161 . . 198 3685 96.5920  . . . 0.269 . 0.279 . . . . . . . . . . . 
'X-RAY DIFFRACTION' 1.161 1.196 . . 202 3634 98.1325  . . . 0.266 . 0.256 . . . . . . . . . . . 
'X-RAY DIFFRACTION' 1.196 1.235 . . 161 3553 98.4624  . . . 0.236 . 0.240 . . . . . . . . . . . 
'X-RAY DIFFRACTION' 1.235 1.279 . . 191 3431 98.8537  . . . 0.242 . 0.233 . . . . . . . . . . . 
'X-RAY DIFFRACTION' 1.279 1.327 . . 143 3358 99.0662  . . . 0.230 . 0.221 . . . . . . . . . . . 
'X-RAY DIFFRACTION' 1.327 1.381 . . 163 3225 99.1513  . . . 0.219 . 0.208 . . . . . . . . . . . 
'X-RAY DIFFRACTION' 1.381 1.443 . . 171 3068 98.8404  . . . 0.225 . 0.200 . . . . . . . . . . . 
'X-RAY DIFFRACTION' 1.443 1.513 . . 163 2974 99.6189  . . . 0.222 . 0.196 . . . . . . . . . . . 
'X-RAY DIFFRACTION' 1.513 1.595 . . 134 2855 99.6001  . . . 0.237 . 0.184 . . . . . . . . . . . 
'X-RAY DIFFRACTION' 1.595 1.692 . . 144 2663 99.6450  . . . 0.210 . 0.185 . . . . . . . . . . . 
'X-RAY DIFFRACTION' 1.692 1.808 . . 128 2563 99.8145  . . . 0.224 . 0.188 . . . . . . . . . . . 
'X-RAY DIFFRACTION' 1.808 1.953 . . 128 2360 100.0000 . . . 0.223 . 0.197 . . . . . . . . . . . 
'X-RAY DIFFRACTION' 1.953 2.139 . . 114 2196 99.9567  . . . 0.250 . 0.204 . . . . . . . . . . . 
'X-RAY DIFFRACTION' 2.139 2.392 . . 99  2003 100.0000 . . . 0.206 . 0.190 . . . . . . . . . . . 
'X-RAY DIFFRACTION' 2.392 2.761 . . 94  1761 100.0000 . . . 0.239 . 0.200 . . . . . . . . . . . 
'X-RAY DIFFRACTION' 2.761 3.381 . . 70  1540 100.0000 . . . 0.201 . 0.190 . . . . . . . . . . . 
'X-RAY DIFFRACTION' 3.381 4.777 . . 73  1192 100.0000 . . . 0.204 . 0.163 . . . . . . . . . . . 
'X-RAY DIFFRACTION' 4.777 39.56 . . 38  706  99.8658  . . . 0.282 . 0.252 . . . . . . . . . . . 
# 
_struct.entry_id                     7ZAD 
_struct.title                        'BRD4 in complex with FragLite12' 
_struct.pdbx_model_details           ? 
_struct.pdbx_formula_weight          ? 
_struct.pdbx_formula_weight_method   ? 
_struct.pdbx_model_type_details      ? 
_struct.pdbx_CASP_flag               N 
# 
_struct_keywords.entry_id        7ZAD 
_struct_keywords.text            'BRD4, INHIBITOR, FRAGMENT, BROMODOMAIN, FRAGLITE, TRANSCRIPTION' 
_struct_keywords.pdbx_keywords   TRANSCRIPTION 
# 
loop_
_struct_asym.id 
_struct_asym.pdbx_blank_PDB_chainid_flag 
_struct_asym.pdbx_modified 
_struct_asym.entity_id 
_struct_asym.details 
A N N 1 ? 
B N N 2 ? 
C N N 2 ? 
D N N 3 ? 
E N N 4 ? 
# 
_struct_ref.id                         1 
_struct_ref.db_name                    UNP 
_struct_ref.db_code                    BRD4-2_HUMAN 
_struct_ref.pdbx_db_accession          O60885-2 
_struct_ref.pdbx_db_isoform            ? 
_struct_ref.entity_id                  1 
_struct_ref.pdbx_seq_one_letter_code   
;NPPPPETSNPNKPKRQTNQLQYLLRVVLKTLWKHQFAWPFQQPVDAVKLNLPDYYKIIKTPMDMGTIKKRLENNYYWNAQ
ECIQDFNTMFTNCYIYNKPGDDIVLMAEALEKLFLQKINELPTEE
;
_struct_ref.pdbx_align_begin           44 
# 
_struct_ref_seq.align_id                      1 
_struct_ref_seq.ref_id                        1 
_struct_ref_seq.pdbx_PDB_id_code              7ZAD 
_struct_ref_seq.pdbx_strand_id                AAA 
_struct_ref_seq.seq_align_beg                 5 
_struct_ref_seq.pdbx_seq_align_beg_ins_code   ? 
_struct_ref_seq.seq_align_end                 129 
_struct_ref_seq.pdbx_seq_align_end_ins_code   ? 
_struct_ref_seq.pdbx_db_accession             O60885-2 
_struct_ref_seq.db_align_beg                  44 
_struct_ref_seq.pdbx_db_align_beg_ins_code    ? 
_struct_ref_seq.db_align_end                  168 
_struct_ref_seq.pdbx_db_align_end_ins_code    ? 
_struct_ref_seq.pdbx_auth_seq_align_beg       44 
_struct_ref_seq.pdbx_auth_seq_align_end       168 
# 
loop_
_struct_ref_seq_dif.align_id 
_struct_ref_seq_dif.pdbx_pdb_id_code 
_struct_ref_seq_dif.mon_id 
_struct_ref_seq_dif.pdbx_pdb_strand_id 
_struct_ref_seq_dif.seq_num 
_struct_ref_seq_dif.pdbx_pdb_ins_code 
_struct_ref_seq_dif.pdbx_seq_db_name 
_struct_ref_seq_dif.pdbx_seq_db_accession_code 
_struct_ref_seq_dif.db_mon_id 
_struct_ref_seq_dif.pdbx_seq_db_seq_num 
_struct_ref_seq_dif.details 
_struct_ref_seq_dif.pdbx_auth_seq_num 
_struct_ref_seq_dif.pdbx_ordinal 
1 7ZAD GLY AAA 1 ? UNP O60885-2 ? ? 'expression tag' 40 1 
1 7ZAD SER AAA 2 ? UNP O60885-2 ? ? 'expression tag' 41 2 
1 7ZAD HIS AAA 3 ? UNP O60885-2 ? ? 'expression tag' 42 3 
1 7ZAD MET AAA 4 ? UNP O60885-2 ? ? 'expression tag' 43 4 
# 
_pdbx_struct_assembly.id                   1 
_pdbx_struct_assembly.details              author_defined_assembly 
_pdbx_struct_assembly.method_details       ? 
_pdbx_struct_assembly.oligomeric_details   monomeric 
_pdbx_struct_assembly.oligomeric_count     1 
# 
_pdbx_struct_assembly_gen.assembly_id       1 
_pdbx_struct_assembly_gen.oper_expression   1 
_pdbx_struct_assembly_gen.asym_id_list      A,B,C,D,E 
# 
_pdbx_struct_assembly_auth_evidence.id                     1 
_pdbx_struct_assembly_auth_evidence.assembly_id            1 
_pdbx_struct_assembly_auth_evidence.experimental_support   'gel filtration' 
_pdbx_struct_assembly_auth_evidence.details                ? 
# 
_pdbx_struct_oper_list.id                   1 
_pdbx_struct_oper_list.type                 'identity operation' 
_pdbx_struct_oper_list.name                 1_555 
_pdbx_struct_oper_list.symmetry_operation   x,y,z 
_pdbx_struct_oper_list.matrix[1][1]         1.0000000000 
_pdbx_struct_oper_list.matrix[1][2]         0.0000000000 
_pdbx_struct_oper_list.matrix[1][3]         0.0000000000 
_pdbx_struct_oper_list.vector[1]            0.0000000000 
_pdbx_struct_oper_list.matrix[2][1]         0.0000000000 
_pdbx_struct_oper_list.matrix[2][2]         1.0000000000 
_pdbx_struct_oper_list.matrix[2][3]         0.0000000000 
_pdbx_struct_oper_list.vector[2]            0.0000000000 
_pdbx_struct_oper_list.matrix[3][1]         0.0000000000 
_pdbx_struct_oper_list.matrix[3][2]         0.0000000000 
_pdbx_struct_oper_list.matrix[3][3]         1.0000000000 
_pdbx_struct_oper_list.vector[3]            0.0000000000 
# 
loop_
_struct_conf.conf_type_id 
_struct_conf.id 
_struct_conf.pdbx_PDB_helix_id 
_struct_conf.beg_label_comp_id 
_struct_conf.beg_label_asym_id 
_struct_conf.beg_label_seq_id 
_struct_conf.pdbx_beg_PDB_ins_code 
_struct_conf.end_label_comp_id 
_struct_conf.end_label_asym_id 
_struct_conf.end_label_seq_id 
_struct_conf.pdbx_end_PDB_ins_code 
_struct_conf.beg_auth_comp_id 
_struct_conf.beg_auth_asym_id 
_struct_conf.beg_auth_seq_id 
_struct_conf.end_auth_comp_id 
_struct_conf.end_auth_asym_id 
_struct_conf.end_auth_seq_id 
_struct_conf.pdbx_PDB_helix_class 
_struct_conf.details 
_struct_conf.pdbx_PDB_helix_length 
HELX_P HELX_P1 AA1 THR A 21  ? VAL A 30  ? THR AAA 60  VAL AAA 69  1 ? 10 
HELX_P HELX_P2 AA2 VAL A 30  ? LYS A 37  ? VAL AAA 69  LYS AAA 76  1 ? 8  
HELX_P HELX_P3 AA3 ALA A 41  ? GLN A 45  ? ALA AAA 80  GLN AAA 84  5 ? 5  
HELX_P HELX_P4 AA4 ASP A 57  ? ILE A 62  ? ASP AAA 96  ILE AAA 101 1 ? 6  
HELX_P HELX_P5 AA5 ASP A 67  ? ASN A 77  ? ASP AAA 106 ASN AAA 116 1 ? 11 
HELX_P HELX_P6 AA6 ASN A 82  ? ASN A 101 ? ASN AAA 121 ASN AAA 140 1 ? 20 
HELX_P HELX_P7 AA7 ASP A 105 ? GLU A 124 ? ASP AAA 144 GLU AAA 163 1 ? 20 
# 
_struct_conf_type.id          HELX_P 
_struct_conf_type.criteria    ? 
_struct_conf_type.reference   ? 
# 
loop_
_pdbx_validate_close_contact.id 
_pdbx_validate_close_contact.PDB_model_num 
_pdbx_validate_close_contact.auth_atom_id_1 
_pdbx_validate_close_contact.auth_asym_id_1 
_pdbx_validate_close_contact.auth_comp_id_1 
_pdbx_validate_close_contact.auth_seq_id_1 
_pdbx_validate_close_contact.PDB_ins_code_1 
_pdbx_validate_close_contact.label_alt_id_1 
_pdbx_validate_close_contact.auth_atom_id_2 
_pdbx_validate_close_contact.auth_asym_id_2 
_pdbx_validate_close_contact.auth_comp_id_2 
_pdbx_validate_close_contact.auth_seq_id_2 
_pdbx_validate_close_contact.PDB_ins_code_2 
_pdbx_validate_close_contact.label_alt_id_2 
_pdbx_validate_close_contact.dist 
1 1 OG  AAA SER 51  ? A O   AAA HOH 301 ? ? 1.63 
2 1 O   AAA HOH 341 ? ? O   AAA HOH 348 ? ? 1.66 
3 1 O   AAA HOH 339 ? ? O   AAA HOH 357 ? ? 1.69 
4 1 O3  AAA GOL 202 ? ? C3  AAA IJL 203 ? ? 2.02 
5 1 NE2 AAA GLN 59  ? ? OD1 AAA ASN 117 ? A 2.02 
6 1 O   AAA HOH 305 ? ? O   AAA HOH 436 ? ? 2.04 
7 1 NZ  AAA LYS 76  ? ? O   AAA HOH 302 ? ? 2.11 
8 1 O   AAA HOH 307 ? ? O   AAA HOH 395 ? ? 2.15 
9 1 OD1 AAA ASN 135 ? ? O3  AAA GOL 201 ? ? 2.16 
# 
loop_
_pdbx_validate_rmsd_bond.id 
_pdbx_validate_rmsd_bond.PDB_model_num 
_pdbx_validate_rmsd_bond.auth_atom_id_1 
_pdbx_validate_rmsd_bond.auth_asym_id_1 
_pdbx_validate_rmsd_bond.auth_comp_id_1 
_pdbx_validate_rmsd_bond.auth_seq_id_1 
_pdbx_validate_rmsd_bond.PDB_ins_code_1 
_pdbx_validate_rmsd_bond.label_alt_id_1 
_pdbx_validate_rmsd_bond.auth_atom_id_2 
_pdbx_validate_rmsd_bond.auth_asym_id_2 
_pdbx_validate_rmsd_bond.auth_comp_id_2 
_pdbx_validate_rmsd_bond.auth_seq_id_2 
_pdbx_validate_rmsd_bond.PDB_ins_code_2 
_pdbx_validate_rmsd_bond.label_alt_id_2 
_pdbx_validate_rmsd_bond.bond_value 
_pdbx_validate_rmsd_bond.bond_target_value 
_pdbx_validate_rmsd_bond.bond_deviation 
_pdbx_validate_rmsd_bond.bond_standard_deviation 
_pdbx_validate_rmsd_bond.linker_flag 
1 1 CD AAA GLU 115 ? ? OE1 AAA GLU 115 ? ? 1.173 1.252 -0.079 0.011 N 
2 1 CD AAA GLU 124 ? ? OE2 AAA GLU 124 ? ? 1.174 1.252 -0.078 0.011 N 
# 
loop_
_pdbx_validate_torsion.id 
_pdbx_validate_torsion.PDB_model_num 
_pdbx_validate_torsion.auth_comp_id 
_pdbx_validate_torsion.auth_asym_id 
_pdbx_validate_torsion.auth_seq_id 
_pdbx_validate_torsion.PDB_ins_code 
_pdbx_validate_torsion.label_alt_id 
_pdbx_validate_torsion.phi 
_pdbx_validate_torsion.psi 
1 1 ASN AAA 52  ? ? -168.34 104.10 
2 1 ASN AAA 117 ? A 45.78   72.77  
3 1 ASN AAA 117 ? B -21.70  100.80 
# 
_pdbx_validate_peptide_omega.id               1 
_pdbx_validate_peptide_omega.PDB_model_num    1 
_pdbx_validate_peptide_omega.auth_comp_id_1   ASN 
_pdbx_validate_peptide_omega.auth_asym_id_1   AAA 
_pdbx_validate_peptide_omega.auth_seq_id_1    116 
_pdbx_validate_peptide_omega.PDB_ins_code_1   ? 
_pdbx_validate_peptide_omega.label_alt_id_1   ? 
_pdbx_validate_peptide_omega.auth_comp_id_2   ASN 
_pdbx_validate_peptide_omega.auth_asym_id_2   AAA 
_pdbx_validate_peptide_omega.auth_seq_id_2    117 
_pdbx_validate_peptide_omega.PDB_ins_code_2   ? 
_pdbx_validate_peptide_omega.label_alt_id_2   B 
_pdbx_validate_peptide_omega.omega            -146.93 
# 
_pdbx_entry_details.entry_id                 7ZAD 
_pdbx_entry_details.has_ligand_of_interest   Y 
_pdbx_entry_details.compound_details         ? 
_pdbx_entry_details.source_details           ? 
_pdbx_entry_details.nonpolymer_details       ? 
_pdbx_entry_details.sequence_details         ? 
# 
loop_
_chem_comp_atom.comp_id 
_chem_comp_atom.atom_id 
_chem_comp_atom.type_symbol 
_chem_comp_atom.pdbx_aromatic_flag 
_chem_comp_atom.pdbx_stereo_config 
_chem_comp_atom.pdbx_ordinal 
ALA N    N N N 1   
ALA CA   C N S 2   
ALA C    C N N 3   
ALA O    O N N 4   
ALA CB   C N N 5   
ALA OXT  O N N 6   
ALA H    H N N 7   
ALA H2   H N N 8   
ALA HA   H N N 9   
ALA HB1  H N N 10  
ALA HB2  H N N 11  
ALA HB3  H N N 12  
ALA HXT  H N N 13  
ARG N    N N N 14  
ARG CA   C N S 15  
ARG C    C N N 16  
ARG O    O N N 17  
ARG CB   C N N 18  
ARG CG   C N N 19  
ARG CD   C N N 20  
ARG NE   N N N 21  
ARG CZ   C N N 22  
ARG NH1  N N N 23  
ARG NH2  N N N 24  
ARG OXT  O N N 25  
ARG H    H N N 26  
ARG H2   H N N 27  
ARG HA   H N N 28  
ARG HB2  H N N 29  
ARG HB3  H N N 30  
ARG HG2  H N N 31  
ARG HG3  H N N 32  
ARG HD2  H N N 33  
ARG HD3  H N N 34  
ARG HE   H N N 35  
ARG HH11 H N N 36  
ARG HH12 H N N 37  
ARG HH21 H N N 38  
ARG HH22 H N N 39  
ARG HXT  H N N 40  
ASN N    N N N 41  
ASN CA   C N S 42  
ASN C    C N N 43  
ASN O    O N N 44  
ASN CB   C N N 45  
ASN CG   C N N 46  
ASN OD1  O N N 47  
ASN ND2  N N N 48  
ASN OXT  O N N 49  
ASN H    H N N 50  
ASN H2   H N N 51  
ASN HA   H N N 52  
ASN HB2  H N N 53  
ASN HB3  H N N 54  
ASN HD21 H N N 55  
ASN HD22 H N N 56  
ASN HXT  H N N 57  
ASP N    N N N 58  
ASP CA   C N S 59  
ASP C    C N N 60  
ASP O    O N N 61  
ASP CB   C N N 62  
ASP CG   C N N 63  
ASP OD1  O N N 64  
ASP OD2  O N N 65  
ASP OXT  O N N 66  
ASP H    H N N 67  
ASP H2   H N N 68  
ASP HA   H N N 69  
ASP HB2  H N N 70  
ASP HB3  H N N 71  
ASP HD2  H N N 72  
ASP HXT  H N N 73  
CYS N    N N N 74  
CYS CA   C N R 75  
CYS C    C N N 76  
CYS O    O N N 77  
CYS CB   C N N 78  
CYS SG   S N N 79  
CYS OXT  O N N 80  
CYS H    H N N 81  
CYS H2   H N N 82  
CYS HA   H N N 83  
CYS HB2  H N N 84  
CYS HB3  H N N 85  
CYS HG   H N N 86  
CYS HXT  H N N 87  
GLN N    N N N 88  
GLN CA   C N S 89  
GLN C    C N N 90  
GLN O    O N N 91  
GLN CB   C N N 92  
GLN CG   C N N 93  
GLN CD   C N N 94  
GLN OE1  O N N 95  
GLN NE2  N N N 96  
GLN OXT  O N N 97  
GLN H    H N N 98  
GLN H2   H N N 99  
GLN HA   H N N 100 
GLN HB2  H N N 101 
GLN HB3  H N N 102 
GLN HG2  H N N 103 
GLN HG3  H N N 104 
GLN HE21 H N N 105 
GLN HE22 H N N 106 
GLN HXT  H N N 107 
GLU N    N N N 108 
GLU CA   C N S 109 
GLU C    C N N 110 
GLU O    O N N 111 
GLU CB   C N N 112 
GLU CG   C N N 113 
GLU CD   C N N 114 
GLU OE1  O N N 115 
GLU OE2  O N N 116 
GLU OXT  O N N 117 
GLU H    H N N 118 
GLU H2   H N N 119 
GLU HA   H N N 120 
GLU HB2  H N N 121 
GLU HB3  H N N 122 
GLU HG2  H N N 123 
GLU HG3  H N N 124 
GLU HE2  H N N 125 
GLU HXT  H N N 126 
GLY N    N N N 127 
GLY CA   C N N 128 
GLY C    C N N 129 
GLY O    O N N 130 
GLY OXT  O N N 131 
GLY H    H N N 132 
GLY H2   H N N 133 
GLY HA2  H N N 134 
GLY HA3  H N N 135 
GLY HXT  H N N 136 
GOL C1   C N N 137 
GOL O1   O N N 138 
GOL C2   C N N 139 
GOL O2   O N N 140 
GOL C3   C N N 141 
GOL O3   O N N 142 
GOL H11  H N N 143 
GOL H12  H N N 144 
GOL HO1  H N N 145 
GOL H2   H N N 146 
GOL HO2  H N N 147 
GOL H31  H N N 148 
GOL H32  H N N 149 
GOL HO3  H N N 150 
HIS N    N N N 151 
HIS CA   C N S 152 
HIS C    C N N 153 
HIS O    O N N 154 
HIS CB   C N N 155 
HIS CG   C Y N 156 
HIS ND1  N Y N 157 
HIS CD2  C Y N 158 
HIS CE1  C Y N 159 
HIS NE2  N Y N 160 
HIS OXT  O N N 161 
HIS H    H N N 162 
HIS H2   H N N 163 
HIS HA   H N N 164 
HIS HB2  H N N 165 
HIS HB3  H N N 166 
HIS HD1  H N N 167 
HIS HD2  H N N 168 
HIS HE1  H N N 169 
HIS HE2  H N N 170 
HIS HXT  H N N 171 
HOH O    O N N 172 
HOH H1   H N N 173 
HOH H2   H N N 174 
IJL C4   C Y N 175 
IJL C5   C Y N 176 
IJL C6   C Y N 177 
IJL C7   C Y N 178 
IJL N1   N N N 179 
IJL C3   C Y N 180 
IJL C1   C N N 181 
IJL O1   O N N 182 
IJL C2   C Y N 183 
IJL I1   I N N 184 
IJL H1   H N N 185 
IJL H2   H N N 186 
IJL H3   H N N 187 
IJL H4   H N N 188 
IJL H5   H N N 189 
IJL H6   H N N 190 
ILE N    N N N 191 
ILE CA   C N S 192 
ILE C    C N N 193 
ILE O    O N N 194 
ILE CB   C N S 195 
ILE CG1  C N N 196 
ILE CG2  C N N 197 
ILE CD1  C N N 198 
ILE OXT  O N N 199 
ILE H    H N N 200 
ILE H2   H N N 201 
ILE HA   H N N 202 
ILE HB   H N N 203 
ILE HG12 H N N 204 
ILE HG13 H N N 205 
ILE HG21 H N N 206 
ILE HG22 H N N 207 
ILE HG23 H N N 208 
ILE HD11 H N N 209 
ILE HD12 H N N 210 
ILE HD13 H N N 211 
ILE HXT  H N N 212 
LEU N    N N N 213 
LEU CA   C N S 214 
LEU C    C N N 215 
LEU O    O N N 216 
LEU CB   C N N 217 
LEU CG   C N N 218 
LEU CD1  C N N 219 
LEU CD2  C N N 220 
LEU OXT  O N N 221 
LEU H    H N N 222 
LEU H2   H N N 223 
LEU HA   H N N 224 
LEU HB2  H N N 225 
LEU HB3  H N N 226 
LEU HG   H N N 227 
LEU HD11 H N N 228 
LEU HD12 H N N 229 
LEU HD13 H N N 230 
LEU HD21 H N N 231 
LEU HD22 H N N 232 
LEU HD23 H N N 233 
LEU HXT  H N N 234 
LYS N    N N N 235 
LYS CA   C N S 236 
LYS C    C N N 237 
LYS O    O N N 238 
LYS CB   C N N 239 
LYS CG   C N N 240 
LYS CD   C N N 241 
LYS CE   C N N 242 
LYS NZ   N N N 243 
LYS OXT  O N N 244 
LYS H    H N N 245 
LYS H2   H N N 246 
LYS HA   H N N 247 
LYS HB2  H N N 248 
LYS HB3  H N N 249 
LYS HG2  H N N 250 
LYS HG3  H N N 251 
LYS HD2  H N N 252 
LYS HD3  H N N 253 
LYS HE2  H N N 254 
LYS HE3  H N N 255 
LYS HZ1  H N N 256 
LYS HZ2  H N N 257 
LYS HZ3  H N N 258 
LYS HXT  H N N 259 
MET N    N N N 260 
MET CA   C N S 261 
MET C    C N N 262 
MET O    O N N 263 
MET CB   C N N 264 
MET CG   C N N 265 
MET SD   S N N 266 
MET CE   C N N 267 
MET OXT  O N N 268 
MET H    H N N 269 
MET H2   H N N 270 
MET HA   H N N 271 
MET HB2  H N N 272 
MET HB3  H N N 273 
MET HG2  H N N 274 
MET HG3  H N N 275 
MET HE1  H N N 276 
MET HE2  H N N 277 
MET HE3  H N N 278 
MET HXT  H N N 279 
PHE N    N N N 280 
PHE CA   C N S 281 
PHE C    C N N 282 
PHE O    O N N 283 
PHE CB   C N N 284 
PHE CG   C Y N 285 
PHE CD1  C Y N 286 
PHE CD2  C Y N 287 
PHE CE1  C Y N 288 
PHE CE2  C Y N 289 
PHE CZ   C Y N 290 
PHE OXT  O N N 291 
PHE H    H N N 292 
PHE H2   H N N 293 
PHE HA   H N N 294 
PHE HB2  H N N 295 
PHE HB3  H N N 296 
PHE HD1  H N N 297 
PHE HD2  H N N 298 
PHE HE1  H N N 299 
PHE HE2  H N N 300 
PHE HZ   H N N 301 
PHE HXT  H N N 302 
PRO N    N N N 303 
PRO CA   C N S 304 
PRO C    C N N 305 
PRO O    O N N 306 
PRO CB   C N N 307 
PRO CG   C N N 308 
PRO CD   C N N 309 
PRO OXT  O N N 310 
PRO H    H N N 311 
PRO HA   H N N 312 
PRO HB2  H N N 313 
PRO HB3  H N N 314 
PRO HG2  H N N 315 
PRO HG3  H N N 316 
PRO HD2  H N N 317 
PRO HD3  H N N 318 
PRO HXT  H N N 319 
SER N    N N N 320 
SER CA   C N S 321 
SER C    C N N 322 
SER O    O N N 323 
SER CB   C N N 324 
SER OG   O N N 325 
SER OXT  O N N 326 
SER H    H N N 327 
SER H2   H N N 328 
SER HA   H N N 329 
SER HB2  H N N 330 
SER HB3  H N N 331 
SER HG   H N N 332 
SER HXT  H N N 333 
THR N    N N N 334 
THR CA   C N S 335 
THR C    C N N 336 
THR O    O N N 337 
THR CB   C N R 338 
THR OG1  O N N 339 
THR CG2  C N N 340 
THR OXT  O N N 341 
THR H    H N N 342 
THR H2   H N N 343 
THR HA   H N N 344 
THR HB   H N N 345 
THR HG1  H N N 346 
THR HG21 H N N 347 
THR HG22 H N N 348 
THR HG23 H N N 349 
THR HXT  H N N 350 
TRP N    N N N 351 
TRP CA   C N S 352 
TRP C    C N N 353 
TRP O    O N N 354 
TRP CB   C N N 355 
TRP CG   C Y N 356 
TRP CD1  C Y N 357 
TRP CD2  C Y N 358 
TRP NE1  N Y N 359 
TRP CE2  C Y N 360 
TRP CE3  C Y N 361 
TRP CZ2  C Y N 362 
TRP CZ3  C Y N 363 
TRP CH2  C Y N 364 
TRP OXT  O N N 365 
TRP H    H N N 366 
TRP H2   H N N 367 
TRP HA   H N N 368 
TRP HB2  H N N 369 
TRP HB3  H N N 370 
TRP HD1  H N N 371 
TRP HE1  H N N 372 
TRP HE3  H N N 373 
TRP HZ2  H N N 374 
TRP HZ3  H N N 375 
TRP HH2  H N N 376 
TRP HXT  H N N 377 
TYR N    N N N 378 
TYR CA   C N S 379 
TYR C    C N N 380 
TYR O    O N N 381 
TYR CB   C N N 382 
TYR CG   C Y N 383 
TYR CD1  C Y N 384 
TYR CD2  C Y N 385 
TYR CE1  C Y N 386 
TYR CE2  C Y N 387 
TYR CZ   C Y N 388 
TYR OH   O N N 389 
TYR OXT  O N N 390 
TYR H    H N N 391 
TYR H2   H N N 392 
TYR HA   H N N 393 
TYR HB2  H N N 394 
TYR HB3  H N N 395 
TYR HD1  H N N 396 
TYR HD2  H N N 397 
TYR HE1  H N N 398 
TYR HE2  H N N 399 
TYR HH   H N N 400 
TYR HXT  H N N 401 
VAL N    N N N 402 
VAL CA   C N S 403 
VAL C    C N N 404 
VAL O    O N N 405 
VAL CB   C N N 406 
VAL CG1  C N N 407 
VAL CG2  C N N 408 
VAL OXT  O N N 409 
VAL H    H N N 410 
VAL H2   H N N 411 
VAL HA   H N N 412 
VAL HB   H N N 413 
VAL HG11 H N N 414 
VAL HG12 H N N 415 
VAL HG13 H N N 416 
VAL HG21 H N N 417 
VAL HG22 H N N 418 
VAL HG23 H N N 419 
VAL HXT  H N N 420 
# 
loop_
_chem_comp_bond.comp_id 
_chem_comp_bond.atom_id_1 
_chem_comp_bond.atom_id_2 
_chem_comp_bond.value_order 
_chem_comp_bond.pdbx_aromatic_flag 
_chem_comp_bond.pdbx_stereo_config 
_chem_comp_bond.pdbx_ordinal 
ALA N   CA   sing N N 1   
ALA N   H    sing N N 2   
ALA N   H2   sing N N 3   
ALA CA  C    sing N N 4   
ALA CA  CB   sing N N 5   
ALA CA  HA   sing N N 6   
ALA C   O    doub N N 7   
ALA C   OXT  sing N N 8   
ALA CB  HB1  sing N N 9   
ALA CB  HB2  sing N N 10  
ALA CB  HB3  sing N N 11  
ALA OXT HXT  sing N N 12  
ARG N   CA   sing N N 13  
ARG N   H    sing N N 14  
ARG N   H2   sing N N 15  
ARG CA  C    sing N N 16  
ARG CA  CB   sing N N 17  
ARG CA  HA   sing N N 18  
ARG C   O    doub N N 19  
ARG C   OXT  sing N N 20  
ARG CB  CG   sing N N 21  
ARG CB  HB2  sing N N 22  
ARG CB  HB3  sing N N 23  
ARG CG  CD   sing N N 24  
ARG CG  HG2  sing N N 25  
ARG CG  HG3  sing N N 26  
ARG CD  NE   sing N N 27  
ARG CD  HD2  sing N N 28  
ARG CD  HD3  sing N N 29  
ARG NE  CZ   sing N N 30  
ARG NE  HE   sing N N 31  
ARG CZ  NH1  sing N N 32  
ARG CZ  NH2  doub N N 33  
ARG NH1 HH11 sing N N 34  
ARG NH1 HH12 sing N N 35  
ARG NH2 HH21 sing N N 36  
ARG NH2 HH22 sing N N 37  
ARG OXT HXT  sing N N 38  
ASN N   CA   sing N N 39  
ASN N   H    sing N N 40  
ASN N   H2   sing N N 41  
ASN CA  C    sing N N 42  
ASN CA  CB   sing N N 43  
ASN CA  HA   sing N N 44  
ASN C   O    doub N N 45  
ASN C   OXT  sing N N 46  
ASN CB  CG   sing N N 47  
ASN CB  HB2  sing N N 48  
ASN CB  HB3  sing N N 49  
ASN CG  OD1  doub N N 50  
ASN CG  ND2  sing N N 51  
ASN ND2 HD21 sing N N 52  
ASN ND2 HD22 sing N N 53  
ASN OXT HXT  sing N N 54  
ASP N   CA   sing N N 55  
ASP N   H    sing N N 56  
ASP N   H2   sing N N 57  
ASP CA  C    sing N N 58  
ASP CA  CB   sing N N 59  
ASP CA  HA   sing N N 60  
ASP C   O    doub N N 61  
ASP C   OXT  sing N N 62  
ASP CB  CG   sing N N 63  
ASP CB  HB2  sing N N 64  
ASP CB  HB3  sing N N 65  
ASP CG  OD1  doub N N 66  
ASP CG  OD2  sing N N 67  
ASP OD2 HD2  sing N N 68  
ASP OXT HXT  sing N N 69  
CYS N   CA   sing N N 70  
CYS N   H    sing N N 71  
CYS N   H2   sing N N 72  
CYS CA  C    sing N N 73  
CYS CA  CB   sing N N 74  
CYS CA  HA   sing N N 75  
CYS C   O    doub N N 76  
CYS C   OXT  sing N N 77  
CYS CB  SG   sing N N 78  
CYS CB  HB2  sing N N 79  
CYS CB  HB3  sing N N 80  
CYS SG  HG   sing N N 81  
CYS OXT HXT  sing N N 82  
GLN N   CA   sing N N 83  
GLN N   H    sing N N 84  
GLN N   H2   sing N N 85  
GLN CA  C    sing N N 86  
GLN CA  CB   sing N N 87  
GLN CA  HA   sing N N 88  
GLN C   O    doub N N 89  
GLN C   OXT  sing N N 90  
GLN CB  CG   sing N N 91  
GLN CB  HB2  sing N N 92  
GLN CB  HB3  sing N N 93  
GLN CG  CD   sing N N 94  
GLN CG  HG2  sing N N 95  
GLN CG  HG3  sing N N 96  
GLN CD  OE1  doub N N 97  
GLN CD  NE2  sing N N 98  
GLN NE2 HE21 sing N N 99  
GLN NE2 HE22 sing N N 100 
GLN OXT HXT  sing N N 101 
GLU N   CA   sing N N 102 
GLU N   H    sing N N 103 
GLU N   H2   sing N N 104 
GLU CA  C    sing N N 105 
GLU CA  CB   sing N N 106 
GLU CA  HA   sing N N 107 
GLU C   O    doub N N 108 
GLU C   OXT  sing N N 109 
GLU CB  CG   sing N N 110 
GLU CB  HB2  sing N N 111 
GLU CB  HB3  sing N N 112 
GLU CG  CD   sing N N 113 
GLU CG  HG2  sing N N 114 
GLU CG  HG3  sing N N 115 
GLU CD  OE1  doub N N 116 
GLU CD  OE2  sing N N 117 
GLU OE2 HE2  sing N N 118 
GLU OXT HXT  sing N N 119 
GLY N   CA   sing N N 120 
GLY N   H    sing N N 121 
GLY N   H2   sing N N 122 
GLY CA  C    sing N N 123 
GLY CA  HA2  sing N N 124 
GLY CA  HA3  sing N N 125 
GLY C   O    doub N N 126 
GLY C   OXT  sing N N 127 
GLY OXT HXT  sing N N 128 
GOL C1  O1   sing N N 129 
GOL C1  C2   sing N N 130 
GOL C1  H11  sing N N 131 
GOL C1  H12  sing N N 132 
GOL O1  HO1  sing N N 133 
GOL C2  O2   sing N N 134 
GOL C2  C3   sing N N 135 
GOL C2  H2   sing N N 136 
GOL O2  HO2  sing N N 137 
GOL C3  O3   sing N N 138 
GOL C3  H31  sing N N 139 
GOL C3  H32  sing N N 140 
GOL O3  HO3  sing N N 141 
HIS N   CA   sing N N 142 
HIS N   H    sing N N 143 
HIS N   H2   sing N N 144 
HIS CA  C    sing N N 145 
HIS CA  CB   sing N N 146 
HIS CA  HA   sing N N 147 
HIS C   O    doub N N 148 
HIS C   OXT  sing N N 149 
HIS CB  CG   sing N N 150 
HIS CB  HB2  sing N N 151 
HIS CB  HB3  sing N N 152 
HIS CG  ND1  sing Y N 153 
HIS CG  CD2  doub Y N 154 
HIS ND1 CE1  doub Y N 155 
HIS ND1 HD1  sing N N 156 
HIS CD2 NE2  sing Y N 157 
HIS CD2 HD2  sing N N 158 
HIS CE1 NE2  sing Y N 159 
HIS CE1 HE1  sing N N 160 
HIS NE2 HE2  sing N N 161 
HIS OXT HXT  sing N N 162 
HOH O   H1   sing N N 163 
HOH O   H2   sing N N 164 
IJL I1  C5   sing N N 165 
IJL C4  C5   doub Y N 166 
IJL C4  C3   sing Y N 167 
IJL C5  C6   sing Y N 168 
IJL C3  C2   doub Y N 169 
IJL C6  C7   doub Y N 170 
IJL C2  C7   sing Y N 171 
IJL C2  C1   sing N N 172 
IJL N1  C1   sing N N 173 
IJL C1  O1   doub N N 174 
IJL C4  H1   sing N N 175 
IJL C6  H2   sing N N 176 
IJL C7  H3   sing N N 177 
IJL N1  H4   sing N N 178 
IJL N1  H5   sing N N 179 
IJL C3  H6   sing N N 180 
ILE N   CA   sing N N 181 
ILE N   H    sing N N 182 
ILE N   H2   sing N N 183 
ILE CA  C    sing N N 184 
ILE CA  CB   sing N N 185 
ILE CA  HA   sing N N 186 
ILE C   O    doub N N 187 
ILE C   OXT  sing N N 188 
ILE CB  CG1  sing N N 189 
ILE CB  CG2  sing N N 190 
ILE CB  HB   sing N N 191 
ILE CG1 CD1  sing N N 192 
ILE CG1 HG12 sing N N 193 
ILE CG1 HG13 sing N N 194 
ILE CG2 HG21 sing N N 195 
ILE CG2 HG22 sing N N 196 
ILE CG2 HG23 sing N N 197 
ILE CD1 HD11 sing N N 198 
ILE CD1 HD12 sing N N 199 
ILE CD1 HD13 sing N N 200 
ILE OXT HXT  sing N N 201 
LEU N   CA   sing N N 202 
LEU N   H    sing N N 203 
LEU N   H2   sing N N 204 
LEU CA  C    sing N N 205 
LEU CA  CB   sing N N 206 
LEU CA  HA   sing N N 207 
LEU C   O    doub N N 208 
LEU C   OXT  sing N N 209 
LEU CB  CG   sing N N 210 
LEU CB  HB2  sing N N 211 
LEU CB  HB3  sing N N 212 
LEU CG  CD1  sing N N 213 
LEU CG  CD2  sing N N 214 
LEU CG  HG   sing N N 215 
LEU CD1 HD11 sing N N 216 
LEU CD1 HD12 sing N N 217 
LEU CD1 HD13 sing N N 218 
LEU CD2 HD21 sing N N 219 
LEU CD2 HD22 sing N N 220 
LEU CD2 HD23 sing N N 221 
LEU OXT HXT  sing N N 222 
LYS N   CA   sing N N 223 
LYS N   H    sing N N 224 
LYS N   H2   sing N N 225 
LYS CA  C    sing N N 226 
LYS CA  CB   sing N N 227 
LYS CA  HA   sing N N 228 
LYS C   O    doub N N 229 
LYS C   OXT  sing N N 230 
LYS CB  CG   sing N N 231 
LYS CB  HB2  sing N N 232 
LYS CB  HB3  sing N N 233 
LYS CG  CD   sing N N 234 
LYS CG  HG2  sing N N 235 
LYS CG  HG3  sing N N 236 
LYS CD  CE   sing N N 237 
LYS CD  HD2  sing N N 238 
LYS CD  HD3  sing N N 239 
LYS CE  NZ   sing N N 240 
LYS CE  HE2  sing N N 241 
LYS CE  HE3  sing N N 242 
LYS NZ  HZ1  sing N N 243 
LYS NZ  HZ2  sing N N 244 
LYS NZ  HZ3  sing N N 245 
LYS OXT HXT  sing N N 246 
MET N   CA   sing N N 247 
MET N   H    sing N N 248 
MET N   H2   sing N N 249 
MET CA  C    sing N N 250 
MET CA  CB   sing N N 251 
MET CA  HA   sing N N 252 
MET C   O    doub N N 253 
MET C   OXT  sing N N 254 
MET CB  CG   sing N N 255 
MET CB  HB2  sing N N 256 
MET CB  HB3  sing N N 257 
MET CG  SD   sing N N 258 
MET CG  HG2  sing N N 259 
MET CG  HG3  sing N N 260 
MET SD  CE   sing N N 261 
MET CE  HE1  sing N N 262 
MET CE  HE2  sing N N 263 
MET CE  HE3  sing N N 264 
MET OXT HXT  sing N N 265 
PHE N   CA   sing N N 266 
PHE N   H    sing N N 267 
PHE N   H2   sing N N 268 
PHE CA  C    sing N N 269 
PHE CA  CB   sing N N 270 
PHE CA  HA   sing N N 271 
PHE C   O    doub N N 272 
PHE C   OXT  sing N N 273 
PHE CB  CG   sing N N 274 
PHE CB  HB2  sing N N 275 
PHE CB  HB3  sing N N 276 
PHE CG  CD1  doub Y N 277 
PHE CG  CD2  sing Y N 278 
PHE CD1 CE1  sing Y N 279 
PHE CD1 HD1  sing N N 280 
PHE CD2 CE2  doub Y N 281 
PHE CD2 HD2  sing N N 282 
PHE CE1 CZ   doub Y N 283 
PHE CE1 HE1  sing N N 284 
PHE CE2 CZ   sing Y N 285 
PHE CE2 HE2  sing N N 286 
PHE CZ  HZ   sing N N 287 
PHE OXT HXT  sing N N 288 
PRO N   CA   sing N N 289 
PRO N   CD   sing N N 290 
PRO N   H    sing N N 291 
PRO CA  C    sing N N 292 
PRO CA  CB   sing N N 293 
PRO CA  HA   sing N N 294 
PRO C   O    doub N N 295 
PRO C   OXT  sing N N 296 
PRO CB  CG   sing N N 297 
PRO CB  HB2  sing N N 298 
PRO CB  HB3  sing N N 299 
PRO CG  CD   sing N N 300 
PRO CG  HG2  sing N N 301 
PRO CG  HG3  sing N N 302 
PRO CD  HD2  sing N N 303 
PRO CD  HD3  sing N N 304 
PRO OXT HXT  sing N N 305 
SER N   CA   sing N N 306 
SER N   H    sing N N 307 
SER N   H2   sing N N 308 
SER CA  C    sing N N 309 
SER CA  CB   sing N N 310 
SER CA  HA   sing N N 311 
SER C   O    doub N N 312 
SER C   OXT  sing N N 313 
SER CB  OG   sing N N 314 
SER CB  HB2  sing N N 315 
SER CB  HB3  sing N N 316 
SER OG  HG   sing N N 317 
SER OXT HXT  sing N N 318 
THR N   CA   sing N N 319 
THR N   H    sing N N 320 
THR N   H2   sing N N 321 
THR CA  C    sing N N 322 
THR CA  CB   sing N N 323 
THR CA  HA   sing N N 324 
THR C   O    doub N N 325 
THR C   OXT  sing N N 326 
THR CB  OG1  sing N N 327 
THR CB  CG2  sing N N 328 
THR CB  HB   sing N N 329 
THR OG1 HG1  sing N N 330 
THR CG2 HG21 sing N N 331 
THR CG2 HG22 sing N N 332 
THR CG2 HG23 sing N N 333 
THR OXT HXT  sing N N 334 
TRP N   CA   sing N N 335 
TRP N   H    sing N N 336 
TRP N   H2   sing N N 337 
TRP CA  C    sing N N 338 
TRP CA  CB   sing N N 339 
TRP CA  HA   sing N N 340 
TRP C   O    doub N N 341 
TRP C   OXT  sing N N 342 
TRP CB  CG   sing N N 343 
TRP CB  HB2  sing N N 344 
TRP CB  HB3  sing N N 345 
TRP CG  CD1  doub Y N 346 
TRP CG  CD2  sing Y N 347 
TRP CD1 NE1  sing Y N 348 
TRP CD1 HD1  sing N N 349 
TRP CD2 CE2  doub Y N 350 
TRP CD2 CE3  sing Y N 351 
TRP NE1 CE2  sing Y N 352 
TRP NE1 HE1  sing N N 353 
TRP CE2 CZ2  sing Y N 354 
TRP CE3 CZ3  doub Y N 355 
TRP CE3 HE3  sing N N 356 
TRP CZ2 CH2  doub Y N 357 
TRP CZ2 HZ2  sing N N 358 
TRP CZ3 CH2  sing Y N 359 
TRP CZ3 HZ3  sing N N 360 
TRP CH2 HH2  sing N N 361 
TRP OXT HXT  sing N N 362 
TYR N   CA   sing N N 363 
TYR N   H    sing N N 364 
TYR N   H2   sing N N 365 
TYR CA  C    sing N N 366 
TYR CA  CB   sing N N 367 
TYR CA  HA   sing N N 368 
TYR C   O    doub N N 369 
TYR C   OXT  sing N N 370 
TYR CB  CG   sing N N 371 
TYR CB  HB2  sing N N 372 
TYR CB  HB3  sing N N 373 
TYR CG  CD1  doub Y N 374 
TYR CG  CD2  sing Y N 375 
TYR CD1 CE1  sing Y N 376 
TYR CD1 HD1  sing N N 377 
TYR CD2 CE2  doub Y N 378 
TYR CD2 HD2  sing N N 379 
TYR CE1 CZ   doub Y N 380 
TYR CE1 HE1  sing N N 381 
TYR CE2 CZ   sing Y N 382 
TYR CE2 HE2  sing N N 383 
TYR CZ  OH   sing N N 384 
TYR OH  HH   sing N N 385 
TYR OXT HXT  sing N N 386 
VAL N   CA   sing N N 387 
VAL N   H    sing N N 388 
VAL N   H2   sing N N 389 
VAL CA  C    sing N N 390 
VAL CA  CB   sing N N 391 
VAL CA  HA   sing N N 392 
VAL C   O    doub N N 393 
VAL C   OXT  sing N N 394 
VAL CB  CG1  sing N N 395 
VAL CB  CG2  sing N N 396 
VAL CB  HB   sing N N 397 
VAL CG1 HG11 sing N N 398 
VAL CG1 HG12 sing N N 399 
VAL CG1 HG13 sing N N 400 
VAL CG2 HG21 sing N N 401 
VAL CG2 HG22 sing N N 402 
VAL CG2 HG23 sing N N 403 
VAL OXT HXT  sing N N 404 
# 
loop_
_pdbx_audit_support.funding_organization 
_pdbx_audit_support.country 
_pdbx_audit_support.grant_number 
_pdbx_audit_support.ordinal 
'Cancer Research UK' 'United Kingdom' C57659/A27310 1 
'Cancer Research UK' 'United Kingdom' C1362/A20263  2 
'Cancer Research UK' 'United Kingdom' C2215/A21421  3 
# 
_pdbx_entity_instance_feature.ordinal        1 
_pdbx_entity_instance_feature.comp_id        IJL 
_pdbx_entity_instance_feature.asym_id        ? 
_pdbx_entity_instance_feature.seq_num        ? 
_pdbx_entity_instance_feature.auth_comp_id   IJL 
_pdbx_entity_instance_feature.auth_asym_id   ? 
_pdbx_entity_instance_feature.auth_seq_num   ? 
_pdbx_entity_instance_feature.feature_type   'SUBJECT OF INVESTIGATION' 
_pdbx_entity_instance_feature.details        ? 
# 
_pdbx_initial_refinement_model.id               1 
_pdbx_initial_refinement_model.entity_id_list   ? 
_pdbx_initial_refinement_model.type             'experimental model' 
_pdbx_initial_refinement_model.source_name      PDB 
_pdbx_initial_refinement_model.accession_code   5LRQ 
_pdbx_initial_refinement_model.details          ? 
# 
_atom_sites.entry_id                    7ZAD 
_atom_sites.Cartn_transf_matrix[1][1]   ? 
_atom_sites.Cartn_transf_matrix[1][2]   ? 
_atom_sites.Cartn_transf_matrix[1][3]   ? 
_atom_sites.Cartn_transf_matrix[2][1]   ? 
_atom_sites.Cartn_transf_matrix[2][2]   ? 
_atom_sites.Cartn_transf_matrix[2][3]   ? 
_atom_sites.Cartn_transf_matrix[3][1]   ? 
_atom_sites.Cartn_transf_matrix[3][2]   ? 
_atom_sites.Cartn_transf_matrix[3][3]   ? 
_atom_sites.Cartn_transf_vector[1]      ? 
_atom_sites.Cartn_transf_vector[2]      ? 
_atom_sites.Cartn_transf_vector[3]      ? 
_atom_sites.fract_transf_matrix[1][1]   0.00412208 
_atom_sites.fract_transf_matrix[1][2]   0.02468774 
_atom_sites.fract_transf_matrix[1][3]   -0.00835450 
_atom_sites.fract_transf_matrix[2][1]   0.02291117 
_atom_sites.fract_transf_matrix[2][2]   -0.00341630 
_atom_sites.fract_transf_matrix[2][3]   0.00120904 
_atom_sites.fract_transf_matrix[3][1]   0.00002699 
_atom_sites.fract_transf_matrix[3][2]   -0.00405546 
_atom_sites.fract_transf_matrix[3][3]   -0.01197066 
_atom_sites.fract_transf_vector[1]      -0.316415 
_atom_sites.fract_transf_vector[2]      0.069607 
_atom_sites.fract_transf_vector[3]      -0.119918 
_atom_sites.solution_primary            ? 
_atom_sites.solution_secondary          ? 
_atom_sites.solution_hydrogens          ? 
_atom_sites.special_details             ? 
# 
loop_
_atom_type.symbol 
_atom_type.pdbx_scat_Z 
_atom_type.pdbx_N_electrons 
_atom_type.scat_Cromer_Mann_a1 
_atom_type.scat_Cromer_Mann_b1 
_atom_type.scat_Cromer_Mann_a2 
_atom_type.scat_Cromer_Mann_b2 
_atom_type.scat_Cromer_Mann_a3 
_atom_type.scat_Cromer_Mann_b3 
_atom_type.scat_Cromer_Mann_a4 
_atom_type.scat_Cromer_Mann_b4 
_atom_type.scat_Cromer_Mann_c 
C 6  6  2.310  20.844 1.020  10.208 1.589 0.569  0.865 51.651 0.216   
I 53 53 20.147 4.347  18.995 0.381  7.514 27.766 2.273 66.878 3.670   
N 7  7  12.222 0.006  3.135  9.893  2.014 28.997 1.167 0.583  -11.538 
O 8  8  3.049  13.277 2.287  5.701  1.546 0.324  0.867 32.909 0.251   
S 16 16 6.905  1.468  5.203  22.215 1.438 0.254  1.586 56.172 1.030   
# 
loop_
_atom_site.group_PDB 
_atom_site.id 
_atom_site.type_symbol 
_atom_site.label_atom_id 
_atom_site.label_alt_id 
_atom_site.label_comp_id 
_atom_site.label_asym_id 
_atom_site.label_entity_id 
_atom_site.label_seq_id 
_atom_site.pdbx_PDB_ins_code 
_atom_site.Cartn_x 
_atom_site.Cartn_y 
_atom_site.Cartn_z 
_atom_site.occupancy 
_atom_site.B_iso_or_equiv 
_atom_site.pdbx_formal_charge 
_atom_site.auth_seq_id 
_atom_site.auth_comp_id 
_atom_site.auth_asym_id 
_atom_site.auth_atom_id 
_atom_site.pdbx_PDB_model_num 
_atom_site.calc_flag 
ATOM   1    N N   . GLY A 1 1   ? -17.683 7.916   2.117   1.000 31.855  ? 40  GLY AAA N   1 ? 
ATOM   2    C CA  . GLY A 1 1   ? -18.105 7.324   0.839   1.000 24.365  ? 40  GLY AAA CA  1 ? 
ATOM   3    C C   . GLY A 1 1   ? -19.265 6.367   1.067   1.000 20.645  ? 40  GLY AAA C   1 ? 
ATOM   4    O O   . GLY A 1 1   ? -19.975 6.473   2.071   1.000 21.951  ? 40  GLY AAA O   1 ? 
ATOM   5    N N   . SER A 1 2   ? -19.422 5.423   0.140   1.000 21.169  ? 41  SER AAA N   1 ? 
ATOM   6    C CA  . SER A 1 2   ? -20.503 4.460   0.186   1.000 17.850  ? 41  SER AAA CA  1 ? 
ATOM   7    C C   . SER A 1 2   ? -20.427 3.530   1.388   1.000 15.793  ? 41  SER AAA C   1 ? 
ATOM   8    O O   . SER A 1 2   ? -19.369 2.917   1.649   1.000 15.790  ? 41  SER AAA O   1 ? 
ATOM   9    C CB  . SER A 1 2   ? -20.533 3.676   -1.067  1.000 18.640  ? 41  SER AAA CB  1 ? 
ATOM   10   O OG  . SER A 1 2   ? -21.533 2.682   -0.928  1.000 15.937  ? 41  SER AAA OG  1 ? 
ATOM   11   N N   . HIS A 1 3   ? -21.595 3.226   1.997   1.000 15.104  ? 42  HIS AAA N   1 ? 
ATOM   12   C CA  . HIS A 1 3   ? -21.743 2.164   2.961   1.000 14.789  ? 42  HIS AAA CA  1 ? 
ATOM   13   C C   . HIS A 1 3   ? -21.405 0.776   2.416   1.000 14.726  ? 42  HIS AAA C   1 ? 
ATOM   14   O O   . HIS A 1 3   ? -21.219 -0.191  3.153   1.000 18.179  ? 42  HIS AAA O   1 ? 
ATOM   15   C CB  . HIS A 1 3   ? -23.151 2.148   3.628   1.000 17.767  ? 42  HIS AAA CB  1 ? 
ATOM   16   C CG  . HIS A 1 3   ? -24.203 1.550   2.746   1.000 17.647  ? 42  HIS AAA CG  1 ? 
ATOM   17   N ND1 . HIS A 1 3   ? -24.615 2.177   1.607   1.000 17.336  ? 42  HIS AAA ND1 1 ? 
ATOM   18   C CD2 . HIS A 1 3   ? -24.930 0.417   2.830   1.000 21.669  ? 42  HIS AAA CD2 1 ? 
ATOM   19   C CE1 . HIS A 1 3   ? -25.574 1.457   1.013   1.000 20.083  ? 42  HIS AAA CE1 1 ? 
ATOM   20   N NE2 . HIS A 1 3   ? -25.734 0.361   1.730   1.000 20.157  ? 42  HIS AAA NE2 1 ? 
ATOM   21   N N   . MET A 1 4   ? -21.377 0.635   1.088   1.000 13.696  ? 43  MET AAA N   1 ? 
ATOM   22   C CA  . MET A 1 4   ? -21.080 -0.648  0.497   1.000 13.740  ? 43  MET AAA CA  1 ? 
ATOM   23   C C   . MET A 1 4   ? -19.579 -0.900  0.345   1.000 13.842  ? 43  MET AAA C   1 ? 
ATOM   24   O O   . MET A 1 4   ? -19.205 -2.019  -0.031  1.000 16.957  ? 43  MET AAA O   1 ? 
ATOM   25   C CB  . MET A 1 4   ? -21.778 -0.794  -0.844  1.000 15.934  ? 43  MET AAA CB  1 ? 
ATOM   26   C CG  . MET A 1 4   ? -23.287 -0.739  -0.666  1.000 15.998  ? 43  MET AAA CG  1 ? 
ATOM   27   S SD  . MET A 1 4   ? -24.232 -1.242  -2.067  1.000 20.659  ? 43  MET AAA SD  1 ? 
ATOM   28   C CE  . MET A 1 4   ? -23.174 -0.902  -3.451  1.000 25.184  ? 43  MET AAA CE  1 ? 
ATOM   29   N N   . ASN A 1 5   ? -18.739 0.104   0.598   1.000 12.502  ? 44  ASN AAA N   1 ? 
ATOM   30   C CA  . ASN A 1 5   ? -17.307 -0.134  0.681   1.000 12.597  ? 44  ASN AAA CA  1 ? 
ATOM   31   C C   . ASN A 1 5   ? -16.978 -0.360  2.141   1.000 14.113  ? 44  ASN AAA C   1 ? 
ATOM   32   O O   . ASN A 1 5   ? -17.607 0.245   3.029   1.000 15.413  ? 44  ASN AAA O   1 ? 
ATOM   33   C CB  . ASN A 1 5   ? -16.510 1.039   0.112   1.000 12.676  ? 44  ASN AAA CB  1 ? 
ATOM   34   C CG  . ASN A 1 5   ? -16.560 1.132   -1.390  1.000 12.841  ? 44  ASN AAA CG  1 ? 
ATOM   35   O OD1 . ASN A 1 5   ? -16.433 0.128   -2.076  1.000 13.865  ? 44  ASN AAA OD1 1 ? 
ATOM   36   N ND2 . ASN A 1 5   ? -16.774 2.319   -1.915  1.000 13.369  ? 44  ASN AAA ND2 1 ? 
ATOM   37   N N   . PRO A 1 6   ? -15.994 -1.194  2.471   1.000 13.070  ? 45  PRO AAA N   1 ? 
ATOM   38   C CA  . PRO A 1 6   ? -15.596 -1.354  3.854   1.000 13.636  ? 45  PRO AAA CA  1 ? 
ATOM   39   C C   . PRO A 1 6   ? -14.939 -0.084  4.349   1.000 14.155  ? 45  PRO AAA C   1 ? 
ATOM   40   O O   . PRO A 1 6   ? -14.401 0.724   3.591   1.000 14.380  ? 45  PRO AAA O   1 ? 
ATOM   41   C CB  . PRO A 1 6   ? -14.592 -2.523  3.829   1.000 14.069  ? 45  PRO AAA CB  1 ? 
ATOM   42   C CG  . PRO A 1 6   ? -13.973 -2.390  2.456   1.000 14.458  ? 45  PRO AAA CG  1 ? 
ATOM   43   C CD  . PRO A 1 6   ? -15.132 -1.990  1.573   1.000 13.656  ? 45  PRO AAA CD  1 ? 
ATOM   44   N N   . PRO A 1 7   ? -14.865 0.092   5.691   1.000 15.109  ? 46  PRO AAA N   1 ? 
ATOM   45   C CA  . PRO A 1 7   ? -14.016 1.133   6.229   1.000 15.881  ? 46  PRO AAA CA  1 ? 
ATOM   46   C C   . PRO A 1 7   ? -12.575 0.901   5.778   1.000 14.148  ? 46  PRO AAA C   1 ? 
ATOM   47   O O   . PRO A 1 7   ? -12.176 -0.225  5.562   1.000 14.804  ? 46  PRO AAA O   1 ? 
ATOM   48   C CB  . PRO A 1 7   ? -14.110 0.915   7.771   1.000 17.040  ? 46  PRO AAA CB  1 ? 
ATOM   49   C CG  . PRO A 1 7   ? -14.947 -0.267  8.013   1.000 23.121  ? 46  PRO AAA CG  1 ? 
ATOM   50   C CD  . PRO A 1 7   ? -15.396 -0.835  6.695   1.000 17.337  ? 46  PRO AAA CD  1 ? 
ATOM   51   N N   . PRO A 1 8   ? -11.785 1.952   5.586   1.000 15.903  ? 47  PRO AAA N   1 ? 
ATOM   52   C CA  . PRO A 1 8   ? -10.389 1.770   5.178   1.000 16.054  ? 47  PRO AAA CA  1 ? 
ATOM   53   C C   . PRO A 1 8   ? -9.541  1.129   6.267   1.000 13.890  ? 47  PRO AAA C   1 ? 
ATOM   54   O O   . PRO A 1 8   ? -9.987  1.021   7.422   1.000 16.336  ? 47  PRO AAA O   1 ? 
ATOM   55   C CB  . PRO A 1 8   ? -9.962  3.211   4.917   1.000 20.238  ? 47  PRO AAA CB  1 ? 
ATOM   56   C CG  . PRO A 1 8   ? -10.813 4.005   5.893   1.000 21.206  ? 47  PRO AAA CG  1 ? 
ATOM   57   C CD  . PRO A 1 8   ? -12.171 3.362   5.740   1.000 19.033  ? 47  PRO AAA CD  1 ? 
ATOM   58   N N   . PRO A 1 9   ? -8.343  0.630   5.973   1.000 13.440  ? 48  PRO AAA N   1 ? 
ATOM   59   C CA  . PRO A 1 9   ? -7.494  0.101   7.037   1.000 12.955  ? 48  PRO AAA CA  1 ? 
ATOM   60   C C   . PRO A 1 9   ? -7.207  1.197   8.060   1.000 14.570  ? 48  PRO AAA C   1 ? 
ATOM   61   O O   . PRO A 1 9   ? -7.173  2.350   7.701   1.000 14.711  ? 48  PRO AAA O   1 ? 
ATOM   62   C CB  . PRO A 1 9   ? -6.228  -0.384  6.301   1.000 12.902  ? 48  PRO AAA CB  1 ? 
ATOM   63   C CG  . PRO A 1 9   ? -6.705  -0.528  4.846   1.000 13.126  ? 48  PRO AAA CG  1 ? 
ATOM   64   C CD  . PRO A 1 9   ? -7.738  0.548   4.625   1.000 13.119  ? 48  PRO AAA CD  1 ? 
ATOM   65   N N   . GLU A 1 10  ? -6.962  0.720   9.304   1.000 15.158  ? 49  GLU AAA N   1 ? 
ATOM   66   C CA  . GLU A 1 10  ? -6.621  1.573   10.431  1.000 15.381  ? 49  GLU AAA CA  1 ? 
ATOM   67   C C   . GLU A 1 10  ? -5.420  2.469   10.079  1.000 15.089  ? 49  GLU AAA C   1 ? 
ATOM   68   O O   . GLU A 1 10  ? -4.388  1.956   9.633   1.000 14.406  ? 49  GLU AAA O   1 ? 
ATOM   69   C CB  . GLU A 1 10  ? -6.319  0.714   11.659  1.000 15.230  ? 49  GLU AAA CB  1 ? 
ATOM   70   C CG  . GLU A 1 10  ? -6.223  1.537   12.925  1.000 17.963  ? 49  GLU AAA CG  1 ? 
ATOM   71   C CD  . GLU A 1 10  ? -5.969  0.713   14.122  1.000 20.101  ? 49  GLU AAA CD  1 ? 
ATOM   72   O OE1 . GLU A 1 10  ? -6.883  0.585   14.993  1.000 22.715  ? 49  GLU AAA OE1 1 ? 
ATOM   73   O OE2 . GLU A 1 10  ? -4.883  0.235   14.187  1.000 18.484  ? 49  GLU AAA OE2 1 ? 
ATOM   74   N N   . THR A 1 11  ? -5.494  3.778   10.304  1.000 14.890  ? 50  THR AAA N   1 ? 
ATOM   75   C CA  . THR A 1 11  ? -4.361  4.694   10.168  1.000 15.453  ? 50  THR AAA CA  1 ? 
ATOM   76   C C   . THR A 1 11  ? -4.017  5.485   11.447  1.000 13.943  ? 50  THR AAA C   1 ? 
ATOM   77   O O   . THR A 1 11  ? -3.007  6.152   11.444  1.000 15.621  ? 50  THR AAA O   1 ? 
ATOM   78   C CB  . THR A 1 11  ? -4.524  5.676   9.009   1.000 15.576  ? 50  THR AAA CB  1 ? 
ATOM   79   O OG1 . THR A 1 11  ? -5.821  6.271   9.220   1.000 17.950  ? 50  THR AAA OG1 1 ? 
ATOM   80   C CG2 . THR A 1 11  ? -4.572  4.938   7.694   1.000 17.385  ? 50  THR AAA CG2 1 ? 
ATOM   81   N N   A SER A 1 12  ? -4.861  5.451   12.453  0.500 15.319  ? 51  SER AAA N   1 ? 
ATOM   82   N N   B SER A 1 12  ? -4.902  5.357   12.441  0.500 14.502  ? 51  SER AAA N   1 ? 
ATOM   83   C CA  A SER A 1 12  ? -4.583  6.196   13.671  0.500 15.556  ? 51  SER AAA CA  1 ? 
ATOM   84   C CA  B SER A 1 12  ? -4.865  6.072   13.708  0.500 14.918  ? 51  SER AAA CA  1 ? 
ATOM   85   C C   A SER A 1 12  ? -5.161  5.339   14.788  0.500 16.433  ? 51  SER AAA C   1 ? 
ATOM   86   C C   B SER A 1 12  ? -5.220  5.091   14.803  0.500 16.060  ? 51  SER AAA C   1 ? 
ATOM   87   O O   A SER A 1 12  ? -6.332  4.968   14.739  0.500 17.243  ? 51  SER AAA O   1 ? 
ATOM   88   O O   B SER A 1 12  ? -6.280  4.452   14.784  0.500 17.300  ? 51  SER AAA O   1 ? 
ATOM   89   C CB  A SER A 1 12  ? -5.289  7.551   13.593  0.500 16.609  ? 51  SER AAA CB  1 ? 
ATOM   90   C CB  B SER A 1 12  ? -5.867  7.211   13.712  0.500 14.899  ? 51  SER AAA CB  1 ? 
ATOM   91   O OG  A SER A 1 12  ? -4.467  8.546   13.030  0.500 21.331  ? 51  SER AAA OG  1 ? 
ATOM   92   O OG  B SER A 1 12  ? -5.653  8.018   14.870  0.500 13.823  ? 51  SER AAA OG  1 ? 
ATOM   93   N N   . ASN A 1 13  ? -4.349  5.046   15.812  1.000 14.871  ? 52  ASN AAA N   1 ? 
ATOM   94   C CA  . ASN A 1 13  ? -4.759  4.293   16.978  1.000 14.778  ? 52  ASN AAA CA  1 ? 
ATOM   95   C C   . ASN A 1 13  ? -3.767  4.618   18.085  1.000 12.442  ? 52  ASN AAA C   1 ? 
ATOM   96   O O   . ASN A 1 13  ? -2.655  4.048   18.102  1.000 12.943  ? 52  ASN AAA O   1 ? 
ATOM   97   C CB  . ASN A 1 13  ? -4.815  2.767   16.819  1.000 18.561  ? 52  ASN AAA CB  1 ? 
ATOM   98   C CG  . ASN A 1 13  ? -5.416  2.105   18.040  1.000 15.990  ? 52  ASN AAA CG  1 ? 
ATOM   99   O OD1 . ASN A 1 13  ? -5.369  2.605   19.153  1.000 19.125  ? 52  ASN AAA OD1 1 ? 
ATOM   100  N ND2 . ASN A 1 13  ? -6.006  0.939   17.825  1.000 23.295  ? 52  ASN AAA ND2 1 ? 
ATOM   101  N N   . PRO A 1 14  ? -4.115  5.448   19.075  1.000 11.690  ? 53  PRO AAA N   1 ? 
ATOM   102  C CA  . PRO A 1 14  ? -3.188  5.730   20.157  1.000 13.176  ? 53  PRO AAA CA  1 ? 
ATOM   103  C C   . PRO A 1 14  ? -2.710  4.556   20.981  1.000 13.376  ? 53  PRO AAA C   1 ? 
ATOM   104  O O   . PRO A 1 14  ? -1.706  4.693   21.653  1.000 16.731  ? 53  PRO AAA O   1 ? 
ATOM   105  C CB  . PRO A 1 14  ? -3.936  6.713   21.052  1.000 12.991  ? 53  PRO AAA CB  1 ? 
ATOM   106  C CG  . PRO A 1 14  ? -4.838  7.403   20.070  1.000 14.456  ? 53  PRO AAA CG  1 ? 
ATOM   107  C CD  . PRO A 1 14  ? -5.326  6.306   19.125  1.000 12.948  ? 53  PRO AAA CD  1 ? 
ATOM   108  N N   . ASN A 1 15  ? -3.434  3.448   20.970  1.000 14.018  ? 54  ASN AAA N   1 ? 
ATOM   109  C CA  . ASN A 1 15  ? -3.008  2.328   21.809  1.000 15.418  ? 54  ASN AAA CA  1 ? 
ATOM   110  C C   . ASN A 1 15  ? -1.846  1.568   21.185  1.000 14.792  ? 54  ASN AAA C   1 ? 
ATOM   111  O O   . ASN A 1 15  ? -1.274  0.707   21.859  1.000 17.393  ? 54  ASN AAA O   1 ? 
ATOM   112  C CB  . ASN A 1 15  ? -4.164  1.396   22.071  1.000 16.498  ? 54  ASN AAA CB  1 ? 
ATOM   113  C CG  . ASN A 1 15  ? -5.196  2.034   22.968  1.000 15.856  ? 54  ASN AAA CG  1 ? 
ATOM   114  O OD1 . ASN A 1 15  ? -4.861  2.733   23.932  1.000 19.340  ? 54  ASN AAA OD1 1 ? 
ATOM   115  N ND2 . ASN A 1 15  ? -6.454  1.808   22.609  1.000 21.211  ? 54  ASN AAA ND2 1 ? 
ATOM   116  N N   . LYS A 1 16  ? -1.636  1.713   19.876  1.000 14.081  ? 55  LYS AAA N   1 ? 
ATOM   117  C CA  . LYS A 1 16  ? -0.557  0.997   19.200  1.000 14.468  ? 55  LYS AAA CA  1 ? 
ATOM   118  C C   . LYS A 1 16  ? 0.756   1.747   19.386  1.000 14.605  ? 55  LYS AAA C   1 ? 
ATOM   119  O O   . LYS A 1 16  ? 0.884   2.894   19.017  1.000 14.598  ? 55  LYS AAA O   1 ? 
ATOM   120  C CB  . LYS A 1 16  ? -0.923  0.923   17.715  1.000 13.230  ? 55  LYS AAA CB  1 ? 
ATOM   121  C CG  . LYS A 1 16  ? 0.115   0.167   16.871  1.000 14.667  ? 55  LYS AAA CG  1 ? 
ATOM   122  C CD  . LYS A 1 16  ? -0.189  0.122   15.349  1.000 14.365  ? 55  LYS AAA CD  1 ? 
ATOM   123  C CE  . LYS A 1 16  ? 0.689   -0.768  14.469  1.000 15.030  ? 55  LYS AAA CE  1 ? 
ATOM   124  N NZ  . LYS A 1 16  ? 2.138   -0.413  14.529  1.000 11.961  ? 55  LYS AAA NZ  1 ? 
ATOM   125  N N   . PRO A 1 17  ? 1.824   1.124   19.963  1.000 16.331  ? 56  PRO AAA N   1 ? 
ATOM   126  C CA  . PRO A 1 17  ? 3.083   1.868   20.151  1.000 15.582  ? 56  PRO AAA CA  1 ? 
ATOM   127  C C   . PRO A 1 17  ? 3.764   2.223   18.824  1.000 15.304  ? 56  PRO AAA C   1 ? 
ATOM   128  O O   . PRO A 1 17  ? 3.593   1.447   17.898  1.000 14.174  ? 56  PRO AAA O   1 ? 
ATOM   129  C CB  . PRO A 1 17  ? 3.952   0.895   20.974  1.000 16.611  ? 56  PRO AAA CB  1 ? 
ATOM   130  C CG  . PRO A 1 17  ? 2.974   -0.033  21.613  1.000 21.591  ? 56  PRO AAA CG  1 ? 
ATOM   131  C CD  . PRO A 1 17  ? 1.854   -0.204  20.600  1.000 15.702  ? 56  PRO AAA CD  1 ? 
ATOM   132  N N   . LYS A 1 18  ? 4.390   3.403   18.781  1.000 15.786  ? 57  LYS AAA N   1 ? 
ATOM   133  C CA  . LYS A 1 18  ? 4.865   3.983   17.525  1.000 15.213  ? 57  LYS AAA CA  1 ? 
ATOM   134  C C   . LYS A 1 18  ? 6.359   4.135   17.624  1.000 15.835  ? 57  LYS AAA C   1 ? 
ATOM   135  O O   . LYS A 1 18  ? 6.801   4.441   18.716  1.000 16.517  ? 57  LYS AAA O   1 ? 
ATOM   136  C CB  . LYS A 1 18  ? 4.200   5.331   17.232  1.000 14.356  ? 57  LYS AAA CB  1 ? 
ATOM   137  C CG  . LYS A 1 18  ? 2.722   5.244   17.430  1.000 14.835  ? 57  LYS AAA CG  1 ? 
ATOM   138  C CD  . LYS A 1 18  ? 2.112   4.313   16.384  1.000 14.742  ? 57  LYS AAA CD  1 ? 
ATOM   139  C CE  . LYS A 1 18  ? 0.659   4.653   16.143  1.000 15.396  ? 57  LYS AAA CE  1 ? 
ATOM   140  N NZ  . LYS A 1 18  ? -0.064  4.822   17.431  1.000 12.100  ? 57  LYS AAA NZ  1 ? 
ATOM   141  N N   . ARG A 1 19  ? 7.074   4.061   16.508  1.000 14.691  ? 58  ARG AAA N   1 ? 
ATOM   142  C CA  . ARG A 1 19  ? 8.455   4.494   16.604  1.000 15.757  ? 58  ARG AAA CA  1 ? 
ATOM   143  C C   . ARG A 1 19  ? 8.886   4.967   15.245  1.000 17.228  ? 58  ARG AAA C   1 ? 
ATOM   144  O O   . ARG A 1 19  ? 8.559   4.310   14.282  1.000 21.280  ? 58  ARG AAA O   1 ? 
ATOM   145  C CB  . ARG A 1 19  ? 9.242   3.234   17.031  1.000 19.543  ? 58  ARG AAA CB  1 ? 
ATOM   146  C CG  . ARG A 1 19  ? 10.762  3.304   17.004  1.000 20.184  ? 58  ARG AAA CG  1 ? 
ATOM   147  C CD  . ARG A 1 19  ? 11.091  1.889   17.478  1.000 16.521  ? 58  ARG AAA CD  1 ? 
ATOM   148  N NE  . ARG A 1 19  ? 10.967  0.799   16.514  1.000 14.677  ? 58  ARG AAA NE  1 ? 
ATOM   149  C CZ  . ARG A 1 19  ? 11.853  -0.153  16.374  1.000 13.572  ? 58  ARG AAA CZ  1 ? 
ATOM   150  N NH1 . ARG A 1 19  ? 12.906  -0.229  17.182  1.000 16.595  ? 58  ARG AAA NH1 1 ? 
ATOM   151  N NH2 . ARG A 1 19  ? 11.715  -0.987  15.357  1.000 14.823  ? 58  ARG AAA NH2 1 ? 
ATOM   152  N N   . GLN A 1 20  ? 9.768   5.970   15.256  1.000 17.204  ? 59  GLN AAA N   1 ? 
ATOM   153  C CA  . GLN A 1 20  ? 10.521  6.316   14.069  1.000 20.408  ? 59  GLN AAA CA  1 ? 
ATOM   154  C C   . GLN A 1 20  ? 11.759  5.427   14.002  1.000 18.442  ? 59  GLN AAA C   1 ? 
ATOM   155  O O   . GLN A 1 20  ? 12.430  5.206   15.027  1.000 21.905  ? 59  GLN AAA O   1 ? 
ATOM   156  C CB  . GLN A 1 20  ? 10.947  7.774   14.138  1.000 23.557  ? 59  GLN AAA CB  1 ? 
ATOM   157  C CG  . GLN A 1 20  ? 9.886   8.693   13.565  1.000 30.004  ? 59  GLN AAA CG  1 ? 
ATOM   158  C CD  . GLN A 1 20  ? 9.459   8.200   12.195  1.000 37.291  ? 59  GLN AAA CD  1 ? 
ATOM   159  O OE1 . GLN A 1 20  ? 10.239  7.640   11.400  1.000 41.390  ? 59  GLN AAA OE1 1 ? 
ATOM   160  N NE2 . GLN A 1 20  ? 8.180   8.370   11.905  1.000 40.540  ? 59  GLN AAA NE2 1 ? 
ATOM   161  N N   . THR A 1 21  ? 12.072  4.939   12.788  1.000 17.317  ? 60  THR AAA N   1 ? 
ATOM   162  C CA  . THR A 1 21  ? 13.364  4.316   12.539  1.000 14.822  ? 60  THR AAA CA  1 ? 
ATOM   163  C C   . THR A 1 21  ? 13.909  4.916   11.244  1.000 14.494  ? 60  THR AAA C   1 ? 
ATOM   164  O O   . THR A 1 21  ? 13.165  5.447   10.392  1.000 14.916  ? 60  THR AAA O   1 ? 
ATOM   165  C CB  . THR A 1 21  ? 13.314  2.782   12.496  1.000 14.922  ? 60  THR AAA CB  1 ? 
ATOM   166  O OG1 . THR A 1 21  ? 12.724  2.380   11.239  1.000 14.636  ? 60  THR AAA OG1 1 ? 
ATOM   167  C CG2 . THR A 1 21  ? 12.536  2.151   13.645  1.000 15.209  ? 60  THR AAA CG2 1 ? 
ATOM   168  N N   . ASN A 1 22  ? 15.234  4.807   11.091  1.000 15.069  ? 61  ASN AAA N   1 ? 
ATOM   169  C CA  . ASN A 1 22  ? 15.848  5.250   9.846   1.000 14.481  ? 61  ASN AAA CA  1 ? 
ATOM   170  C C   . ASN A 1 22  ? 15.287  4.483   8.632   1.000 12.998  ? 61  ASN AAA C   1 ? 
ATOM   171  O O   . ASN A 1 22  ? 15.170  5.038   7.548   1.000 13.531  ? 61  ASN AAA O   1 ? 
ATOM   172  C CB  . ASN A 1 22  ? 17.390  5.168   9.895   1.000 14.529  ? 61  ASN AAA CB  1 ? 
ATOM   173  C CG  . ASN A 1 22  ? 17.882  3.733   9.960   1.000 14.997  ? 61  ASN AAA CG  1 ? 
ATOM   174  O OD1 . ASN A 1 22  ? 17.411  2.923   10.745  1.000 17.501  ? 61  ASN AAA OD1 1 ? 
ATOM   175  N ND2 . ASN A 1 22  ? 18.801  3.427   9.056   1.000 18.266  ? 61  ASN AAA ND2 1 ? 
ATOM   176  N N   . GLN A 1 23  ? 14.920  3.221   8.845   1.000 12.919  ? 62  GLN AAA N   1 ? 
ATOM   177  C CA  . GLN A 1 23  ? 14.325  2.456   7.751   1.000 11.976  ? 62  GLN AAA CA  1 ? 
ATOM   178  C C   . GLN A 1 23  ? 12.930  2.975   7.384   1.000 12.035  ? 62  GLN AAA C   1 ? 
ATOM   179  O O   . GLN A 1 23  ? 12.608  3.043   6.206   1.000 12.404  ? 62  GLN AAA O   1 ? 
ATOM   180  C CB  . GLN A 1 23  ? 14.218  0.988   8.126   1.000 12.727  ? 62  GLN AAA CB  1 ? 
ATOM   181  C CG  . GLN A 1 23  ? 15.601  0.371   8.383   1.000 14.632  ? 62  GLN AAA CG  1 ? 
ATOM   182  C CD  . GLN A 1 23  ? 15.454  -1.111  8.585   1.000 14.803  ? 62  GLN AAA CD  1 ? 
ATOM   183  O OE1 . GLN A 1 23  ? 14.526  -1.573  9.229   1.000 15.465  ? 62  GLN AAA OE1 1 ? 
ATOM   184  N NE2 . GLN A 1 23  ? 16.467  -1.848  8.152   1.000 15.808  ? 62  GLN AAA NE2 1 ? 
ATOM   185  N N   . LEU A 1 24  ? 12.106  3.286   8.401   1.000 12.137  ? 63  LEU AAA N   1 ? 
ATOM   186  C CA  . LEU A 1 24  ? 10.799  3.908   8.110   1.000 11.580  ? 63  LEU AAA CA  1 ? 
ATOM   187  C C   . LEU A 1 24  ? 10.951  5.249   7.403   1.000 12.371  ? 63  LEU AAA C   1 ? 
ATOM   188  O O   . LEU A 1 24  ? 10.160  5.574   6.515   1.000 12.282  ? 63  LEU AAA O   1 ? 
ATOM   189  C CB  . LEU A 1 24  ? 9.949   4.019   9.367   1.000 13.356  ? 63  LEU AAA CB  1 ? 
ATOM   190  C CG  . LEU A 1 24  ? 9.376   2.670   9.777   1.000 12.391  ? 63  LEU AAA CG  1 ? 
ATOM   191  C CD1 . LEU A 1 24  ? 8.933   2.712   11.220  1.000 15.078  ? 63  LEU AAA CD1 1 ? 
ATOM   192  C CD2 . LEU A 1 24  ? 8.203   2.303   8.834   1.000 13.736  ? 63  LEU AAA CD2 1 ? 
ATOM   193  N N   . GLN A 1 25  ? 11.940  6.055   7.811   1.000 12.771  ? 64  GLN AAA N   1 ? 
ATOM   194  C CA  . GLN A 1 25  ? 12.195  7.324   7.142   1.000 14.275  ? 64  GLN AAA CA  1 ? 
ATOM   195  C C   . GLN A 1 25  ? 12.529  7.104   5.665   1.000 13.708  ? 64  GLN AAA C   1 ? 
ATOM   196  O O   . GLN A 1 25  ? 12.035  7.829   4.802   1.000 15.115  ? 64  GLN AAA O   1 ? 
ATOM   197  C CB  . GLN A 1 25  ? 13.320  8.036   7.889   1.000 16.506  ? 64  GLN AAA CB  1 ? 
ATOM   198  C CG  . GLN A 1 25  ? 12.856  8.707   9.184   1.000 21.799  ? 64  GLN AAA CG  1 ? 
ATOM   199  C CD  . GLN A 1 25  ? 13.965  8.997   10.174  0.500 20.888  ? 64  GLN AAA CD  1 ? 
ATOM   200  O OE1 . GLN A 1 25  ? 15.124  8.637   9.977   0.500 22.128  ? 64  GLN AAA OE1 1 ? 
ATOM   201  N NE2 . GLN A 1 25  ? 13.614  9.662   11.263  0.500 25.253  ? 64  GLN AAA NE2 1 ? 
ATOM   202  N N   . TYR A 1 26  ? 13.360  6.076   5.396   1.000 13.317  ? 65  TYR AAA N   1 ? 
ATOM   203  C CA  . TYR A 1 26  ? 13.680  5.722   4.014   1.000 13.262  ? 65  TYR AAA CA  1 ? 
ATOM   204  C C   . TYR A 1 26  ? 12.438  5.275   3.240   1.000 13.346  ? 65  TYR AAA C   1 ? 
ATOM   205  O O   . TYR A 1 26  ? 12.254  5.622   2.076   1.000 13.716  ? 65  TYR AAA O   1 ? 
ATOM   206  C CB  . TYR A 1 26  ? 14.764  4.649   4.033   1.000 14.245  ? 65  TYR AAA CB  1 ? 
ATOM   207  C CG  . TYR A 1 26  ? 15.113  4.074   2.673   1.000 13.549  ? 65  TYR AAA CG  1 ? 
ATOM   208  C CD1 . TYR A 1 26  ? 14.441  2.965   2.148   1.000 14.461  ? 65  TYR AAA CD1 1 ? 
ATOM   209  C CD2 . TYR A 1 26  ? 16.205  4.572   1.957   1.000 15.923  ? 65  TYR AAA CD2 1 ? 
ATOM   210  C CE1 . TYR A 1 26  ? 14.827  2.387   0.943   1.000 15.142  ? 65  TYR AAA CE1 1 ? 
ATOM   211  C CE2 . TYR A 1 26  ? 16.602  4.000   0.752   1.000 15.363  ? 65  TYR AAA CE2 1 ? 
ATOM   212  C CZ  . TYR A 1 26  ? 15.915  2.906   0.254   1.000 14.359  ? 65  TYR AAA CZ  1 ? 
ATOM   213  O OH  . TYR A 1 26  ? 16.325  2.337   -0.932  1.000 15.972  ? 65  TYR AAA OH  1 ? 
ATOM   214  N N   . LEU A 1 27  ? 11.568  4.498   3.895   1.000 12.239  ? 66  LEU AAA N   1 ? 
ATOM   215  C CA  . LEU A 1 27  ? 10.340  4.083   3.213   1.000 13.044  ? 66  LEU AAA CA  1 ? 
ATOM   216  C C   . LEU A 1 27  ? 9.484   5.270   2.817   1.000 12.655  ? 66  LEU AAA C   1 ? 
ATOM   217  O O   . LEU A 1 27  ? 8.810   5.189   1.782   1.000 14.633  ? 66  LEU AAA O   1 ? 
ATOM   218  C CB  . LEU A 1 27  ? 9.583   3.104   4.109   1.000 12.849  ? 66  LEU AAA CB  1 ? 
ATOM   219  C CG  . LEU A 1 27  ? 10.133  1.671   4.072   1.000 13.834  ? 66  LEU AAA CG  1 ? 
ATOM   220  C CD1 . LEU A 1 27  ? 9.786   0.873   5.312   1.000 15.349  ? 66  LEU AAA CD1 1 ? 
ATOM   221  C CD2 . LEU A 1 27  ? 9.554   0.938   2.859   1.000 17.689  ? 66  LEU AAA CD2 1 ? 
ATOM   222  N N   . LEU A 1 28  ? 9.433   6.323   3.607   1.000 12.341  ? 67  LEU AAA N   1 ? 
ATOM   223  C CA  . LEU A 1 28  ? 8.666   7.500   3.215   1.000 12.790  ? 67  LEU AAA CA  1 ? 
ATOM   224  C C   . LEU A 1 28  ? 9.390   8.332   2.155   1.000 13.977  ? 67  LEU AAA C   1 ? 
ATOM   225  O O   . LEU A 1 28  ? 8.825   8.693   1.122   1.000 15.730  ? 67  LEU AAA O   1 ? 
ATOM   226  C CB  . LEU A 1 28  ? 8.323   8.329   4.444   1.000 14.674  ? 67  LEU AAA CB  1 ? 
ATOM   227  C CG  . LEU A 1 28  ? 7.564   9.645   4.168   1.000 15.910  ? 67  LEU AAA CG  1 ? 
ATOM   228  C CD1 . LEU A 1 28  ? 6.265   9.380   3.426   1.000 16.432  ? 67  LEU AAA CD1 1 ? 
ATOM   229  C CD2 . LEU A 1 28  ? 7.299   10.355  5.478   1.000 18.329  ? 67  LEU AAA CD2 1 ? 
ATOM   230  N N   . ARG A 1 29  ? 10.636  8.703   2.456   1.000 14.062  ? 68  ARG AAA N   1 ? 
ATOM   231  C CA  . ARG A 1 29  ? 11.381  9.692   1.684   1.000 15.434  ? 68  ARG AAA CA  1 ? 
ATOM   232  C C   . ARG A 1 29  ? 11.856  9.119   0.361   1.000 15.844  ? 68  ARG AAA C   1 ? 
ATOM   233  O O   . ARG A 1 29  ? 12.009  9.918   -0.578  1.000 19.585  ? 68  ARG AAA O   1 ? 
ATOM   234  C CB  . ARG A 1 29  ? 12.529  10.274  2.513   1.000 17.947  ? 68  ARG AAA CB  1 ? 
ATOM   235  C CG  . ARG A 1 29  ? 12.068  10.982  3.784   1.000 21.326  ? 68  ARG AAA CG  1 ? 
ATOM   236  C CD  . ARG A 1 29  ? 13.129  11.839  4.460   1.000 27.302  ? 68  ARG AAA CD  1 ? 
ATOM   237  N NE  . ARG A 1 29  ? 13.154  11.685  5.910   0.500 26.051  ? 68  ARG AAA NE  1 ? 
ATOM   238  C CZ  . ARG A 1 29  ? 13.973  12.323  6.732   0.500 28.471  ? 68  ARG AAA CZ  1 ? 
ATOM   239  N NH1 . ARG A 1 29  ? 14.822  13.220  6.253   0.500 29.268  ? 68  ARG AAA NH1 1 ? 
ATOM   240  N NH2 . ARG A 1 29  ? 13.907  12.095  8.034   0.500 28.288  ? 68  ARG AAA NH2 1 ? 
ATOM   241  N N   . VAL A 1 30  ? 12.119  7.822   0.281   1.000 15.252  ? 69  VAL AAA N   1 ? 
ATOM   242  C CA  . VAL A 1 30  ? 12.655  7.227   -0.943  1.000 15.962  ? 69  VAL AAA CA  1 ? 
ATOM   243  C C   . VAL A 1 30  ? 11.599  6.315   -1.585  1.000 15.926  ? 69  VAL AAA C   1 ? 
ATOM   244  O O   . VAL A 1 30  ? 11.280  6.442   -2.783  1.000 16.747  ? 69  VAL AAA O   1 ? 
ATOM   245  C CB  . VAL A 1 30  ? 13.981  6.474   -0.697  1.000 15.502  ? 69  VAL AAA CB  1 ? 
ATOM   246  C CG1 . VAL A 1 30  ? 14.450  5.844   -2.000  1.000 17.608  ? 69  VAL AAA CG1 1 ? 
ATOM   247  C CG2 . VAL A 1 30  ? 15.066  7.413   -0.145  1.000 15.967  ? 69  VAL AAA CG2 1 ? 
ATOM   248  N N   . VAL A 1 31  ? 11.093  5.324   -0.851  1.000 14.757  ? 70  VAL AAA N   1 ? 
ATOM   249  C CA  . VAL A 1 31  ? 10.246  4.321   -1.490  1.000 14.098  ? 70  VAL AAA CA  1 ? 
ATOM   250  C C   . VAL A 1 31  ? 8.874   4.888   -1.886  1.000 13.651  ? 70  VAL AAA C   1 ? 
ATOM   251  O O   . VAL A 1 31  ? 8.493   4.827   -3.063  1.000 14.885  ? 70  VAL AAA O   1 ? 
ATOM   252  C CB  . VAL A 1 31  ? 10.105  3.075   -0.606  1.000 13.701  ? 70  VAL AAA CB  1 ? 
ATOM   253  C CG1 . VAL A 1 31  ? 9.260   1.984   -1.295  1.000 16.273  ? 70  VAL AAA CG1 1 ? 
ATOM   254  C CG2 . VAL A 1 31  ? 11.467  2.530   -0.186  1.000 15.257  ? 70  VAL AAA CG2 1 ? 
ATOM   255  N N   A LEU A 1 32  ? 8.133   5.449   -0.921  0.500 14.545  ? 71  LEU AAA N   1 ? 
ATOM   256  N N   B LEU A 1 32  ? 8.157   5.465   -0.914  0.500 14.748  ? 71  LEU AAA N   1 ? 
ATOM   257  C CA  A LEU A 1 32  ? 6.800   5.944   -1.240  0.500 14.725  ? 71  LEU AAA CA  1 ? 
ATOM   258  C CA  B LEU A 1 32  ? 6.817   5.967   -1.174  0.500 15.150  ? 71  LEU AAA CA  1 ? 
ATOM   259  C C   A LEU A 1 32  ? 6.942   7.092   -2.239  0.500 15.524  ? 71  LEU AAA C   1 ? 
ATOM   260  C C   B LEU A 1 32  ? 6.929   7.095   -2.200  0.500 15.847  ? 71  LEU AAA C   1 ? 
ATOM   261  O O   A LEU A 1 32  ? 6.179   7.181   -3.214  0.500 15.147  ? 71  LEU AAA O   1 ? 
ATOM   262  O O   B LEU A 1 32  ? 6.172   7.138   -3.187  0.500 15.860  ? 71  LEU AAA O   1 ? 
ATOM   263  C CB  A LEU A 1 32  ? 6.034   6.374   0.018   0.500 15.210  ? 71  LEU AAA CB  1 ? 
ATOM   264  C CB  B LEU A 1 32  ? 6.159   6.389   0.148   0.500 15.687  ? 71  LEU AAA CB  1 ? 
ATOM   265  C CG  A LEU A 1 32  ? 4.637   6.955   -0.253  0.500 14.531  ? 71  LEU AAA CG  1 ? 
ATOM   266  C CG  B LEU A 1 32  ? 4.658   6.672   0.076   0.500 16.033  ? 71  LEU AAA CG  1 ? 
ATOM   267  C CD1 A LEU A 1 32  ? 3.608   5.848   -0.460  0.500 16.070  ? 71  LEU AAA CD1 1 ? 
ATOM   268  C CD1 B LEU A 1 32  ? 4.430   8.109   -0.333  0.500 15.262  ? 71  LEU AAA CD1 1 ? 
ATOM   269  C CD2 A LEU A 1 32  ? 4.211   7.874   0.890   0.500 14.720  ? 71  LEU AAA CD2 1 ? 
ATOM   270  C CD2 B LEU A 1 32  ? 3.961   5.707   -0.860  0.500 16.182  ? 71  LEU AAA CD2 1 ? 
ATOM   271  N N   . LYS A 1 33  ? 7.933   7.951   -2.027  1.000 16.054  ? 72  LYS AAA N   1 ? 
ATOM   272  C CA  . LYS A 1 33  ? 8.131   9.096   -2.919  1.000 18.789  ? 72  LYS AAA CA  1 ? 
ATOM   273  C C   . LYS A 1 33  ? 8.287   8.634   -4.365  1.000 17.749  ? 72  LYS AAA C   1 ? 
ATOM   274  O O   . LYS A 1 33  ? 7.648   9.239   -5.251  1.000 21.137  ? 72  LYS AAA O   1 ? 
ATOM   275  C CB  . LYS A 1 33  ? 9.351   9.924   -2.494  1.000 20.190  ? 72  LYS AAA CB  1 ? 
ATOM   276  C CG  . LYS A 1 33  ? 9.454   11.261  -3.223  0.500 21.534  ? 72  LYS AAA CG  1 ? 
ATOM   277  C CD  . LYS A 1 33  ? 10.853  11.847  -3.283  0.500 23.175  ? 72  LYS AAA CD  1 ? 
ATOM   278  C CE  . LYS A 1 33  ? 10.830  13.264  -3.814  0.500 24.258  ? 72  LYS AAA CE  1 ? 
ATOM   279  N NZ  . LYS A 1 33  ? 11.929  14.058  -3.219  0.500 29.183  ? 72  LYS AAA NZ  1 ? 
ATOM   280  N N   . THR A 1 34  ? 9.078   7.582   -4.585  1.000 16.168  ? 73  THR AAA N   1 ? 
ATOM   281  C CA  . THR A 1 34  ? 9.388   7.100   -5.925  1.000 18.764  ? 73  THR AAA CA  1 ? 
ATOM   282  C C   . THR A 1 34  ? 8.111   6.526   -6.544  1.000 16.631  ? 73  THR AAA C   1 ? 
ATOM   283  O O   . THR A 1 34  ? 7.765   6.760   -7.703  1.000 18.546  ? 73  THR AAA O   1 ? 
ATOM   284  C CB  . THR A 1 34  ? 10.498  6.029   -5.881  1.000 20.893  ? 73  THR AAA CB  1 ? 
ATOM   285  O OG1 . THR A 1 34  ? 11.737  6.668   -5.539  1.000 24.319  ? 73  THR AAA OG1 1 ? 
ATOM   286  C CG2 . THR A 1 34  ? 10.653  5.244   -7.175  1.000 25.650  ? 73  THR AAA CG2 1 ? 
ATOM   287  N N   . LEU A 1 35  ? 7.406   5.690   -5.771  1.000 14.921  ? 74  LEU AAA N   1 ? 
ATOM   288  C CA  . LEU A 1 35  ? 6.291   4.955   -6.345  1.000 14.042  ? 74  LEU AAA CA  1 ? 
ATOM   289  C C   . LEU A 1 35  ? 5.112   5.918   -6.541  1.000 13.891  ? 74  LEU AAA C   1 ? 
ATOM   290  O O   . LEU A 1 35  ? 4.368   5.763   -7.497  1.000 14.906  ? 74  LEU AAA O   1 ? 
ATOM   291  C CB  . LEU A 1 35  ? 5.836   3.789   -5.444  1.000 12.901  ? 74  LEU AAA CB  1 ? 
ATOM   292  C CG  . LEU A 1 35  ? 6.502   2.434   -5.710  1.000 16.113  ? 74  LEU AAA CG  1 ? 
ATOM   293  C CD1 . LEU A 1 35  ? 8.018   2.387   -5.493  1.000 16.978  ? 74  LEU AAA CD1 1 ? 
ATOM   294  C CD2 . LEU A 1 35  ? 5.830   1.293   -4.921  1.000 15.580  ? 74  LEU AAA CD2 1 ? 
ATOM   295  N N   . TRP A 1 36  ? 4.910   6.897   -5.673  1.000 14.271  ? 75  TRP AAA N   1 ? 
ATOM   296  C CA  . TRP A 1 36  ? 3.736   7.736   -5.732  1.000 14.162  ? 75  TRP AAA CA  1 ? 
ATOM   297  C C   . TRP A 1 36  ? 3.706   8.525   -7.036  1.000 15.123  ? 75  TRP AAA C   1 ? 
ATOM   298  O O   . TRP A 1 36  ? 2.610   8.770   -7.560  1.000 17.509  ? 75  TRP AAA O   1 ? 
ATOM   299  C CB  . TRP A 1 36  ? 3.698   8.691   -4.534  1.000 15.871  ? 75  TRP AAA CB  1 ? 
ATOM   300  C CG  . TRP A 1 36  ? 2.428   9.456   -4.394  1.000 16.471  ? 75  TRP AAA CG  1 ? 
ATOM   301  C CD1 . TRP A 1 36  ? 2.146   10.678  -4.947  1.000 18.082  ? 75  TRP AAA CD1 1 ? 
ATOM   302  C CD2 . TRP A 1 36  ? 1.239   9.043   -3.701  1.000 13.440  ? 75  TRP AAA CD2 1 ? 
ATOM   303  N NE1 . TRP A 1 36  ? 0.871   11.058  -4.608  1.000 18.342  ? 75  TRP AAA NE1 1 ? 
ATOM   304  C CE2 . TRP A 1 36  ? 0.303   10.090  -3.800  1.000 15.388  ? 75  TRP AAA CE2 1 ? 
ATOM   305  C CE3 . TRP A 1 36  ? 0.912   7.900   -2.956  1.000 13.679  ? 75  TRP AAA CE3 1 ? 
ATOM   306  C CZ2 . TRP A 1 36  ? -0.961  10.013  -3.241  1.000 15.623  ? 75  TRP AAA CZ2 1 ? 
ATOM   307  C CZ3 . TRP A 1 36  ? -0.325  7.831   -2.377  1.000 14.716  ? 75  TRP AAA CZ3 1 ? 
ATOM   308  C CH2 . TRP A 1 36  ? -1.257  8.866   -2.519  1.000 15.664  ? 75  TRP AAA CH2 1 ? 
ATOM   309  N N   . LYS A 1 37  ? 4.886   8.943   -7.512  1.000 16.357  ? 76  LYS AAA N   1 ? 
ATOM   310  C CA  . LYS A 1 37  ? 4.942   9.813   -8.697  1.000 15.884  ? 76  LYS AAA CA  1 ? 
ATOM   311  C C   . LYS A 1 37  ? 5.041   9.001   -9.978  1.000 17.388  ? 76  LYS AAA C   1 ? 
ATOM   312  O O   . LYS A 1 37  ? 5.134   9.568   -11.096 1.000 20.177  ? 76  LYS AAA O   1 ? 
ATOM   313  C CB  . LYS A 1 37  ? 6.106   10.808  -8.596  1.000 20.344  ? 76  LYS AAA CB  1 ? 
ATOM   314  C CG  . LYS A 1 37  ? 7.497   10.210  -8.623  1.000 21.227  ? 76  LYS AAA CG  1 ? 
ATOM   315  C CD  . LYS A 1 37  ? 8.568   11.317  -8.482  1.000 25.775  ? 76  LYS AAA CD  1 ? 
ATOM   316  C CE  . LYS A 1 37  ? 9.977   10.828  -8.204  1.000 31.794  ? 76  LYS AAA CE  1 ? 
ATOM   317  N NZ  . LYS A 1 37  ? 10.689  10.370  -9.414  1.000 35.399  ? 76  LYS AAA NZ  1 ? 
ATOM   318  N N   . HIS A 1 38  ? 5.079   7.695   -9.915  1.000 17.205  ? 77  HIS AAA N   1 ? 
ATOM   319  C CA  . HIS A 1 38  ? 5.101   6.905   -11.125 1.000 16.617  ? 77  HIS AAA CA  1 ? 
ATOM   320  C C   . HIS A 1 38  ? 3.833   7.088   -11.953 1.000 14.853  ? 77  HIS AAA C   1 ? 
ATOM   321  O O   . HIS A 1 38  ? 2.770   7.306   -11.454 1.000 14.831  ? 77  HIS AAA O   1 ? 
ATOM   322  C CB  . HIS A 1 38  ? 5.234   5.446   -10.716 1.000 17.433  ? 77  HIS AAA CB  1 ? 
ATOM   323  C CG  . HIS A 1 38  ? 5.658   4.591   -11.845 1.000 17.500  ? 77  HIS AAA CG  1 ? 
ATOM   324  N ND1 . HIS A 1 38  ? 4.760   4.086   -12.783 1.000 15.734  ? 77  HIS AAA ND1 1 ? 
ATOM   325  C CD2 . HIS A 1 38  ? 6.876   4.143   -12.213 1.000 19.974  ? 77  HIS AAA CD2 1 ? 
ATOM   326  C CE1 . HIS A 1 38  ? 5.404   3.377   -13.670 1.000 17.174  ? 77  HIS AAA CE1 1 ? 
ATOM   327  N NE2 . HIS A 1 38  ? 6.731   3.384   -13.316 1.000 19.492  ? 77  HIS AAA NE2 1 ? 
ATOM   328  N N   . GLN A 1 39  ? 4.010   7.079   -13.291 1.000 14.577  ? 78  GLN AAA N   1 ? 
ATOM   329  C CA  . GLN A 1 39  ? 2.912   7.222   -14.228 1.000 14.589  ? 78  GLN AAA CA  1 ? 
ATOM   330  C C   . GLN A 1 39  ? 1.796   6.225   -13.926 1.000 13.785  ? 78  GLN AAA C   1 ? 
ATOM   331  O O   . GLN A 1 39  ? 0.661   6.556   -14.148 1.000 14.669  ? 78  GLN AAA O   1 ? 
ATOM   332  C CB  . GLN A 1 39  ? 3.371   6.990   -15.678 1.000 15.653  ? 78  GLN AAA CB  1 ? 
ATOM   333  C CG  . GLN A 1 39  ? 2.264   7.173   -16.721 1.000 19.776  ? 78  GLN AAA CG  1 ? 
ATOM   334  C CD  . GLN A 1 39  ? 2.798   7.011   -18.123 1.000 20.762  ? 78  GLN AAA CD  1 ? 
ATOM   335  O OE1 . GLN A 1 39  ? 2.684   7.920   -18.965 1.000 24.250  ? 78  GLN AAA OE1 1 ? 
ATOM   336  N NE2 . GLN A 1 39  ? 3.499   5.913   -18.355 1.000 17.677  ? 78  GLN AAA NE2 1 ? 
ATOM   337  N N   . PHE A 1 40  ? 2.128   5.038   -13.374 1.000 13.304  ? 79  PHE AAA N   1 ? 
ATOM   338  C CA  . PHE A 1 40  ? 1.115   4.006   -13.165 1.000 13.110  ? 79  PHE AAA CA  1 ? 
ATOM   339  C C   . PHE A 1 40  ? 0.638   3.952   -11.712 1.000 12.128  ? 79  PHE AAA C   1 ? 
ATOM   340  O O   . PHE A 1 40  ? -0.084  2.999   -11.344 1.000 12.349  ? 79  PHE AAA O   1 ? 
ATOM   341  C CB  . PHE A 1 40  ? 1.678   2.639   -13.532 1.000 13.472  ? 79  PHE AAA CB  1 ? 
ATOM   342  C CG  . PHE A 1 40  ? 1.944   2.426   -14.997 1.000 13.010  ? 79  PHE AAA CG  1 ? 
ATOM   343  C CD1 . PHE A 1 40  ? 1.353   3.193   -16.002 1.000 12.966  ? 79  PHE AAA CD1 1 ? 
ATOM   344  C CD2 . PHE A 1 40  ? 2.792   1.395   -15.382 1.000 13.607  ? 79  PHE AAA CD2 1 ? 
ATOM   345  C CE1 . PHE A 1 40  ? 1.598   2.888   -17.344 1.000 15.462  ? 79  PHE AAA CE1 1 ? 
ATOM   346  C CE2 . PHE A 1 40  ? 3.046   1.103   -16.717 1.000 16.297  ? 79  PHE AAA CE2 1 ? 
ATOM   347  C CZ  . PHE A 1 40  ? 2.438   1.850   -17.706 1.000 16.628  ? 79  PHE AAA CZ  1 ? 
ATOM   348  N N   . ALA A 1 41  ? 0.943   4.987   -10.908 1.000 12.687  ? 80  ALA AAA N   1 ? 
ATOM   349  C CA  . ALA A 1 41  ? 0.551   4.961   -9.495  1.000 12.748  ? 80  ALA AAA CA  1 ? 
ATOM   350  C C   . ALA A 1 41  ? -0.938  5.152   -9.243  1.000 12.252  ? 80  ALA AAA C   1 ? 
ATOM   351  O O   . ALA A 1 41  ? -1.428  4.713   -8.189  1.000 12.288  ? 80  ALA AAA O   1 ? 
ATOM   352  C CB  . ALA A 1 41  ? 1.295   5.999   -8.687  1.000 15.023  ? 80  ALA AAA CB  1 ? 
ATOM   353  N N   . TRP A 1 42  ? -1.667  5.876   -10.124 1.000 13.036  ? 81  TRP AAA N   1 ? 
ATOM   354  C CA  . TRP A 1 42  ? -2.972  6.403   -9.770  1.000 12.314  ? 81  TRP AAA CA  1 ? 
ATOM   355  C C   . TRP A 1 42  ? -3.967  5.335   -9.310  1.000 12.211  ? 81  TRP AAA C   1 ? 
ATOM   356  O O   . TRP A 1 42  ? -4.722  5.614   -8.379  1.000 13.292  ? 81  TRP AAA O   1 ? 
ATOM   357  C CB  . TRP A 1 42  ? -3.562  7.343   -10.870 1.000 13.430  ? 81  TRP AAA CB  1 ? 
ATOM   358  C CG  . TRP A 1 42  ? -3.825  6.660   -12.188 1.000 13.860  ? 81  TRP AAA CG  1 ? 
ATOM   359  C CD1 . TRP A 1 42  ? -2.925  6.561   -13.223 1.000 14.923  ? 81  TRP AAA CD1 1 ? 
ATOM   360  C CD2 . TRP A 1 42  ? -4.980  5.895   -12.601 1.000 15.433  ? 81  TRP AAA CD2 1 ? 
ATOM   361  N NE1 . TRP A 1 42  ? -3.457  5.847   -14.252 1.000 15.682  ? 81  TRP AAA NE1 1 ? 
ATOM   362  C CE2 . TRP A 1 42  ? -4.704  5.421   -13.912 1.000 14.559  ? 81  TRP AAA CE2 1 ? 
ATOM   363  C CE3 . TRP A 1 42  ? -6.244  5.598   -12.049 1.000 16.998  ? 81  TRP AAA CE3 1 ? 
ATOM   364  C CZ2 . TRP A 1 42  ? -5.600  4.647   -14.651 1.000 17.891  ? 81  TRP AAA CZ2 1 ? 
ATOM   365  C CZ3 . TRP A 1 42  ? -7.126  4.821   -12.785 1.000 18.843  ? 81  TRP AAA CZ3 1 ? 
ATOM   366  C CH2 . TRP A 1 42  ? -6.803  4.365   -14.059 1.000 18.293  ? 81  TRP AAA CH2 1 ? 
ATOM   367  N N   . PRO A 1 43  ? -4.037  4.119   -9.851  1.000 11.458  ? 82  PRO AAA N   1 ? 
ATOM   368  C CA  . PRO A 1 43  ? -5.034  3.178   -9.311  1.000 11.618  ? 82  PRO AAA CA  1 ? 
ATOM   369  C C   . PRO A 1 43  ? -4.753  2.725   -7.874  1.000 10.784  ? 82  PRO AAA C   1 ? 
ATOM   370  O O   . PRO A 1 43  ? -5.608  2.083   -7.273  1.000 12.059  ? 82  PRO AAA O   1 ? 
ATOM   371  C CB  . PRO A 1 43  ? -4.892  1.937   -10.216 1.000 12.239  ? 82  PRO AAA CB  1 ? 
ATOM   372  C CG  . PRO A 1 43  ? -4.244  2.512   -11.504 1.000 12.560  ? 82  PRO AAA CG  1 ? 
ATOM   373  C CD  . PRO A 1 43  ? -3.287  3.568   -10.990 1.000 12.126  ? 82  PRO AAA CD  1 ? 
ATOM   374  N N   . PHE A 1 44  ? -3.532  3.020   -7.406  1.000 10.680  ? 83  PHE AAA N   1 ? 
ATOM   375  C CA  . PHE A 1 44  ? -3.047  2.494   -6.138  1.000 9.896   ? 83  PHE AAA CA  1 ? 
ATOM   376  C C   . PHE A 1 44  ? -2.956  3.595   -5.105  1.000 10.451  ? 83  PHE AAA C   1 ? 
ATOM   377  O O   . PHE A 1 44  ? -2.532  3.330   -3.955  1.000 11.270  ? 83  PHE AAA O   1 ? 
ATOM   378  C CB  . PHE A 1 44  ? -1.664  1.859   -6.323  1.000 11.127  ? 83  PHE AAA CB  1 ? 
ATOM   379  C CG  . PHE A 1 44  ? -1.717  0.786   -7.361  1.000 10.286  ? 83  PHE AAA CG  1 ? 
ATOM   380  C CD1 . PHE A 1 44  ? -2.299  -0.456  -7.071  1.000 11.193  ? 83  PHE AAA CD1 1 ? 
ATOM   381  C CD2 . PHE A 1 44  ? -1.274  1.020   -8.643  1.000 11.386  ? 83  PHE AAA CD2 1 ? 
ATOM   382  C CE1 . PHE A 1 44  ? -2.402  -1.446  -8.050  1.000 12.649  ? 83  PHE AAA CE1 1 ? 
ATOM   383  C CE2 . PHE A 1 44  ? -1.386  0.027   -9.620  1.000 12.112  ? 83  PHE AAA CE2 1 ? 
ATOM   384  C CZ  . PHE A 1 44  ? -1.953  -1.197  -9.328  1.000 12.444  ? 83  PHE AAA CZ  1 ? 
ATOM   385  N N   . GLN A 1 45  ? -3.407  4.828   -5.406  1.000 10.493  ? 84  GLN AAA N   1 ? 
ATOM   386  C CA  . GLN A 1 45  ? -3.219  5.945   -4.495  1.000 11.043  ? 84  GLN AAA CA  1 ? 
ATOM   387  C C   . GLN A 1 45  ? -4.355  6.111   -3.473  1.000 10.876  ? 84  GLN AAA C   1 ? 
ATOM   388  O O   . GLN A 1 45  ? -4.281  7.019   -2.655  1.000 12.173  ? 84  GLN AAA O   1 ? 
ATOM   389  C CB  . GLN A 1 45  ? -3.040  7.258   -5.277  1.000 11.504  ? 84  GLN AAA CB  1 ? 
ATOM   390  C CG  . GLN A 1 45  ? -1.681  7.370   -5.937  1.000 13.009  ? 84  GLN AAA CG  1 ? 
ATOM   391  C CD  . GLN A 1 45  ? -1.548  8.553   -6.887  1.000 13.512  ? 84  GLN AAA CD  1 ? 
ATOM   392  O OE1 . GLN A 1 45  ? -2.543  9.049   -7.401  1.000 15.594  ? 84  GLN AAA OE1 1 ? 
ATOM   393  N NE2 . GLN A 1 45  ? -0.324  9.028   -7.053  1.000 15.398  ? 84  GLN AAA NE2 1 ? 
ATOM   394  N N   . GLN A 1 46  ? -5.341  5.240   -3.507  1.000 10.824  ? 85  GLN AAA N   1 ? 
ATOM   395  C CA  . GLN A 1 46  ? -6.482  5.287   -2.598  1.000 10.553  ? 85  GLN AAA CA  1 ? 
ATOM   396  C C   . GLN A 1 46  ? -7.083  3.895   -2.556  1.000 10.536  ? 85  GLN AAA C   1 ? 
ATOM   397  O O   . GLN A 1 46  ? -6.868  3.083   -3.459  1.000 10.695  ? 85  GLN AAA O   1 ? 
ATOM   398  C CB  . GLN A 1 46  ? -7.500  6.344   -3.056  1.000 12.788  ? 85  GLN AAA CB  1 ? 
ATOM   399  C CG  . GLN A 1 46  ? -8.100  6.096   -4.447  1.000 13.068  ? 85  GLN AAA CG  1 ? 
ATOM   400  C CD  . GLN A 1 46  ? -7.125  6.412   -5.568  1.000 13.407  ? 85  GLN AAA CD  1 ? 
ATOM   401  O OE1 . GLN A 1 46  ? -6.521  7.475   -5.595  1.000 14.941  ? 85  GLN AAA OE1 1 ? 
ATOM   402  N NE2 . GLN A 1 46  ? -6.914  5.449   -6.460  1.000 13.926  ? 85  GLN AAA NE2 1 ? 
ATOM   403  N N   . PRO A 1 47  ? -7.901  3.586   -1.522  1.000 10.916  ? 86  PRO AAA N   1 ? 
ATOM   404  C CA  . PRO A 1 47  ? -8.613  2.297   -1.468  1.000 11.701  ? 86  PRO AAA CA  1 ? 
ATOM   405  C C   . PRO A 1 47  ? -9.444  2.092   -2.731  1.000 12.216  ? 86  PRO AAA C   1 ? 
ATOM   406  O O   . PRO A 1 47  ? -9.949  3.043   -3.346  1.000 12.797  ? 86  PRO AAA O   1 ? 
ATOM   407  C CB  . PRO A 1 47  ? -9.533  2.459   -0.239  1.000 13.461  ? 86  PRO AAA CB  1 ? 
ATOM   408  C CG  . PRO A 1 47  ? -8.753  3.423   0.639   1.000 13.421  ? 86  PRO AAA CG  1 ? 
ATOM   409  C CD  . PRO A 1 47  ? -8.138  4.434   -0.316  1.000 13.305  ? 86  PRO AAA CD  1 ? 
ATOM   410  N N   . VAL A 1 48  ? -9.573  0.847   -3.139  1.000 11.414  ? 87  VAL AAA N   1 ? 
ATOM   411  C CA  . VAL A 1 48  ? -10.427 0.472   -4.249  1.000 12.903  ? 87  VAL AAA CA  1 ? 
ATOM   412  C C   . VAL A 1 48  ? -11.872 0.827   -3.907  1.000 13.111  ? 87  VAL AAA C   1 ? 
ATOM   413  O O   . VAL A 1 48  ? -12.414 0.353   -2.912  1.000 13.342  ? 87  VAL AAA O   1 ? 
ATOM   414  C CB  . VAL A 1 48  ? -10.269 -0.999  -4.621  1.000 13.654  ? 87  VAL AAA CB  1 ? 
ATOM   415  C CG1 . VAL A 1 48  ? -11.249 -1.433  -5.699  1.000 14.789  ? 87  VAL AAA CG1 1 ? 
ATOM   416  C CG2 . VAL A 1 48  ? -8.861  -1.278  -5.097  1.000 14.168  ? 87  VAL AAA CG2 1 ? 
ATOM   417  N N   . ASP A 1 49  ? -12.454 1.674   -4.747  1.000 13.749  ? 88  ASP AAA N   1 ? 
ATOM   418  C CA  . ASP A 1 49  ? -13.862 2.037   -4.580  1.000 13.318  ? 88  ASP AAA CA  1 ? 
ATOM   419  C C   . ASP A 1 49  ? -14.640 1.064   -5.456  1.000 12.588  ? 88  ASP AAA C   1 ? 
ATOM   420  O O   . ASP A 1 49  ? -14.816 1.291   -6.649  1.000 12.855  ? 88  ASP AAA O   1 ? 
ATOM   421  C CB  . ASP A 1 49  ? -14.129 3.500   -4.905  1.000 15.748  ? 88  ASP AAA CB  1 ? 
ATOM   422  C CG  . ASP A 1 49  ? -15.580 3.908   -4.684  1.000 15.534  ? 88  ASP AAA CG  1 ? 
ATOM   423  O OD1 . ASP A 1 49  ? -16.442 3.063   -4.666  1.000 14.802  ? 88  ASP AAA OD1 1 ? 
ATOM   424  O OD2 . ASP A 1 49  ? -15.823 5.132   -4.613  1.000 22.139  ? 88  ASP AAA OD2 1 ? 
ATOM   425  N N   . ALA A 1 50  ? -15.041 -0.031  -4.840  1.000 13.025  ? 89  ALA AAA N   1 ? 
ATOM   426  C CA  . ALA A 1 50  ? -15.711 -1.118  -5.559  1.000 13.741  ? 89  ALA AAA CA  1 ? 
ATOM   427  C C   . ALA A 1 50  ? -17.085 -0.680  -6.086  1.000 13.890  ? 89  ALA AAA C   1 ? 
ATOM   428  O O   . ALA A 1 50  ? -17.580 -1.282  -7.058  1.000 14.685  ? 89  ALA AAA O   1 ? 
ATOM   429  C CB  . ALA A 1 50  ? -15.789 -2.342  -4.669  1.000 16.239  ? 89  ALA AAA CB  1 ? 
ATOM   430  N N   . VAL A 1 51  ? -17.692 0.311   -5.454  1.000 12.868  ? 90  VAL AAA N   1 ? 
ATOM   431  C CA  . VAL A 1 51  ? -18.985 0.776   -5.946  1.000 14.236  ? 90  VAL AAA CA  1 ? 
ATOM   432  C C   . VAL A 1 51  ? -18.777 1.543   -7.240  1.000 14.440  ? 90  VAL AAA C   1 ? 
ATOM   433  O O   . VAL A 1 51  ? -19.410 1.248   -8.263  1.000 15.278  ? 90  VAL AAA O   1 ? 
ATOM   434  C CB  . VAL A 1 51  ? -19.696 1.646   -4.886  1.000 14.049  ? 90  VAL AAA CB  1 ? 
ATOM   435  C CG1 . VAL A 1 51  ? -20.961 2.326   -5.414  1.000 16.796  ? 90  VAL AAA CG1 1 ? 
ATOM   436  C CG2 . VAL A 1 51  ? -19.981 0.857   -3.628  1.000 16.452  ? 90  VAL AAA CG2 1 ? 
ATOM   437  N N   . LYS A 1 52  ? -17.839 2.488   -7.217  1.000 13.603  ? 91  LYS AAA N   1 ? 
ATOM   438  C CA  . LYS A 1 52  ? -17.651 3.320   -8.388  1.000 15.799  ? 91  LYS AAA CA  1 ? 
ATOM   439  C C   . LYS A 1 52  ? -17.137 2.484   -9.564  1.000 15.318  ? 91  LYS AAA C   1 ? 
ATOM   440  O O   . LYS A 1 52  ? -17.479 2.750   -10.710 1.000 15.072  ? 91  LYS AAA O   1 ? 
ATOM   441  C CB  . LYS A 1 52  ? -16.692 4.473   -8.101  1.000 18.501  ? 91  LYS AAA CB  1 ? 
ATOM   442  C CG  . LYS A 1 52  ? -16.799 5.601   -9.137  1.000 22.572  ? 91  LYS AAA CG  1 ? 
ATOM   443  C CD  . LYS A 1 52  ? -16.143 6.927   -8.769  1.000 24.334  ? 91  LYS AAA CD  1 ? 
ATOM   444  C CE  . LYS A 1 52  ? -16.512 8.089   -9.686  1.000 22.341  ? 91  LYS AAA CE  1 ? 
ATOM   445  N NZ  . LYS A 1 52  ? -15.560 9.190   -9.446  1.000 25.437  ? 91  LYS AAA NZ  1 ? 
ATOM   446  N N   . LEU A 1 53  ? -16.300 1.469   -9.307  1.000 13.231  ? 92  LEU AAA N   1 ? 
ATOM   447  C CA  . LEU A 1 53  ? -15.772 0.595   -10.350 1.000 14.179  ? 92  LEU AAA CA  1 ? 
ATOM   448  C C   . LEU A 1 53  ? -16.698 -0.542  -10.777 1.000 15.404  ? 92  LEU AAA C   1 ? 
ATOM   449  O O   . LEU A 1 53  ? -16.319 -1.358  -11.626 1.000 16.146  ? 92  LEU AAA O   1 ? 
ATOM   450  C CB  . LEU A 1 53  ? -14.424 0.028   -9.891  1.000 15.192  ? 92  LEU AAA CB  1 ? 
ATOM   451  C CG  . LEU A 1 53  ? -13.339 1.088   -9.752  1.000 16.120  ? 92  LEU AAA CG  1 ? 
ATOM   452  C CD1 . LEU A 1 53  ? -12.124 0.645   -8.949  1.000 19.078  ? 92  LEU AAA CD1 1 ? 
ATOM   453  C CD2 . LEU A 1 53  ? -12.888 1.692   -11.051 1.000 20.159  ? 92  LEU AAA CD2 1 ? 
ATOM   454  N N   . ASN A 1 54  ? -17.857 -0.651  -10.136 1.000 14.768  ? 93  ASN AAA N   1 ? 
ATOM   455  C CA  . ASN A 1 54  ? -18.796 -1.736  -10.433 1.000 15.933  ? 93  ASN AAA CA  1 ? 
ATOM   456  C C   . ASN A 1 54  ? -18.112 -3.091  -10.265 1.000 15.560  ? 93  ASN AAA C   1 ? 
ATOM   457  O O   . ASN A 1 54  ? -18.229 -3.978  -11.128 1.000 18.355  ? 93  ASN AAA O   1 ? 
ATOM   458  C CB  . ASN A 1 54  ? -19.433 -1.594  -11.833 1.000 19.078  ? 93  ASN AAA CB  1 ? 
ATOM   459  C CG  . ASN A 1 54  ? -20.535 -2.623  -12.021 1.000 23.074  ? 93  ASN AAA CG  1 ? 
ATOM   460  O OD1 . ASN A 1 54  ? -21.166 -3.071  -11.050 1.000 24.393  ? 93  ASN AAA OD1 1 ? 
ATOM   461  N ND2 . ASN A 1 54  ? -20.761 -3.020  -13.270 1.000 25.815  ? 93  ASN AAA ND2 1 ? 
ATOM   462  N N   . LEU A 1 55  ? -17.461 -3.283  -9.104  1.000 14.206  ? 94  LEU AAA N   1 ? 
ATOM   463  C CA  . LEU A 1 55  ? -16.804 -4.552  -8.783  1.000 13.236  ? 94  LEU AAA CA  1 ? 
ATOM   464  C C   . LEU A 1 55  ? -17.414 -5.042  -7.488  1.000 13.973  ? 94  LEU AAA C   1 ? 
ATOM   465  O O   . LEU A 1 55  ? -16.749 -5.033  -6.452  1.000 12.459  ? 94  LEU AAA O   1 ? 
ATOM   466  C CB  . LEU A 1 55  ? -15.298 -4.296  -8.616  1.000 14.566  ? 94  LEU AAA CB  1 ? 
ATOM   467  C CG  . LEU A 1 55  ? -14.579 -3.779  -9.865  1.000 16.685  ? 94  LEU AAA CG  1 ? 
ATOM   468  C CD1 . LEU A 1 55  ? -13.103 -3.521  -9.498  1.000 18.817  ? 94  LEU AAA CD1 1 ? 
ATOM   469  C CD2 . LEU A 1 55  ? -14.714 -4.774  -11.015 1.000 19.125  ? 94  LEU AAA CD2 1 ? 
ATOM   470  N N   . PRO A 1 56  ? -18.702 -5.474  -7.474  1.000 13.667  ? 95  PRO AAA N   1 ? 
ATOM   471  C CA  . PRO A 1 56  ? -19.342 -5.768  -6.199  1.000 14.135  ? 95  PRO AAA CA  1 ? 
ATOM   472  C C   . PRO A 1 56  ? -18.738 -6.943  -5.478  1.000 14.129  ? 95  PRO AAA C   1 ? 
ATOM   473  O O   . PRO A 1 56  ? -18.867 -7.028  -4.269  1.000 16.601  ? 95  PRO AAA O   1 ? 
ATOM   474  C CB  . PRO A 1 56  ? -20.817 -6.069  -6.550  1.000 15.618  ? 95  PRO AAA CB  1 ? 
ATOM   475  C CG  . PRO A 1 56  ? -20.734 -6.391  -7.988  1.000 15.605  ? 95  PRO AAA CG  1 ? 
ATOM   476  C CD  . PRO A 1 56  ? -19.658 -5.504  -8.599  1.000 16.102  ? 95  PRO AAA CD  1 ? 
ATOM   477  N N   . ASP A 1 57  ? -18.009 -7.791  -6.198  1.000 13.600  ? 96  ASP AAA N   1 ? 
ATOM   478  C CA  . ASP A 1 57  ? -17.354 -8.914  -5.550  1.000 13.307  ? 96  ASP AAA CA  1 ? 
ATOM   479  C C   . ASP A 1 57  ? -15.960 -8.567  -5.008  1.000 12.807  ? 96  ASP AAA C   1 ? 
ATOM   480  O O   . ASP A 1 57  ? -15.333 -9.450  -4.447  1.000 14.229  ? 96  ASP AAA O   1 ? 
ATOM   481  C CB  . ASP A 1 57  ? -17.243 -10.125 -6.484  1.000 15.319  ? 96  ASP AAA CB  1 ? 
ATOM   482  C CG  . ASP A 1 57  ? -16.253 -9.937  -7.608  1.000 17.963  ? 96  ASP AAA CG  1 ? 
ATOM   483  O OD1 . ASP A 1 57  ? -15.879 -8.777  -7.925  1.000 18.058  ? 96  ASP AAA OD1 1 ? 
ATOM   484  O OD2 . ASP A 1 57  ? -15.866 -10.980 -8.181  1.000 21.944  ? 96  ASP AAA OD2 1 ? 
ATOM   485  N N   . TYR A 1 58  ? -15.469 -7.319  -5.169  1.000 12.763  ? 97  TYR AAA N   1 ? 
ATOM   486  C CA  . TYR A 1 58  ? -14.060 -7.052  -4.862  1.000 12.177  ? 97  TYR AAA CA  1 ? 
ATOM   487  C C   . TYR A 1 58  ? -13.734 -7.420  -3.412  1.000 12.917  ? 97  TYR AAA C   1 ? 
ATOM   488  O O   . TYR A 1 58  ? -12.760 -8.139  -3.146  1.000 12.345  ? 97  TYR AAA O   1 ? 
ATOM   489  C CB  . TYR A 1 58  ? -13.685 -5.592  -5.157  1.000 12.612  ? 97  TYR AAA CB  1 ? 
ATOM   490  C CG  . TYR A 1 58  ? -12.213 -5.349  -4.954  1.000 12.243  ? 97  TYR AAA CG  1 ? 
ATOM   491  C CD1 . TYR A 1 58  ? -11.285 -5.667  -5.942  1.000 12.404  ? 97  TYR AAA CD1 1 ? 
ATOM   492  C CD2 . TYR A 1 58  ? -11.752 -4.813  -3.781  1.000 12.500  ? 97  TYR AAA CD2 1 ? 
ATOM   493  C CE1 . TYR A 1 58  ? -9.919  -5.536  -5.720  1.000 12.356  ? 97  TYR AAA CE1 1 ? 
ATOM   494  C CE2 . TYR A 1 58  ? -10.395 -4.642  -3.561  1.000 12.678  ? 97  TYR AAA CE2 1 ? 
ATOM   495  C CZ  . TYR A 1 58  ? -9.489  -4.979  -4.538  1.000 13.031  ? 97  TYR AAA CZ  1 ? 
ATOM   496  O OH  . TYR A 1 58  ? -8.117  -4.829  -4.299  1.000 14.692  ? 97  TYR AAA OH  1 ? 
ATOM   497  N N   . TYR A 1 59  ? -14.551 -6.878  -2.474  1.000 12.883  ? 98  TYR AAA N   1 ? 
ATOM   498  C CA  . TYR A 1 59  ? -14.318 -7.087  -1.053  1.000 14.266  ? 98  TYR AAA CA  1 ? 
ATOM   499  C C   . TYR A 1 59  ? -14.882 -8.429  -0.583  1.000 15.430  ? 98  TYR AAA C   1 ? 
ATOM   500  O O   . TYR A 1 59  ? -14.704 -8.764  0.590   1.000 16.739  ? 98  TYR AAA O   1 ? 
ATOM   501  C CB  . TYR A 1 59  ? -14.775 -5.869  -0.250  1.000 13.932  ? 98  TYR AAA CB  1 ? 
ATOM   502  C CG  . TYR A 1 59  ? -13.901 -4.674  -0.501  1.000 13.491  ? 98  TYR AAA CG  1 ? 
ATOM   503  C CD1 . TYR A 1 59  ? -12.561 -4.681  -0.102  1.000 14.060  ? 98  TYR AAA CD1 1 ? 
ATOM   504  C CD2 . TYR A 1 59  ? -14.382 -3.580  -1.205  1.000 12.424  ? 98  TYR AAA CD2 1 ? 
ATOM   505  C CE1 . TYR A 1 59  ? -11.766 -3.572  -0.325  1.000 13.177  ? 98  TYR AAA CE1 1 ? 
ATOM   506  C CE2 . TYR A 1 59  ? -13.590 -2.470  -1.443  1.000 13.216  ? 98  TYR AAA CE2 1 ? 
ATOM   507  C CZ  . TYR A 1 59  ? -12.258 -2.469  -0.999  1.000 13.039  ? 98  TYR AAA CZ  1 ? 
ATOM   508  O OH  . TYR A 1 59  ? -11.459 -1.376  -1.210  1.000 14.335  ? 98  TYR AAA OH  1 ? 
ATOM   509  N N   . LYS A 1 60  ? -15.506 -9.208  -1.463  1.000 15.455  ? 99  LYS AAA N   1 ? 
ATOM   510  C CA  . LYS A 1 60  ? -15.797 -10.613 -1.183  1.000 16.513  ? 99  LYS AAA CA  1 ? 
ATOM   511  C C   . LYS A 1 60  ? -14.498 -11.427 -1.339  1.000 16.955  ? 99  LYS AAA C   1 ? 
ATOM   512  O O   . LYS A 1 60  ? -14.280 -12.398 -0.619  1.000 21.595  ? 99  LYS AAA O   1 ? 
ATOM   513  C CB  . LYS A 1 60  ? -16.874 -11.111 -2.164  1.000 18.844  ? 99  LYS AAA CB  1 ? 
ATOM   514  C CG  . LYS A 1 60  ? -17.432 -12.512 -2.009  1.000 19.962  ? 99  LYS AAA CG  1 ? 
ATOM   515  C CD  . LYS A 1 60  ? -18.218 -12.691 -0.705  1.000 25.685  ? 99  LYS AAA CD  1 ? 
ATOM   516  C CE  . LYS A 1 60  ? -18.508 -14.163 -0.509  1.000 26.819  ? 99  LYS AAA CE  1 ? 
ATOM   517  N NZ  . LYS A 1 60  ? -18.751 -14.539 0.901   1.000 29.814  ? 99  LYS AAA NZ  1 ? 
ATOM   518  N N   A ILE A 1 61  ? -13.658 -11.053 -2.330  0.500 14.857  ? 100 ILE AAA N   1 ? 
ATOM   519  N N   B ILE A 1 61  ? -13.611 -11.018 -2.271  0.500 14.763  ? 100 ILE AAA N   1 ? 
ATOM   520  C CA  A ILE A 1 61  ? -12.401 -11.727 -2.628  0.500 14.898  ? 100 ILE AAA CA  1 ? 
ATOM   521  C CA  B ILE A 1 61  ? -12.401 -11.752 -2.622  0.500 14.667  ? 100 ILE AAA CA  1 ? 
ATOM   522  C C   A ILE A 1 61  ? -11.265 -11.184 -1.754  0.500 13.439  ? 100 ILE AAA C   1 ? 
ATOM   523  C C   B ILE A 1 61  ? -11.159 -11.188 -1.925  0.500 13.470  ? 100 ILE AAA C   1 ? 
ATOM   524  O O   A ILE A 1 61  ? -10.517 -11.938 -1.118  0.500 14.989  ? 100 ILE AAA O   1 ? 
ATOM   525  O O   B ILE A 1 61  ? -10.233 -11.943 -1.594  0.500 13.653  ? 100 ILE AAA O   1 ? 
ATOM   526  C CB  A ILE A 1 61  ? -12.089 -11.572 -4.134  0.500 15.114  ? 100 ILE AAA CB  1 ? 
ATOM   527  C CB  B ILE A 1 61  ? -12.282 -11.746 -4.159  0.500 14.577  ? 100 ILE AAA CB  1 ? 
ATOM   528  C CG1 A ILE A 1 61  ? -13.258 -12.009 -5.022  0.500 16.399  ? 100 ILE AAA CG1 1 ? 
ATOM   529  C CG1 B ILE A 1 61  ? -13.421 -12.534 -4.811  0.500 16.376  ? 100 ILE AAA CG1 1 ? 
ATOM   530  C CG2 A ILE A 1 61  ? -10.823 -12.333 -4.495  0.500 16.109  ? 100 ILE AAA CG2 1 ? 
ATOM   531  C CG2 B ILE A 1 61  ? -10.930 -12.244 -4.650  0.500 15.166  ? 100 ILE AAA CG2 1 ? 
ATOM   532  C CD1 A ILE A 1 61  ? -13.738 -13.395 -4.692  0.500 16.134  ? 100 ILE AAA CD1 1 ? 
ATOM   533  C CD1 B ILE A 1 61  ? -13.525 -12.306 -6.287  0.500 17.054  ? 100 ILE AAA CD1 1 ? 
ATOM   534  N N   . ILE A 1 62  ? -11.126 -9.869  -1.744  1.000 12.829  ? 101 ILE AAA N   1 ? 
ATOM   535  C CA  . ILE A 1 62  ? -9.982  -9.228  -1.110  1.000 12.430  ? 101 ILE AAA CA  1 ? 
ATOM   536  C C   . ILE A 1 62  ? -10.389 -8.874  0.316   1.000 12.804  ? 101 ILE AAA C   1 ? 
ATOM   537  O O   . ILE A 1 62  ? -11.126 -7.922  0.546   1.000 13.445  ? 101 ILE AAA O   1 ? 
ATOM   538  C CB  . ILE A 1 62  ? -9.560  -8.016  -1.938  1.000 12.390  ? 101 ILE AAA CB  1 ? 
ATOM   539  C CG1 . ILE A 1 62  ? -9.093  -8.444  -3.342  1.000 13.059  ? 101 ILE AAA CG1 1 ? 
ATOM   540  C CG2 . ILE A 1 62  ? -8.459  -7.257  -1.204  1.000 13.360  ? 101 ILE AAA CG2 1 ? 
ATOM   541  C CD1 . ILE A 1 62  ? -8.021  -9.561  -3.380  1.000 14.250  ? 101 ILE AAA CD1 1 ? 
ATOM   542  N N   . LYS A 1 63  ? -9.901  -9.668  1.249   1.000 12.371  ? 102 LYS AAA N   1 ? 
ATOM   543  C CA  . LYS A 1 63  ? -10.251 -9.501  2.666   1.000 12.975  ? 102 LYS AAA CA  1 ? 
ATOM   544  C C   . LYS A 1 63  ? -9.161  -8.761  3.410   1.000 14.230  ? 102 LYS AAA C   1 ? 
ATOM   545  O O   . LYS A 1 63  ? -9.363  -8.421  4.583   1.000 16.891  ? 102 LYS AAA O   1 ? 
ATOM   546  C CB  . LYS A 1 63  ? -10.511 -10.842 3.345   1.000 14.724  ? 102 LYS AAA CB  1 ? 
ATOM   547  C CG  . LYS A 1 63  ? -11.670 -11.592 2.751   1.000 17.333  ? 102 LYS AAA CG  1 ? 
ATOM   548  C CD  . LYS A 1 63  ? -12.930 -10.791 2.840   1.000 19.521  ? 102 LYS AAA CD  1 ? 
ATOM   549  C CE  . LYS A 1 63  ? -14.164 -11.631 2.648   1.000 25.718  ? 102 LYS AAA CE  1 ? 
ATOM   550  N NZ  . LYS A 1 63  ? -15.287 -10.689 2.561   1.000 20.073  ? 102 LYS AAA NZ  1 ? 
ATOM   551  N N   . THR A 1 64  ? -8.015  -8.513  2.787   1.000 14.650  ? 103 THR AAA N   1 ? 
ATOM   552  C CA  . THR A 1 64  ? -6.947  -7.773  3.428   1.000 15.494  ? 103 THR AAA CA  1 ? 
ATOM   553  C C   . THR A 1 64  ? -6.584  -6.601  2.522   1.000 13.790  ? 103 THR AAA C   1 ? 
ATOM   554  O O   . THR A 1 64  ? -5.521  -6.578  1.885   1.000 14.982  ? 103 THR AAA O   1 ? 
ATOM   555  C CB  . THR A 1 64  ? -5.750  -8.649  3.825   1.000 20.626  ? 103 THR AAA CB  1 ? 
ATOM   556  O OG1 . THR A 1 64  ? -6.209  -9.739  4.630   1.000 24.303  ? 103 THR AAA OG1 1 ? 
ATOM   557  C CG2 . THR A 1 64  ? -4.774  -7.923  4.729   1.000 22.784  ? 103 THR AAA CG2 1 ? 
ATOM   558  N N   . PRO A 1 65  ? -7.429  -5.578  2.358   1.000 12.509  ? 104 PRO AAA N   1 ? 
ATOM   559  C CA  . PRO A 1 65  ? -7.127  -4.548  1.373   1.000 13.230  ? 104 PRO AAA CA  1 ? 
ATOM   560  C C   . PRO A 1 65  ? -5.978  -3.677  1.843   1.000 11.785  ? 104 PRO AAA C   1 ? 
ATOM   561  O O   . PRO A 1 65  ? -5.797  -3.415  3.028   1.000 12.212  ? 104 PRO AAA O   1 ? 
ATOM   562  C CB  . PRO A 1 65  ? -8.404  -3.708  1.304   1.000 15.100  ? 104 PRO AAA CB  1 ? 
ATOM   563  C CG  . PRO A 1 65  ? -9.366  -4.262  2.336   1.000 14.730  ? 104 PRO AAA CG  1 ? 
ATOM   564  C CD  . PRO A 1 65  ? -8.740  -5.425  3.048   1.000 14.275  ? 104 PRO AAA CD  1 ? 
ATOM   565  N N   . MET A 1 66  ? -5.246  -3.112  0.862   1.000 10.852  ? 105 MET AAA N   1 ? 
ATOM   566  C CA  . MET A 1 66  ? -4.234  -2.115  1.196   1.000 10.018  ? 105 MET AAA CA  1 ? 
ATOM   567  C C   . MET A 1 66  ? -3.976  -1.289  -0.051  1.000 9.696   ? 105 MET AAA C   1 ? 
ATOM   568  O O   . MET A 1 66  ? -4.127  -1.800  -1.186  1.000 11.191  ? 105 MET AAA O   1 ? 
ATOM   569  C CB  . MET A 1 66  ? -2.931  -2.806  1.646   1.000 10.316  ? 105 MET AAA CB  1 ? 
ATOM   570  C CG  . MET A 1 66  ? -1.852  -1.874  2.206   1.000 10.863  ? 105 MET AAA CG  1 ? 
ATOM   571  S SD  . MET A 1 66  ? -2.421  -0.657  3.452   1.000 10.601  ? 105 MET AAA SD  1 ? 
ATOM   572  C CE  . MET A 1 66  ? -3.081  -1.691  4.741   1.000 12.396  ? 105 MET AAA CE  1 ? 
ATOM   573  N N   . ASP A 1 67  ? -3.533  -0.076  0.137   1.000 9.901   ? 106 ASP AAA N   1 ? 
ATOM   574  C CA  . ASP A 1 67  ? -3.316  0.858   -0.966  1.000 10.015  ? 106 ASP AAA CA  1 ? 
ATOM   575  C C   . ASP A 1 67  ? -2.270  1.862   -0.510  1.000 9.565   ? 106 ASP AAA C   1 ? 
ATOM   576  O O   . ASP A 1 67  ? -1.992  1.990   0.707   1.000 9.835   ? 106 ASP AAA O   1 ? 
ATOM   577  C CB  . ASP A 1 67  ? -4.624  1.590   -1.352  1.000 10.715  ? 106 ASP AAA CB  1 ? 
ATOM   578  C CG  . ASP A 1 67  ? -5.078  2.510   -0.229  1.000 10.159  ? 106 ASP AAA CG  1 ? 
ATOM   579  O OD1 . ASP A 1 67  ? -5.687  1.945   0.740   1.000 11.098  ? 106 ASP AAA OD1 1 ? 
ATOM   580  O OD2 . ASP A 1 67  ? -4.752  3.661   -0.244  1.000 10.432  ? 106 ASP AAA OD2 1 ? 
ATOM   581  N N   . MET A 1 68  ? -1.668  2.603   -1.459  1.000 10.556  ? 107 MET AAA N   1 ? 
ATOM   582  C CA  . MET A 1 68  ? -0.626  3.539   -1.134  1.000 10.686  ? 107 MET AAA CA  1 ? 
ATOM   583  C C   . MET A 1 68  ? -1.122  4.791   -0.447  1.000 10.855  ? 107 MET AAA C   1 ? 
ATOM   584  O O   . MET A 1 68  ? -0.338  5.454   0.225   1.000 11.279  ? 107 MET AAA O   1 ? 
ATOM   585  C CB  . MET A 1 68  ? 0.200   3.986   -2.337  1.000 11.473  ? 107 MET AAA CB  1 ? 
ATOM   586  C CG  . MET A 1 68  ? 1.013   2.893   -2.979  1.000 12.089  ? 107 MET AAA CG  1 ? 
ATOM   587  S SD  . MET A 1 68  ? 2.382   3.430   -3.965  1.000 13.000  ? 107 MET AAA SD  1 ? 
ATOM   588  C CE  . MET A 1 68  ? 1.521   4.312   -5.269  1.000 13.027  ? 107 MET AAA CE  1 ? 
ATOM   589  N N   . GLY A 1 69  ? -2.417  5.154   -0.606  1.000 10.945  ? 108 GLY AAA N   1 ? 
ATOM   590  C CA  . GLY A 1 69  ? -2.940  6.273   0.174   1.000 12.289  ? 108 GLY AAA CA  1 ? 
ATOM   591  C C   . GLY A 1 69  ? -2.908  5.949   1.667   1.000 11.971  ? 108 GLY AAA C   1 ? 
ATOM   592  O O   . GLY A 1 69  ? -2.497  6.780   2.489   1.000 12.230  ? 108 GLY AAA O   1 ? 
ATOM   593  N N   . THR A 1 70  ? -3.327  4.739   2.000   1.000 11.176  ? 109 THR AAA N   1 ? 
ATOM   594  C CA  . THR A 1 70  ? -3.246  4.284   3.384   1.000 10.866  ? 109 THR AAA CA  1 ? 
ATOM   595  C C   . THR A 1 70  ? -1.815  4.193   3.866   1.000 10.289  ? 109 THR AAA C   1 ? 
ATOM   596  O O   . THR A 1 70  ? -1.498  4.649   4.970   1.000 10.772  ? 109 THR AAA O   1 ? 
ATOM   597  C CB  . THR A 1 70  ? -3.954  2.934   3.474   1.000 11.122  ? 109 THR AAA CB  1 ? 
ATOM   598  O OG1 . THR A 1 70  ? -5.346  3.070   3.116   1.000 12.047  ? 109 THR AAA OG1 1 ? 
ATOM   599  C CG2 . THR A 1 70  ? -3.877  2.339   4.876   1.000 12.224  ? 109 THR AAA CG2 1 ? 
ATOM   600  N N   . ILE A 1 71  ? -0.927  3.674   3.009   1.000 10.073  ? 110 ILE AAA N   1 ? 
ATOM   601  C CA  . ILE A 1 71  ? 0.468   3.564   3.445   1.000 10.607  ? 110 ILE AAA CA  1 ? 
ATOM   602  C C   . ILE A 1 71  ? 1.063   4.962   3.663   1.000 10.692  ? 110 ILE AAA C   1 ? 
ATOM   603  O O   . ILE A 1 71  ? 1.799   5.197   4.650   1.000 11.754  ? 110 ILE AAA O   1 ? 
ATOM   604  C CB  . ILE A 1 71  ? 1.300   2.798   2.404   1.000 10.141  ? 110 ILE AAA CB  1 ? 
ATOM   605  C CG1 . ILE A 1 71  ? 0.827   1.346   2.383   1.000 10.511  ? 110 ILE AAA CG1 1 ? 
ATOM   606  C CG2 . ILE A 1 71  ? 2.807   2.886   2.693   1.000 11.783  ? 110 ILE AAA CG2 1 ? 
ATOM   607  C CD1 . ILE A 1 71  ? 1.338   0.559   1.173   1.000 11.343  ? 110 ILE AAA CD1 1 ? 
ATOM   608  N N   . LYS A 1 72  ? 0.754   5.918   2.767   1.000 11.355  ? 111 LYS AAA N   1 ? 
ATOM   609  C CA  . LYS A 1 72  ? 1.226   7.286   2.947   1.000 12.943  ? 111 LYS AAA CA  1 ? 
ATOM   610  C C   . LYS A 1 72  ? 0.774   7.874   4.273   1.000 14.351  ? 111 LYS AAA C   1 ? 
ATOM   611  O O   . LYS A 1 72  ? 1.583   8.494   4.960   1.000 14.547  ? 111 LYS AAA O   1 ? 
ATOM   612  C CB  . LYS A 1 72  ? 0.734   8.101   1.762   1.000 14.480  ? 111 LYS AAA CB  1 ? 
ATOM   613  C CG  . LYS A 1 72  ? 1.146   9.565   1.790   1.000 16.660  ? 111 LYS AAA CG  1 ? 
ATOM   614  C CD  . LYS A 1 72  ? 0.733   10.190  0.458   1.000 20.611  ? 111 LYS AAA CD  1 ? 
ATOM   615  C CE  . LYS A 1 72  ? 1.342   11.559  0.242   1.000 30.037  ? 111 LYS AAA CE  1 ? 
ATOM   616  N NZ  . LYS A 1 72  ? 0.604   12.489  1.106   1.000 30.467  ? 111 LYS AAA NZ  1 ? 
ATOM   617  N N   . LYS A 1 73  ? -0.484  7.672   4.622   1.000 13.210  ? 112 LYS AAA N   1 ? 
ATOM   618  C CA  . LYS A 1 73  ? -0.979  8.169   5.895   1.000 14.884  ? 112 LYS AAA CA  1 ? 
ATOM   619  C C   . LYS A 1 73  ? -0.278  7.474   7.059   1.000 12.904  ? 112 LYS AAA C   1 ? 
ATOM   620  O O   . LYS A 1 73  ? 0.085   8.120   8.046   1.000 14.270  ? 112 LYS AAA O   1 ? 
ATOM   621  C CB  . LYS A 1 73  ? -2.487  7.923   6.011   1.000 16.785  ? 112 LYS AAA CB  1 ? 
ATOM   622  C CG  . LYS A 1 73  ? -3.385  8.886   5.220   1.000 20.645  ? 112 LYS AAA CG  1 ? 
ATOM   623  C CD  . LYS A 1 73  ? -4.903  8.577   5.390   1.000 23.820  ? 112 LYS AAA CD  1 ? 
ATOM   624  C CE  . LYS A 1 73  ? -5.801  9.354   4.442   1.000 28.824  ? 112 LYS AAA CE  1 ? 
ATOM   625  N NZ  . LYS A 1 73  ? -5.933  8.660   3.133   1.000 37.661  ? 112 LYS AAA NZ  1 ? 
ATOM   626  N N   . ARG A 1 74  ? -0.104  6.154   6.962   1.000 11.946  ? 113 ARG AAA N   1 ? 
ATOM   627  C CA  . ARG A 1 74  ? 0.572   5.422   8.032   1.000 11.582  ? 113 ARG AAA CA  1 ? 
ATOM   628  C C   . ARG A 1 74  ? 2.003   5.922   8.202   1.000 11.884  ? 113 ARG AAA C   1 ? 
ATOM   629  O O   . ARG A 1 74  ? 2.499   6.027   9.343   1.000 12.141  ? 113 ARG AAA O   1 ? 
ATOM   630  C CB  . ARG A 1 74  ? 0.568   3.923   7.756   1.000 11.083  ? 113 ARG AAA CB  1 ? 
ATOM   631  C CG  . ARG A 1 74  ? -0.804  3.277   7.992   1.000 11.245  ? 113 ARG AAA CG  1 ? 
ATOM   632  C CD  . ARG A 1 74  ? -0.792  1.808   7.728   1.000 11.112  ? 113 ARG AAA CD  1 ? 
ATOM   633  N NE  . ARG A 1 74  ? -2.069  1.230   8.127   1.000 10.894  ? 113 ARG AAA NE  1 ? 
ATOM   634  C CZ  . ARG A 1 74  ? -2.299  -0.063  8.262   1.000 11.234  ? 113 ARG AAA CZ  1 ? 
ATOM   635  N NH1 . ARG A 1 74  ? -1.413  -0.970  7.886   1.000 12.449  ? 113 ARG AAA NH1 1 ? 
ATOM   636  N NH2 . ARG A 1 74  ? -3.459  -0.473  8.790   1.000 12.686  ? 113 ARG AAA NH2 1 ? 
ATOM   637  N N   . LEU A 1 75  ? 2.716   6.211   7.118   1.000 11.709  ? 114 LEU AAA N   1 ? 
ATOM   638  C CA  . LEU A 1 75  ? 4.068   6.746   7.228   1.000 11.851  ? 114 LEU AAA CA  1 ? 
ATOM   639  C C   . LEU A 1 75  ? 4.076   8.188   7.747   1.000 13.093  ? 114 LEU AAA C   1 ? 
ATOM   640  O O   . LEU A 1 75  ? 4.898   8.509   8.641   1.000 15.240  ? 114 LEU AAA O   1 ? 
ATOM   641  C CB  . LEU A 1 75  ? 4.765   6.660   5.866   1.000 11.871  ? 114 LEU AAA CB  1 ? 
ATOM   642  C CG  . LEU A 1 75  ? 5.181   5.247   5.470   1.000 11.466  ? 114 LEU AAA CG  1 ? 
ATOM   643  C CD1 . LEU A 1 75  ? 5.558   5.256   3.984   1.000 12.545  ? 114 LEU AAA CD1 1 ? 
ATOM   644  C CD2 . LEU A 1 75  ? 6.387   4.753   6.300   1.000 11.740  ? 114 LEU AAA CD2 1 ? 
ATOM   645  N N   . GLU A 1 76  ? 3.220   9.058   7.197   1.000 13.792  ? 115 GLU AAA N   1 ? 
ATOM   646  C CA  . GLU A 1 76  ? 3.211   10.471  7.584   1.000 15.517  ? 115 GLU AAA CA  1 ? 
ATOM   647  C C   . GLU A 1 76  ? 2.734   10.649  9.023   1.000 17.272  ? 115 GLU AAA C   1 ? 
ATOM   648  O O   . GLU A 1 76  ? 3.194   11.576  9.704   1.000 20.869  ? 115 GLU AAA O   1 ? 
ATOM   649  C CB  . GLU A 1 76  ? 2.455   11.330  6.571   1.000 16.653  ? 115 GLU AAA CB  1 ? 
ATOM   650  C CG  . GLU A 1 76  ? 3.142   11.355  5.200   1.000 17.274  ? 115 GLU AAA CG  1 ? 
ATOM   651  C CD  . GLU A 1 76  ? 2.385   12.109  4.128   1.000 20.242  ? 115 GLU AAA CD  1 ? 
ATOM   652  O OE1 . GLU A 1 76  ? 1.260   12.366  4.339   1.000 24.811  ? 115 GLU AAA OE1 1 ? 
ATOM   653  O OE2 . GLU A 1 76  ? 2.932   12.326  3.072   1.000 26.340  ? 115 GLU AAA OE2 1 ? 
ATOM   654  N N   . ASN A 1 77  ? 1.815   9.792   9.471   1.000 17.306  ? 116 ASN AAA N   1 ? 
ATOM   655  C CA  . ASN A 1 77  ? 1.239   9.929   10.797  1.000 19.882  ? 116 ASN AAA CA  1 ? 
ATOM   656  C C   . ASN A 1 77  ? 1.840   8.937   11.771  1.000 18.245  ? 116 ASN AAA C   1 ? 
ATOM   657  O O   . ASN A 1 77  ? 1.214   8.660   12.802  1.000 24.399  ? 116 ASN AAA O   1 ? 
ATOM   658  C CB  . ASN A 1 77  ? -0.284  9.777   10.752  1.000 26.188  ? 116 ASN AAA CB  1 ? 
ATOM   659  C CG  . ASN A 1 77  ? -0.926  10.961  10.062  1.000 33.757  ? 116 ASN AAA CG  1 ? 
ATOM   660  O OD1 . ASN A 1 77  ? -1.065  12.022  10.664  1.000 45.795  ? 116 ASN AAA OD1 1 ? 
ATOM   661  N ND2 . ASN A 1 77  ? -1.317  10.799  8.806   1.000 37.717  ? 116 ASN AAA ND2 1 ? 
ATOM   662  N N   A ASN A 1 78  ? 3.035   8.411   11.485  0.500 18.205  ? 117 ASN AAA N   1 ? 
ATOM   663  N N   B ASN A 1 78  ? 3.125   8.672   11.650  0.500 17.404  ? 117 ASN AAA N   1 ? 
ATOM   664  C CA  A ASN A 1 78  ? 3.767   7.540   12.388  0.500 16.279  ? 117 ASN AAA CA  1 ? 
ATOM   665  C CA  B ASN A 1 78  ? 3.752   7.397   11.930  0.500 16.814  ? 117 ASN AAA CA  1 ? 
ATOM   666  C C   A ASN A 1 78  ? 2.820   6.482   12.962  0.500 14.828  ? 117 ASN AAA C   1 ? 
ATOM   667  C C   B ASN A 1 78  ? 3.026   6.430   12.852  0.500 16.293  ? 117 ASN AAA C   1 ? 
ATOM   668  O O   A ASN A 1 78  ? 2.504   6.508   14.147  0.500 13.205  ? 117 ASN AAA O   1 ? 
ATOM   669  O O   B ASN A 1 78  ? 3.164   6.393   14.085  0.500 20.047  ? 117 ASN AAA O   1 ? 
ATOM   670  C CB  A ASN A 1 78  ? 4.532   8.403   13.405  0.500 19.484  ? 117 ASN AAA CB  1 ? 
ATOM   671  C CB  B ASN A 1 78  ? 5.156   7.458   12.448  0.500 16.602  ? 117 ASN AAA CB  1 ? 
ATOM   672  C CG  A ASN A 1 78  ? 5.332   9.510   12.735  0.500 21.117  ? 117 ASN AAA CG  1 ? 
ATOM   673  C CG  B ASN A 1 78  ? 5.730   6.066   12.638  0.500 15.147  ? 117 ASN AAA CG  1 ? 
ATOM   674  O OD1 A ASN A 1 78  ? 6.386   9.259   12.151  0.500 24.555  ? 117 ASN AAA OD1 1 ? 
ATOM   675  O OD1 B ASN A 1 78  ? 5.687   5.168   11.787  0.500 16.227  ? 117 ASN AAA OD1 1 ? 
ATOM   676  N ND2 A ASN A 1 78  ? 4.840   10.744  12.804  0.500 20.200  ? 117 ASN AAA ND2 1 ? 
ATOM   677  N ND2 B ASN A 1 78  ? 6.312   5.846   13.785  0.500 15.795  ? 117 ASN AAA ND2 1 ? 
ATOM   678  N N   . TYR A 1 79  ? 2.422   5.506   12.137  1.000 13.357  ? 118 TYR AAA N   1 ? 
ATOM   679  C CA  . TYR A 1 79  ? 1.611   4.417   12.620  1.000 13.079  ? 118 TYR AAA CA  1 ? 
ATOM   680  C C   . TYR A 1 79  ? 2.445   3.189   12.951  1.000 10.821  ? 118 TYR AAA C   1 ? 
ATOM   681  O O   . TYR A 1 79  ? 1.983   2.335   13.675  1.000 11.669  ? 118 TYR AAA O   1 ? 
ATOM   682  C CB  . TYR A 1 79  ? 0.586   4.118   11.521  1.000 12.910  ? 118 TYR AAA CB  1 ? 
ATOM   683  C CG  . TYR A 1 79  ? -0.327  2.974   11.819  1.000 12.256  ? 118 TYR AAA CG  1 ? 
ATOM   684  C CD1 . TYR A 1 79  ? -1.422  3.163   12.642  1.000 12.487  ? 118 TYR AAA CD1 1 ? 
ATOM   685  C CD2 . TYR A 1 79  ? -0.134  1.715   11.252  1.000 12.577  ? 118 TYR AAA CD2 1 ? 
ATOM   686  C CE1 . TYR A 1 79  ? -2.298  2.136   12.908  1.000 12.895  ? 118 TYR AAA CE1 1 ? 
ATOM   687  C CE2 . TYR A 1 79  ? -0.973  0.676   11.509  1.000 13.382  ? 118 TYR AAA CE2 1 ? 
ATOM   688  C CZ  . TYR A 1 79  ? -2.090  0.895   12.298  1.000 13.523  ? 118 TYR AAA CZ  1 ? 
ATOM   689  O OH  . TYR A 1 79  ? -2.926  -0.161  12.571  1.000 15.761  ? 118 TYR AAA OH  1 ? 
ATOM   690  N N   . TYR A 1 80  ? 3.625   3.095   12.349  1.000 11.720  ? 119 TYR AAA N   1 ? 
ATOM   691  C CA  . TYR A 1 80  ? 4.365   1.840   12.375  1.000 12.155  ? 119 TYR AAA CA  1 ? 
ATOM   692  C C   . TYR A 1 80  ? 5.318   1.791   13.559  1.000 12.783  ? 119 TYR AAA C   1 ? 
ATOM   693  O O   . TYR A 1 80  ? 5.748   2.845   14.055  1.000 15.194  ? 119 TYR AAA O   1 ? 
ATOM   694  C CB  . TYR A 1 80  ? 5.160   1.726   11.075  1.000 12.607  ? 119 TYR AAA CB  1 ? 
ATOM   695  C CG  . TYR A 1 80  ? 4.322   1.585   9.839   1.000 11.238  ? 119 TYR AAA CG  1 ? 
ATOM   696  C CD1 . TYR A 1 80  ? 3.513   0.493   9.607   1.000 10.815  ? 119 TYR AAA CD1 1 ? 
ATOM   697  C CD2 . TYR A 1 80  ? 4.384   2.546   8.833   1.000 11.669  ? 119 TYR AAA CD2 1 ? 
ATOM   698  C CE1 . TYR A 1 80  ? 2.798   0.324   8.419   1.000 11.120  ? 119 TYR AAA CE1 1 ? 
ATOM   699  C CE2 . TYR A 1 80  ? 3.700   2.409   7.652   1.000 11.342  ? 119 TYR AAA CE2 1 ? 
ATOM   700  C CZ  . TYR A 1 80  ? 2.929   1.297   7.431   1.000 10.817  ? 119 TYR AAA CZ  1 ? 
ATOM   701  O OH  . TYR A 1 80  ? 2.293   1.174   6.224   1.000 11.883  ? 119 TYR AAA OH  1 ? 
ATOM   702  N N   . TRP A 1 81  ? 5.651   0.549   13.931  1.000 13.000  ? 120 TRP AAA N   1 ? 
ATOM   703  C CA  . TRP A 1 81  ? 6.784   0.270   14.827  1.000 12.903  ? 120 TRP AAA CA  1 ? 
ATOM   704  C C   . TRP A 1 81  ? 8.042   -0.083  14.031  1.000 12.483  ? 120 TRP AAA C   1 ? 
ATOM   705  O O   . TRP A 1 81  ? 9.164   0.261   14.445  1.000 13.622  ? 120 TRP AAA O   1 ? 
ATOM   706  C CB  . TRP A 1 81  ? 6.464   -0.879  15.798  1.000 13.194  ? 120 TRP AAA CB  1 ? 
ATOM   707  C CG  . TRP A 1 81  ? 7.529   -1.095  16.864  1.000 13.939  ? 120 TRP AAA CG  1 ? 
ATOM   708  C CD1 . TRP A 1 81  ? 8.505   -2.064  16.828  1.000 14.846  ? 120 TRP AAA CD1 1 ? 
ATOM   709  C CD2 . TRP A 1 81  ? 7.737   -0.317  18.059  1.000 12.859  ? 120 TRP AAA CD2 1 ? 
ATOM   710  N NE1 . TRP A 1 81  ? 9.292   -1.900  17.950  1.000 14.656  ? 120 TRP AAA NE1 1 ? 
ATOM   711  C CE2 . TRP A 1 81  ? 8.873   -0.846  18.711  1.000 14.091  ? 120 TRP AAA CE2 1 ? 
ATOM   712  C CE3 . TRP A 1 81  ? 7.098   0.773   18.661  1.000 13.638  ? 120 TRP AAA CE3 1 ? 
ATOM   713  C CZ2 . TRP A 1 81  ? 9.326   -0.348  19.932  1.000 14.717  ? 120 TRP AAA CZ2 1 ? 
ATOM   714  C CZ3 . TRP A 1 81  ? 7.565   1.283   19.861  1.000 13.539  ? 120 TRP AAA CZ3 1 ? 
ATOM   715  C CH2 . TRP A 1 81  ? 8.695   0.723   20.489  1.000 14.655  ? 120 TRP AAA CH2 1 ? 
ATOM   716  N N   . ASN A 1 82  ? 7.892   -0.729  12.872  1.000 12.982  ? 121 ASN AAA N   1 ? 
ATOM   717  C CA  . ASN A 1 82  ? 9.098   -1.134  12.144  1.000 13.029  ? 121 ASN AAA CA  1 ? 
ATOM   718  C C   . ASN A 1 82  ? 8.859   -1.144  10.641  1.000 12.763  ? 121 ASN AAA C   1 ? 
ATOM   719  O O   . ASN A 1 82  ? 7.724   -0.989  10.159  1.000 12.910  ? 121 ASN AAA O   1 ? 
ATOM   720  C CB  . ASN A 1 82  ? 9.657   -2.454  12.666  1.000 13.643  ? 121 ASN AAA CB  1 ? 
ATOM   721  C CG  . ASN A 1 82  ? 8.733   -3.624  12.447  1.000 12.357  ? 121 ASN AAA CG  1 ? 
ATOM   722  O OD1 . ASN A 1 82  ? 8.031   -3.667  11.419  1.000 13.487  ? 121 ASN AAA OD1 1 ? 
ATOM   723  N ND2 . ASN A 1 82  ? 8.672   -4.622  13.319  1.000 14.348  ? 121 ASN AAA ND2 1 ? 
ATOM   724  N N   . ALA A 1 83  ? 9.945   -1.279  9.892   1.000 12.589  ? 122 ALA AAA N   1 ? 
ATOM   725  C CA  . ALA A 1 83  ? 9.844   -1.281  8.439   1.000 13.232  ? 122 ALA AAA CA  1 ? 
ATOM   726  C C   . ALA A 1 83  ? 9.106   -2.497  7.937   1.000 12.273  ? 122 ALA AAA C   1 ? 
ATOM   727  O O   . ALA A 1 83  ? 8.463   -2.380  6.896   1.000 12.368  ? 122 ALA AAA O   1 ? 
ATOM   728  C CB  . ALA A 1 83  ? 11.246  -1.268  7.856   1.000 15.465  ? 122 ALA AAA CB  1 ? 
ATOM   729  N N   . GLN A 1 84  ? 9.234   -3.643  8.560   1.000 12.001  ? 123 GLN AAA N   1 ? 
ATOM   730  C CA  . GLN A 1 84  ? 8.592   -4.854  8.102   1.000 12.842  ? 123 GLN AAA CA  1 ? 
ATOM   731  C C   . GLN A 1 84  ? 7.088   -4.656  8.000   1.000 10.813  ? 123 GLN AAA C   1 ? 
ATOM   732  O O   . GLN A 1 84  ? 6.488   -5.158  7.058   1.000 11.270  ? 123 GLN AAA O   1 ? 
ATOM   733  C CB  . GLN A 1 84  ? 8.872   -6.051  9.013   1.000 15.577  ? 123 GLN AAA CB  1 ? 
ATOM   734  C CG  . GLN A 1 84  ? 8.359   -7.360  8.389   1.000 20.688  ? 123 GLN AAA CG  1 ? 
ATOM   735  C CD  . GLN A 1 84  ? 8.624   -7.445  6.887   0.500 23.153  ? 123 GLN AAA CD  1 ? 
ATOM   736  O OE1 . GLN A 1 84  ? 7.702   -7.482  6.031   0.500 23.341  ? 123 GLN AAA OE1 1 ? 
ATOM   737  N NE2 . GLN A 1 84  ? 9.898   -7.354  6.533   0.500 24.557  ? 123 GLN AAA NE2 1 ? 
ATOM   738  N N   . GLU A 1 85  ? 6.479   -3.938  8.965   1.000 10.702  ? 124 GLU AAA N   1 ? 
ATOM   739  C CA  . GLU A 1 85  ? 5.037   -3.680  8.882   1.000 10.893  ? 124 GLU AAA CA  1 ? 
ATOM   740  C C   . GLU A 1 85  ? 4.679   -2.931  7.596   1.000 9.670   ? 124 GLU AAA C   1 ? 
ATOM   741  O O   . GLU A 1 85  ? 3.651   -3.225  6.950   1.000 10.686  ? 124 GLU AAA O   1 ? 
ATOM   742  C CB  . GLU A 1 85  ? 4.576   -2.849  10.072  1.000 10.531  ? 124 GLU AAA CB  1 ? 
ATOM   743  C CG  . GLU A 1 85  ? 4.576   -3.557  11.427  1.000 11.325  ? 124 GLU AAA CG  1 ? 
ATOM   744  C CD  . GLU A 1 85  ? 4.163   -2.463  12.436  1.000 13.775  ? 124 GLU AAA CD  1 ? 
ATOM   745  O OE1 . GLU A 1 85  ? 2.958   -2.341  12.743  1.000 17.223  ? 124 GLU AAA OE1 1 ? 
ATOM   746  O OE2 . GLU A 1 85  ? 4.960   -1.670  12.773  1.000 18.189  ? 124 GLU AAA OE2 1 ? 
ATOM   747  N N   . CYS A 1 86  ? 5.481   -1.975  7.230   1.000 9.640   ? 125 CYS AAA N   1 ? 
ATOM   748  C CA  . CYS A 1 86  ? 5.179   -1.141  6.055   1.000 10.113  ? 125 CYS AAA CA  1 ? 
ATOM   749  C C   . CYS A 1 86  ? 5.470   -1.930  4.779   1.000 10.441  ? 125 CYS AAA C   1 ? 
ATOM   750  O O   . CYS A 1 86  ? 4.677   -1.875  3.831   1.000 10.467  ? 125 CYS AAA O   1 ? 
ATOM   751  C CB  . CYS A 1 86  ? 6.029   0.111   6.145   1.000 10.861  ? 125 CYS AAA CB  1 ? 
ATOM   752  S SG  . CYS A 1 86  ? 5.855   1.185   4.709   1.000 12.573  ? 125 CYS AAA SG  1 ? 
ATOM   753  N N   . ILE A 1 87  ? 6.606   -2.653  4.730   1.000 10.455  ? 126 ILE AAA N   1 ? 
ATOM   754  C CA  . ILE A 1 87  ? 6.889   -3.510  3.585   1.000 10.910  ? 126 ILE AAA CA  1 ? 
ATOM   755  C C   . ILE A 1 87  ? 5.760   -4.506  3.383   1.000 11.025  ? 126 ILE AAA C   1 ? 
ATOM   756  O O   . ILE A 1 87  ? 5.342   -4.771  2.229   1.000 11.877  ? 126 ILE AAA O   1 ? 
ATOM   757  C CB  . ILE A 1 87  ? 8.264   -4.173  3.810   1.000 11.389  ? 126 ILE AAA CB  1 ? 
ATOM   758  C CG1 . ILE A 1 87  ? 9.359   -3.127  3.685   1.000 12.318  ? 126 ILE AAA CG1 1 ? 
ATOM   759  C CG2 . ILE A 1 87  ? 8.497   -5.284  2.796   1.000 12.400  ? 126 ILE AAA CG2 1 ? 
ATOM   760  C CD1 . ILE A 1 87  ? 10.740  -3.631  4.219   1.000 14.096  ? 126 ILE AAA CD1 1 ? 
ATOM   761  N N   . GLN A 1 88  ? 5.228   -5.047  4.469   1.000 10.702  ? 127 GLN AAA N   1 ? 
ATOM   762  C CA  . GLN A 1 88  ? 4.139   -5.992  4.331   1.000 11.495  ? 127 GLN AAA CA  1 ? 
ATOM   763  C C   . GLN A 1 88  ? 2.923   -5.296  3.713   1.000 10.119  ? 127 GLN AAA C   1 ? 
ATOM   764  O O   . GLN A 1 88  ? 2.228   -5.929  2.922   1.000 11.119  ? 127 GLN AAA O   1 ? 
ATOM   765  C CB  . GLN A 1 88  ? 3.762   -6.568  5.704   1.000 12.738  ? 127 GLN AAA CB  1 ? 
ATOM   766  C CG  . GLN A 1 88  ? 2.557   -7.509  5.612   1.000 18.926  ? 127 GLN AAA CG  1 ? 
ATOM   767  C CD  . GLN A 1 88  ? 2.831   -8.644  4.645   1.000 24.013  ? 127 GLN AAA CD  1 ? 
ATOM   768  O OE1 . GLN A 1 88  ? 2.274   -8.760  3.528   1.000 26.328  ? 127 GLN AAA OE1 1 ? 
ATOM   769  N NE2 . GLN A 1 88  ? 3.766   -9.495  5.050   1.000 24.397  ? 127 GLN AAA NE2 1 ? 
ATOM   770  N N   . ASP A 1 89  ? 2.631   -4.054  4.097   1.000 10.191  ? 128 ASP AAA N   1 ? 
ATOM   771  C CA  . ASP A 1 89  ? 1.519   -3.335  3.472   1.000 9.773   ? 128 ASP AAA CA  1 ? 
ATOM   772  C C   . ASP A 1 89  ? 1.725   -3.207  1.965   1.000 9.788   ? 128 ASP AAA C   1 ? 
ATOM   773  O O   . ASP A 1 89  ? 0.785   -3.425  1.187   1.000 9.933   ? 128 ASP AAA O   1 ? 
ATOM   774  C CB  . ASP A 1 89  ? 1.346   -1.967  4.118   1.000 9.918   ? 128 ASP AAA CB  1 ? 
ATOM   775  C CG  . ASP A 1 89  ? 0.724   -2.001  5.530   1.000 10.603  ? 128 ASP AAA CG  1 ? 
ATOM   776  O OD1 . ASP A 1 89  ? 0.155   -3.044  5.885   1.000 12.193  ? 128 ASP AAA OD1 1 ? 
ATOM   777  O OD2 . ASP A 1 89  ? 0.837   -0.977  6.205   1.000 11.396  ? 128 ASP AAA OD2 1 ? 
ATOM   778  N N   . PHE A 1 90  ? 2.926   -2.802  1.510   1.000 9.636   ? 129 PHE AAA N   1 ? 
ATOM   779  C CA  . PHE A 1 90  ? 3.164   -2.772  0.065   1.000 9.897   ? 129 PHE AAA CA  1 ? 
ATOM   780  C C   . PHE A 1 90  ? 2.923   -4.139  -0.573  1.000 9.759   ? 129 PHE AAA C   1 ? 
ATOM   781  O O   . PHE A 1 90  ? 2.270   -4.244  -1.623  1.000 10.571  ? 129 PHE AAA O   1 ? 
ATOM   782  C CB  . PHE A 1 90  ? 4.565   -2.270  -0.228  1.000 11.491  ? 129 PHE AAA CB  1 ? 
ATOM   783  C CG  . PHE A 1 90  ? 4.739   -0.777  -0.203  1.000 10.793  ? 129 PHE AAA CG  1 ? 
ATOM   784  C CD1 . PHE A 1 90  ? 4.371   -0.008  -1.295  1.000 11.730  ? 129 PHE AAA CD1 1 ? 
ATOM   785  C CD2 . PHE A 1 90  ? 5.340   -0.181  0.897   1.000 10.973  ? 129 PHE AAA CD2 1 ? 
ATOM   786  C CE1 . PHE A 1 90  ? 4.595   1.347   -1.258  1.000 12.482  ? 129 PHE AAA CE1 1 ? 
ATOM   787  C CE2 . PHE A 1 90  ? 5.525   1.194   0.911   1.000 12.312  ? 129 PHE AAA CE2 1 ? 
ATOM   788  C CZ  . PHE A 1 90  ? 5.153   1.958   -0.178  1.000 13.261  ? 129 PHE AAA CZ  1 ? 
ATOM   789  N N   . ASN A 1 91  ? 3.466   -5.189  0.025   1.000 10.477  ? 130 ASN AAA N   1 ? 
ATOM   790  C CA  . ASN A 1 91  ? 3.320   -6.503  -0.550  1.000 11.499  ? 130 ASN AAA CA  1 ? 
ATOM   791  C C   . ASN A 1 91  ? 1.846   -6.899  -0.590  1.000 11.293  ? 130 ASN AAA C   1 ? 
ATOM   792  O O   . ASN A 1 91  ? 1.403   -7.573  -1.532  1.000 11.887  ? 130 ASN AAA O   1 ? 
ATOM   793  C CB  . ASN A 1 91  ? 4.193   -7.526  0.168   1.000 13.388  ? 130 ASN AAA CB  1 ? 
ATOM   794  C CG  . ASN A 1 91  ? 5.634   -7.327  -0.306  1.000 17.909  ? 130 ASN AAA CG  1 ? 
ATOM   795  O OD1 . ASN A 1 91  ? 5.899   -7.025  -1.477  1.000 24.622  ? 130 ASN AAA OD1 1 ? 
ATOM   796  N ND2 . ASN A 1 91  ? 6.573   -7.380  0.583   1.000 20.479  ? 130 ASN AAA ND2 1 ? 
ATOM   797  N N   . THR A 1 92  ? 1.094   -6.583  0.447   1.000 10.131  ? 131 THR AAA N   1 ? 
ATOM   798  C CA  . THR A 1 92  ? -0.347  -6.896  0.444   1.000 11.290  ? 131 THR AAA CA  1 ? 
ATOM   799  C C   . THR A 1 92  ? -1.027  -6.210  -0.740  1.000 10.094  ? 131 THR AAA C   1 ? 
ATOM   800  O O   . THR A 1 92  ? -1.854  -6.811  -1.435  1.000 10.713  ? 131 THR AAA O   1 ? 
ATOM   801  C CB  . THR A 1 92  ? -0.967  -6.447  1.765   1.000 10.814  ? 131 THR AAA CB  1 ? 
ATOM   802  O OG1 . THR A 1 92  ? -0.421  -7.260  2.805   1.000 13.642  ? 131 THR AAA OG1 1 ? 
ATOM   803  C CG2 . THR A 1 92  ? -2.480  -6.566  1.782   1.000 12.093  ? 131 THR AAA CG2 1 ? 
ATOM   804  N N   . MET A 1 93  ? -0.721  -4.930  -0.932  1.000 9.821   ? 132 MET AAA N   1 ? 
ATOM   805  C CA  . MET A 1 93  ? -1.299  -4.186  -2.044  1.000 10.285  ? 132 MET AAA CA  1 ? 
ATOM   806  C C   . MET A 1 93  ? -1.024  -4.854  -3.387  1.000 9.232   ? 132 MET AAA C   1 ? 
ATOM   807  O O   . MET A 1 93  ? -1.914  -5.048  -4.213  1.000 9.803   ? 132 MET AAA O   1 ? 
ATOM   808  C CB  . MET A 1 93  ? -0.731  -2.780  -2.057  1.000 9.770   ? 132 MET AAA CB  1 ? 
ATOM   809  C CG  . MET A 1 93  ? -1.238  -1.912  -3.194  1.000 11.055  ? 132 MET AAA CG  1 ? 
ATOM   810  S SD  . MET A 1 93  ? -0.463  -0.290  -3.222  1.000 10.944  ? 132 MET AAA SD  1 ? 
ATOM   811  C CE  . MET A 1 93  ? 1.115   -0.676  -3.975  1.000 14.918  ? 132 MET AAA CE  1 ? 
ATOM   812  N N   . PHE A 1 94  ? 0.229   -5.258  -3.617  1.000 9.991   ? 133 PHE AAA N   1 ? 
ATOM   813  C CA  . PHE A 1 94  ? 0.532   -5.928  -4.894  1.000 10.213  ? 133 PHE AAA CA  1 ? 
ATOM   814  C C   . PHE A 1 94  ? -0.205  -7.253  -4.996  1.000 10.612  ? 133 PHE AAA C   1 ? 
ATOM   815  O O   . PHE A 1 94  ? -0.779  -7.550  -6.051  1.000 10.833  ? 133 PHE AAA O   1 ? 
ATOM   816  C CB  . PHE A 1 94  ? 2.044   -6.143  -5.058  1.000 10.538  ? 133 PHE AAA CB  1 ? 
ATOM   817  C CG  . PHE A 1 94  ? 2.847   -4.876  -5.100  1.000 10.612  ? 133 PHE AAA CG  1 ? 
ATOM   818  C CD1 . PHE A 1 94  ? 2.489   -3.906  -6.022  1.000 13.001  ? 133 PHE AAA CD1 1 ? 
ATOM   819  C CD2 . PHE A 1 94  ? 3.957   -4.618  -4.274  1.000 12.180  ? 133 PHE AAA CD2 1 ? 
ATOM   820  C CE1 . PHE A 1 94  ? 3.215   -2.733  -6.140  1.000 14.983  ? 133 PHE AAA CE1 1 ? 
ATOM   821  C CE2 . PHE A 1 94  ? 4.641   -3.407  -4.373  1.000 13.886  ? 133 PHE AAA CE2 1 ? 
ATOM   822  C CZ  . PHE A 1 94  ? 4.257   -2.473  -5.289  1.000 14.424  ? 133 PHE AAA CZ  1 ? 
ATOM   823  N N   . THR A 1 95  ? -0.141  -8.067  -3.933  1.000 11.651  ? 134 THR AAA N   1 ? 
ATOM   824  C CA  A THR A 1 95  ? -0.793  -9.358  -3.998  0.500 13.330  ? 134 THR AAA CA  1 ? 
ATOM   825  C CA  B THR A 1 95  ? -0.824  -9.352  -3.888  0.500 11.881  ? 134 THR AAA CA  1 ? 
ATOM   826  C C   . THR A 1 95  ? -2.299  -9.210  -4.196  1.000 11.916  ? 134 THR AAA C   1 ? 
ATOM   827  O O   . THR A 1 95  ? -2.854  -10.015 -4.942  1.000 12.809  ? 134 THR AAA O   1 ? 
ATOM   828  C CB  A THR A 1 95  ? -0.282  -10.277 -2.886  0.500 14.161  ? 134 THR AAA CB  1 ? 
ATOM   829  C CB  B THR A 1 95  ? -0.689  -10.050 -2.527  0.500 10.926  ? 134 THR AAA CB  1 ? 
ATOM   830  O OG1 A THR A 1 95  ? -0.589  -9.589  -1.686  0.500 19.913  ? 134 THR AAA OG1 1 ? 
ATOM   831  O OG1 B THR A 1 95  ? 0.711   -10.209 -2.387  0.500 12.065  ? 134 THR AAA OG1 1 ? 
ATOM   832  C CG2 A THR A 1 95  ? 1.216   -10.457 -2.940  0.500 14.635  ? 134 THR AAA CG2 1 ? 
ATOM   833  C CG2 B THR A 1 95  ? -1.358  -11.405 -2.516  0.500 11.531  ? 134 THR AAA CG2 1 ? 
ATOM   834  N N   . ASN A 1 96  ? -2.939  -8.235  -3.605  1.000 11.904  ? 135 ASN AAA N   1 ? 
ATOM   835  C CA  . ASN A 1 96  ? -4.361  -8.069  -3.855  1.000 12.319  ? 135 ASN AAA CA  1 ? 
ATOM   836  C C   . ASN A 1 96  ? -4.645  -7.919  -5.343  1.000 11.215  ? 135 ASN AAA C   1 ? 
ATOM   837  O O   . ASN A 1 96  ? -5.596  -8.495  -5.882  1.000 11.374  ? 135 ASN AAA O   1 ? 
ATOM   838  C CB  . ASN A 1 96  ? -4.904  -6.822  -3.182  1.000 13.345  ? 135 ASN AAA CB  1 ? 
ATOM   839  C CG  . ASN A 1 96  ? -4.961  -6.890  -1.656  1.000 14.388  ? 135 ASN AAA CG  1 ? 
ATOM   840  O OD1 . ASN A 1 96  ? -4.829  -7.976  -1.100  1.000 16.577  ? 135 ASN AAA OD1 1 ? 
ATOM   841  N ND2 . ASN A 1 96  ? -5.204  -5.708  -1.129  1.000 18.310  ? 135 ASN AAA ND2 1 ? 
ATOM   842  N N   . CYS A 1 97  ? -3.807  -7.117  -6.000  1.000 9.989   ? 136 CYS AAA N   1 ? 
ATOM   843  C CA  . CYS A 1 97  ? -3.988  -6.847  -7.418  1.000 10.246  ? 136 CYS AAA CA  1 ? 
ATOM   844  C C   . CYS A 1 97  ? -3.834  -8.130  -8.236  1.000 10.030  ? 136 CYS AAA C   1 ? 
ATOM   845  O O   . CYS A 1 97  ? -4.629  -8.436  -9.118  1.000 10.571  ? 136 CYS AAA O   1 ? 
ATOM   846  C CB  . CYS A 1 97  ? -2.985  -5.793  -7.855  1.000 10.610  ? 136 CYS AAA CB  1 ? 
ATOM   847  S SG  . CYS A 1 97  ? -3.156  -5.280  -9.560  1.000 12.648  ? 136 CYS AAA SG  1 ? 
ATOM   848  N N   . TYR A 1 98  ? -2.801  -8.904  -7.893  1.000 10.330  ? 137 TYR AAA N   1 ? 
ATOM   849  C CA  . TYR A 1 98  ? -2.497  -10.106 -8.632  1.000 11.811  ? 137 TYR AAA CA  1 ? 
ATOM   850  C C   . TYR A 1 98  ? -3.529  -11.199 -8.372  1.000 12.177  ? 137 TYR AAA C   1 ? 
ATOM   851  O O   . TYR A 1 98  ? -3.785  -12.045 -9.269  1.000 14.128  ? 137 TYR AAA O   1 ? 
ATOM   852  C CB  . TYR A 1 98  ? -1.099  -10.624 -8.292  1.000 11.961  ? 137 TYR AAA CB  1 ? 
ATOM   853  C CG  . TYR A 1 98  ? -0.030  -9.583  -8.488  1.000 11.695  ? 137 TYR AAA CG  1 ? 
ATOM   854  C CD1 . TYR A 1 98  ? -0.092  -8.614  -9.484  1.000 11.405  ? 137 TYR AAA CD1 1 ? 
ATOM   855  C CD2 . TYR A 1 98  ? 1.102   -9.628  -7.710  1.000 11.673  ? 137 TYR AAA CD2 1 ? 
ATOM   856  C CE1 . TYR A 1 98  ? 0.926   -7.691  -9.693  1.000 12.488  ? 137 TYR AAA CE1 1 ? 
ATOM   857  C CE2 . TYR A 1 98  ? 2.127   -8.724  -7.910  1.000 11.949  ? 137 TYR AAA CE2 1 ? 
ATOM   858  C CZ  . TYR A 1 98  ? 2.036   -7.749  -8.877  1.000 11.738  ? 137 TYR AAA CZ  1 ? 
ATOM   859  O OH  . TYR A 1 98  ? 3.034   -6.828  -9.080  1.000 14.471  ? 137 TYR AAA OH  1 ? 
ATOM   860  N N   . ILE A 1 99  ? -4.129  -11.236 -7.199  1.000 11.783  ? 138 ILE AAA N   1 ? 
ATOM   861  C CA  . ILE A 1 99  ? -5.165  -12.228 -6.884  1.000 12.939  ? 138 ILE AAA CA  1 ? 
ATOM   862  C C   . ILE A 1 99  ? -6.460  -11.865 -7.593  1.000 12.682  ? 138 ILE AAA C   1 ? 
ATOM   863  O O   . ILE A 1 99  ? -7.129  -12.770 -8.129  1.000 15.067  ? 138 ILE AAA O   1 ? 
ATOM   864  C CB  . ILE A 1 99  ? -5.362  -12.310 -5.351  1.000 14.940  ? 138 ILE AAA CB  1 ? 
ATOM   865  C CG1 . ILE A 1 99  ? -4.135  -13.017 -4.770  1.000 18.799  ? 138 ILE AAA CG1 1 ? 
ATOM   866  C CG2 . ILE A 1 99  ? -6.655  -13.045 -4.992  1.000 17.307  ? 138 ILE AAA CG2 1 ? 
ATOM   867  C CD1 . ILE A 1 99  ? -4.145  -13.204 -3.302  1.000 26.052  ? 138 ILE AAA CD1 1 ? 
ATOM   868  N N   . TYR A 1 100 ? -6.871  -10.594 -7.571  1.000 12.155  ? 139 TYR AAA N   1 ? 
ATOM   869  C CA  . TYR A 1 100 ? -8.173  -10.239 -8.089  1.000 12.413  ? 139 TYR AAA CA  1 ? 
ATOM   870  C C   . TYR A 1 100 ? -8.217  -10.240 -9.611  1.000 12.580  ? 139 TYR AAA C   1 ? 
ATOM   871  O O   . TYR A 1 100 ? -9.266  -10.535 -10.199 1.000 13.618  ? 139 TYR AAA O   1 ? 
ATOM   872  C CB  . TYR A 1 100 ? -8.631  -8.900  -7.510  1.000 13.086  ? 139 TYR AAA CB  1 ? 
ATOM   873  C CG  . TYR A 1 100 ? -10.033 -8.556  -7.937  1.000 12.061  ? 139 TYR AAA CG  1 ? 
ATOM   874  C CD1 . TYR A 1 100 ? -11.106 -9.155  -7.296  1.000 12.801  ? 139 TYR AAA CD1 1 ? 
ATOM   875  C CD2 . TYR A 1 100 ? -10.291 -7.692  -8.983  1.000 12.683  ? 139 TYR AAA CD2 1 ? 
ATOM   876  C CE1 . TYR A 1 100 ? -12.395 -8.922  -7.726  1.000 13.467  ? 139 TYR AAA CE1 1 ? 
ATOM   877  C CE2 . TYR A 1 100 ? -11.593 -7.452  -9.410  1.000 13.121  ? 139 TYR AAA CE2 1 ? 
ATOM   878  C CZ  . TYR A 1 100 ? -12.656 -8.071  -8.777  1.000 13.426  ? 139 TYR AAA CZ  1 ? 
ATOM   879  O OH  . TYR A 1 100 ? -13.950 -7.841  -9.210  1.000 16.037  ? 139 TYR AAA OH  1 ? 
ATOM   880  N N   . ASN A 1 101 ? -7.153  -9.779  -10.266 1.000 12.392  ? 140 ASN AAA N   1 ? 
ATOM   881  C CA  . ASN A 1 101 ? -7.164  -9.465  -11.683 1.000 12.591  ? 140 ASN AAA CA  1 ? 
ATOM   882  C C   . ASN A 1 101 ? -6.483  -10.566 -12.487 1.000 13.496  ? 140 ASN AAA C   1 ? 
ATOM   883  O O   . ASN A 1 101 ? -5.601  -11.284 -12.023 1.000 17.029  ? 140 ASN AAA O   1 ? 
ATOM   884  C CB  . ASN A 1 101 ? -6.497  -8.123  -11.946 1.000 12.260  ? 140 ASN AAA CB  1 ? 
ATOM   885  C CG  . ASN A 1 101 ? -7.215  -7.017  -11.233 1.000 11.113  ? 140 ASN AAA CG  1 ? 
ATOM   886  O OD1 . ASN A 1 101 ? -8.247  -6.556  -11.689 1.000 13.058  ? 140 ASN AAA OD1 1 ? 
ATOM   887  N ND2 . ASN A 1 101 ? -6.668  -6.556  -10.130 1.000 12.971  ? 140 ASN AAA ND2 1 ? 
ATOM   888  N N   . LYS A 1 102 ? -6.808  -10.613 -13.769 1.000 15.980  ? 141 LYS AAA N   1 ? 
ATOM   889  C CA  . LYS A 1 102 ? -6.229  -11.577 -14.702 1.000 17.007  ? 141 LYS AAA CA  1 ? 
ATOM   890  C C   . LYS A 1 102 ? -4.788  -11.202 -15.007 1.000 15.466  ? 141 LYS AAA C   1 ? 
ATOM   891  O O   . LYS A 1 102 ? -4.454  -10.023 -15.191 1.000 15.875  ? 141 LYS AAA O   1 ? 
ATOM   892  C CB  . LYS A 1 102 ? -7.038  -11.622 -16.005 1.000 19.247  ? 141 LYS AAA CB  1 ? 
ATOM   893  C CG  . LYS A 1 102 ? -8.429  -12.241 -15.888 1.000 27.568  ? 141 LYS AAA CG  1 ? 
ATOM   894  C CD  . LYS A 1 102 ? -8.962  -12.681 -17.247 0.500 29.060  ? 141 LYS AAA CD  1 ? 
ATOM   895  C CE  . LYS A 1 102 ? -10.458 -12.895 -17.277 0.500 32.338  ? 141 LYS AAA CE  1 ? 
ATOM   896  N NZ  . LYS A 1 102 ? -11.156 -11.592 -17.272 1.000 40.092  ? 141 LYS AAA NZ  1 ? 
ATOM   897  N N   . PRO A 1 103 ? -3.849  -12.152 -15.144 1.000 16.073  ? 142 PRO AAA N   1 ? 
ATOM   898  C CA  . PRO A 1 103 ? -2.467  -11.801 -15.469 1.000 17.128  ? 142 PRO AAA CA  1 ? 
ATOM   899  C C   . PRO A 1 103 ? -2.428  -11.039 -16.791 1.000 18.034  ? 142 PRO AAA C   1 ? 
ATOM   900  O O   . PRO A 1 103 ? -3.213  -11.313 -17.697 1.000 21.613  ? 142 PRO AAA O   1 ? 
ATOM   901  C CB  . PRO A 1 103 ? -1.752  -13.165 -15.557 1.000 19.453  ? 142 PRO AAA CB  1 ? 
ATOM   902  C CG  . PRO A 1 103 ? -2.880  -14.126 -15.795 1.000 22.212  ? 142 PRO AAA CG  1 ? 
ATOM   903  C CD  . PRO A 1 103 ? -4.020  -13.608 -14.938 1.000 16.485  ? 142 PRO AAA CD  1 ? 
ATOM   904  N N   . GLY A 1 104 ? -1.526  -10.069 -16.928 1.000 19.853  ? 143 GLY AAA N   1 ? 
ATOM   905  C CA  . GLY A 1 104 ? -1.588  -9.325  -18.189 1.000 22.861  ? 143 GLY AAA CA  1 ? 
ATOM   906  C C   . GLY A 1 104 ? -2.710  -8.270  -18.353 1.000 20.823  ? 143 GLY AAA C   1 ? 
ATOM   907  O O   . GLY A 1 104 ? -2.592  -7.461  -19.293 1.000 23.045  ? 143 GLY AAA O   1 ? 
ATOM   908  N N   . ASP A 1 105 ? -3.750  -8.204  -17.476 1.000 17.517  ? 144 ASP AAA N   1 ? 
ATOM   909  C CA  . ASP A 1 105 ? -4.616  -7.037  -17.411 1.000 16.577  ? 144 ASP AAA CA  1 ? 
ATOM   910  C C   . ASP A 1 105 ? -3.791  -5.763  -17.183 1.000 13.743  ? 144 ASP AAA C   1 ? 
ATOM   911  O O   . ASP A 1 105 ? -2.731  -5.801  -16.534 1.000 13.592  ? 144 ASP AAA O   1 ? 
ATOM   912  C CB  . ASP A 1 105 ? -5.623  -7.129  -16.253 1.000 18.420  ? 144 ASP AAA CB  1 ? 
ATOM   913  C CG  . ASP A 1 105 ? -6.858  -7.989  -16.427 1.000 22.111  ? 144 ASP AAA CG  1 ? 
ATOM   914  O OD1 . ASP A 1 105 ? -7.054  -8.471  -17.554 1.000 24.339  ? 144 ASP AAA OD1 1 ? 
ATOM   915  O OD2 . ASP A 1 105 ? -7.618  -8.137  -15.436 1.000 24.527  ? 144 ASP AAA OD2 1 ? 
ATOM   916  N N   . ASP A 1 106 ? -4.270  -4.619  -17.695 1.000 12.772  ? 145 ASP AAA N   1 ? 
ATOM   917  C CA  . ASP A 1 106 ? -3.542  -3.394  -17.518 1.000 11.898  ? 145 ASP AAA CA  1 ? 
ATOM   918  C C   . ASP A 1 106 ? -3.180  -3.153  -16.061 1.000 11.959  ? 145 ASP AAA C   1 ? 
ATOM   919  O O   . ASP A 1 106 ? -2.048  -2.744  -15.791 1.000 12.071  ? 145 ASP AAA O   1 ? 
ATOM   920  C CB  . ASP A 1 106 ? -4.343  -2.213  -18.040 1.000 12.999  ? 145 ASP AAA CB  1 ? 
ATOM   921  C CG  . ASP A 1 106 ? -4.336  -2.120  -19.569 1.000 14.302  ? 145 ASP AAA CG  1 ? 
ATOM   922  O OD1 . ASP A 1 106 ? -3.524  -2.740  -20.241 1.000 14.739  ? 145 ASP AAA OD1 1 ? 
ATOM   923  O OD2 . ASP A 1 106 ? -5.212  -1.328  -20.051 1.000 16.110  ? 145 ASP AAA OD2 1 ? 
ATOM   924  N N   . ILE A 1 107 ? -4.130  -3.326  -15.146 1.000 11.409  ? 146 ILE AAA N   1 ? 
ATOM   925  C CA  . ILE A 1 107 ? -3.815  -2.988  -13.761 1.000 11.632  ? 146 ILE AAA CA  1 ? 
ATOM   926  C C   . ILE A 1 107 ? -2.664  -3.868  -13.222 1.000 10.592  ? 146 ILE AAA C   1 ? 
ATOM   927  O O   . ILE A 1 107 ? -1.887  -3.427  -12.393 1.000 10.569  ? 146 ILE AAA O   1 ? 
ATOM   928  C CB  . ILE A 1 107 ? -5.089  -3.089  -12.910 1.000 13.517  ? 146 ILE AAA CB  1 ? 
ATOM   929  C CG1 . ILE A 1 107 ? -4.922  -2.522  -11.512 1.000 14.870  ? 146 ILE AAA CG1 1 ? 
ATOM   930  C CG2 . ILE A 1 107 ? -5.647  -4.490  -12.790 1.000 13.574  ? 146 ILE AAA CG2 1 ? 
ATOM   931  C CD1 . ILE A 1 107 ? -4.838  -1.058  -11.456 1.000 18.525  ? 146 ILE AAA CD1 1 ? 
ATOM   932  N N   . VAL A 1 108 ? -2.613  -5.120  -13.680 1.000 10.549  ? 147 VAL AAA N   1 ? 
ATOM   933  C CA  . VAL A 1 108 ? -1.537  -5.998  -13.243 1.000 10.985  ? 147 VAL AAA CA  1 ? 
ATOM   934  C C   . VAL A 1 108 ? -0.199  -5.514  -13.794 1.000 10.831  ? 147 VAL AAA C   1 ? 
ATOM   935  O O   . VAL A 1 108 ? 0.799   -5.505  -13.061 1.000 11.591  ? 147 VAL AAA O   1 ? 
ATOM   936  C CB  . VAL A 1 108 ? -1.834  -7.433  -13.678 1.000 11.842  ? 147 VAL AAA CB  1 ? 
ATOM   937  C CG1 . VAL A 1 108 ? -0.654  -8.376  -13.418 1.000 12.543  ? 147 VAL AAA CG1 1 ? 
ATOM   938  C CG2 . VAL A 1 108 ? -3.063  -7.932  -12.934 1.000 12.536  ? 147 VAL AAA CG2 1 ? 
ATOM   939  N N   . LEU A 1 109 ? -0.151  -5.108  -15.087 1.000 11.158  ? 148 LEU AAA N   1 ? 
ATOM   940  C CA  . LEU A 1 109 ? 1.108   -4.578  -15.632 1.000 11.220  ? 148 LEU AAA CA  1 ? 
ATOM   941  C C   . LEU A 1 109 ? 1.526   -3.325  -14.854 1.000 10.889  ? 148 LEU AAA C   1 ? 
ATOM   942  O O   . LEU A 1 109 ? 2.689   -3.086  -14.612 1.000 11.452  ? 148 LEU AAA O   1 ? 
ATOM   943  C CB  . LEU A 1 109 ? 0.922   -4.201  -17.105 1.000 12.843  ? 148 LEU AAA CB  1 ? 
ATOM   944  C CG  . LEU A 1 109 ? 0.627   -5.403  -18.001 1.000 15.644  ? 148 LEU AAA CG  1 ? 
ATOM   945  C CD1 . LEU A 1 109 ? 0.274   -4.899  -19.393 1.000 18.260  ? 148 LEU AAA CD1 1 ? 
ATOM   946  C CD2 . LEU A 1 109 ? 1.837   -6.340  -18.046 1.000 21.667  ? 148 LEU AAA CD2 1 ? 
ATOM   947  N N   . MET A 1 110 ? 0.558   -2.516  -14.425 1.000 11.007  ? 149 MET AAA N   1 ? 
ATOM   948  C CA  . MET A 1 110 ? 0.850   -1.307  -13.665 1.000 10.450  ? 149 MET AAA CA  1 ? 
ATOM   949  C C   . MET A 1 110 ? 1.437   -1.656  -12.297 1.000 10.326  ? 149 MET AAA C   1 ? 
ATOM   950  O O   . MET A 1 110 ? 2.470   -1.120  -11.904 1.000 10.781  ? 149 MET AAA O   1 ? 
ATOM   951  C CB  . MET A 1 110 ? -0.422  -0.477  -13.540 1.000 10.242  ? 149 MET AAA CB  1 ? 
ATOM   952  C CG  . MET A 1 110 ? -0.858  0.083   -14.910 1.000 11.180  ? 149 MET AAA CG  1 ? 
ATOM   953  S SD  . MET A 1 110 ? -2.557  0.756   -14.864 1.000 12.344  ? 149 MET AAA SD  1 ? 
ATOM   954  C CE  . MET A 1 110 ? -2.116  2.402   -14.395 1.000 14.506  ? 149 MET AAA CE  1 ? 
ATOM   955  N N   . ALA A 1 111 ? 0.791   -2.590  -11.606 1.000 9.988   ? 150 ALA AAA N   1 ? 
ATOM   956  C CA  . ALA A 1 111 ? 1.295   -3.074  -10.325 1.000 10.168  ? 150 ALA AAA CA  1 ? 
ATOM   957  C C   . ALA A 1 111 ? 2.701   -3.650  -10.500 1.000 10.442  ? 150 ALA AAA C   1 ? 
ATOM   958  O O   . ALA A 1 111 ? 3.558   -3.430  -9.643  1.000 11.470  ? 150 ALA AAA O   1 ? 
ATOM   959  C CB  . ALA A 1 111 ? 0.345   -4.094  -9.707  1.000 10.485  ? 150 ALA AAA CB  1 ? 
ATOM   960  N N   . GLU A 1 112 ? 2.924   -4.436  -11.536 1.000 10.870  ? 151 GLU AAA N   1 ? 
ATOM   961  C CA  . GLU A 1 112 ? 4.221   -5.054  -11.716 1.000 11.626  ? 151 GLU AAA CA  1 ? 
ATOM   962  C C   . GLU A 1 112 ? 5.315   -4.023  -11.924 1.000 11.430  ? 151 GLU AAA C   1 ? 
ATOM   963  O O   . GLU A 1 112 ? 6.434   -4.223  -11.451 1.000 11.965  ? 151 GLU AAA O   1 ? 
ATOM   964  C CB  . GLU A 1 112 ? 4.199   -6.014  -12.896 1.000 13.551  ? 151 GLU AAA CB  1 ? 
ATOM   965  C CG  . GLU A 1 112 ? 3.450   -7.265  -12.572 1.000 15.605  ? 151 GLU AAA CG  1 ? 
ATOM   966  C CD  . GLU A 1 112 ? 3.242   -8.271  -13.674 1.000 17.877  ? 151 GLU AAA CD  1 ? 
ATOM   967  O OE1 . GLU A 1 112 ? 3.233   -7.843  -14.808 1.000 21.636  ? 151 GLU AAA OE1 1 ? 
ATOM   968  O OE2 . GLU A 1 112 ? 3.014   -9.459  -13.341 1.000 23.452  ? 151 GLU AAA OE2 1 ? 
ATOM   969  N N   . ALA A 1 113 ? 5.038   -2.908  -12.629 1.000 11.834  ? 152 ALA AAA N   1 ? 
ATOM   970  C CA  . ALA A 1 113 ? 6.021   -1.853  -12.805 1.000 12.566  ? 152 ALA AAA CA  1 ? 
ATOM   971  C C   . ALA A 1 113 ? 6.346   -1.249  -11.453 1.000 12.089  ? 152 ALA AAA C   1 ? 
ATOM   972  O O   . ALA A 1 113 ? 7.515   -0.948  -11.165 1.000 12.512  ? 152 ALA AAA O   1 ? 
ATOM   973  C CB  . ALA A 1 113 ? 5.509   -0.831  -13.792 1.000 12.539  ? 152 ALA AAA CB  1 ? 
ATOM   974  N N   . LEU A 1 114 ? 5.323   -0.932  -10.650 1.000 11.398  ? 153 LEU AAA N   1 ? 
ATOM   975  C CA  . LEU A 1 114 ? 5.587   -0.393  -9.320  1.000 11.170  ? 153 LEU AAA CA  1 ? 
ATOM   976  C C   . LEU A 1 114 ? 6.347   -1.372  -8.432  1.000 10.422  ? 153 LEU AAA C   1 ? 
ATOM   977  O O   . LEU A 1 114 ? 7.237   -0.954  -7.684  1.000 11.192  ? 153 LEU AAA O   1 ? 
ATOM   978  C CB  . LEU A 1 114 ? 4.279   -0.017  -8.623  1.000 12.260  ? 153 LEU AAA CB  1 ? 
ATOM   979  C CG  . LEU A 1 114 ? 3.433   1.033   -9.337  1.000 16.150  ? 153 LEU AAA CG  1 ? 
ATOM   980  C CD1 . LEU A 1 114 ? 2.060   1.187   -8.740  1.000 18.656  ? 153 LEU AAA CD1 1 ? 
ATOM   981  C CD2 . LEU A 1 114 ? 4.124   2.374   -9.356  1.000 18.009  ? 153 LEU AAA CD2 1 ? 
ATOM   982  N N   . GLU A 1 115 ? 6.034   -2.644  -8.542  1.000 10.317  ? 154 GLU AAA N   1 ? 
ATOM   983  C CA  . GLU A 1 115 ? 6.701   -3.646  -7.704  1.000 11.005  ? 154 GLU AAA CA  1 ? 
ATOM   984  C C   . GLU A 1 115 ? 8.177   -3.791  -8.082  1.000 10.980  ? 154 GLU AAA C   1 ? 
ATOM   985  O O   . GLU A 1 115 ? 9.022   -3.978  -7.203  1.000 11.578  ? 154 GLU AAA O   1 ? 
ATOM   986  C CB  . GLU A 1 115 ? 5.975   -4.971  -7.778  1.000 11.632  ? 154 GLU AAA CB  1 ? 
ATOM   987  C CG  . GLU A 1 115 ? 6.549   -6.002  -6.827  1.000 13.441  ? 154 GLU AAA CG  1 ? 
ATOM   988  C CD  . GLU A 1 115 ? 5.932   -7.364  -6.972  1.000 15.777  ? 154 GLU AAA CD  1 ? 
ATOM   989  O OE1 . GLU A 1 115 ? 5.310   -7.668  -7.949  1.000 16.060  ? 154 GLU AAA OE1 1 ? 
ATOM   990  O OE2 . GLU A 1 115 ? 6.181   -8.168  -6.007  1.000 20.966  ? 154 GLU AAA OE2 1 ? 
ATOM   991  N N   . LYS A 1 116 ? 8.486   -3.678  -9.374  1.000 11.361  ? 155 LYS AAA N   1 ? 
ATOM   992  C CA  . LYS A 1 116 ? 9.884   -3.753  -9.769  1.000 12.408  ? 155 LYS AAA CA  1 ? 
ATOM   993  C C   . LYS A 1 116 ? 10.660  -2.612  -9.136  1.000 11.613  ? 155 LYS AAA C   1 ? 
ATOM   994  O O   . LYS A 1 116 ? 11.790  -2.795  -8.671  1.000 12.419  ? 155 LYS AAA O   1 ? 
ATOM   995  C CB  . LYS A 1 116 ? 9.932   -3.659  -11.296 1.000 13.639  ? 155 LYS AAA CB  1 ? 
ATOM   996  C CG  . LYS A 1 116 ? 11.352  -3.721  -11.854 1.000 15.886  ? 155 LYS AAA CG  1 ? 
ATOM   997  C CD  . LYS A 1 116 ? 11.370  -3.787  -13.345 1.000 17.455  ? 155 LYS AAA CD  1 ? 
ATOM   998  C CE  . LYS A 1 116 ? 12.784  -3.905  -13.900 1.000 22.789  ? 155 LYS AAA CE  1 ? 
ATOM   999  N NZ  . LYS A 1 116 ? 12.766  -4.032  -15.374 1.000 33.613  ? 155 LYS AAA NZ  1 ? 
ATOM   1000 N N   . LEU A 1 117 ? 10.100  -1.406  -9.150  1.000 12.230  ? 156 LEU AAA N   1 ? 
ATOM   1001 C CA  . LEU A 1 117 ? 10.755  -0.274  -8.535  1.000 12.992  ? 156 LEU AAA CA  1 ? 
ATOM   1002 C C   . LEU A 1 117 ? 10.876  -0.505  -7.037  1.000 11.812  ? 156 LEU AAA C   1 ? 
ATOM   1003 O O   . LEU A 1 117 ? 11.923  -0.178  -6.420  1.000 12.930  ? 156 LEU AAA O   1 ? 
ATOM   1004 C CB  . LEU A 1 117 ? 9.961   1.012   -8.847  1.000 15.045  ? 156 LEU AAA CB  1 ? 
ATOM   1005 C CG  . LEU A 1 117 ? 10.054  1.546   -10.275 1.000 21.949  ? 156 LEU AAA CG  1 ? 
ATOM   1006 C CD1 . LEU A 1 117 ? 9.093   2.710   -10.444 1.000 26.562  ? 156 LEU AAA CD1 1 ? 
ATOM   1007 C CD2 . LEU A 1 117 ? 11.446  2.051   -10.617 1.000 27.975  ? 156 LEU AAA CD2 1 ? 
ATOM   1008 N N   . PHE A 1 118 ? 9.759   -0.954  -6.438  1.000 11.599  ? 157 PHE AAA N   1 ? 
ATOM   1009 C CA  . PHE A 1 118 ? 9.760   -1.246  -5.013  1.000 11.578  ? 157 PHE AAA CA  1 ? 
ATOM   1010 C C   . PHE A 1 118 ? 10.912  -2.172  -4.630  1.000 11.340  ? 157 PHE AAA C   1 ? 
ATOM   1011 O O   . PHE A 1 118 ? 11.611  -1.891  -3.644  1.000 12.093  ? 157 PHE AAA O   1 ? 
ATOM   1012 C CB  . PHE A 1 118 ? 8.392   -1.826  -4.612  1.000 11.148  ? 157 PHE AAA CB  1 ? 
ATOM   1013 C CG  . PHE A 1 118 ? 8.267   -2.194  -3.154  1.000 11.688  ? 157 PHE AAA CG  1 ? 
ATOM   1014 C CD1 . PHE A 1 118 ? 8.105   -1.227  -2.191  1.000 12.505  ? 157 PHE AAA CD1 1 ? 
ATOM   1015 C CD2 . PHE A 1 118 ? 8.323   -3.528  -2.788  1.000 14.413  ? 157 PHE AAA CD2 1 ? 
ATOM   1016 C CE1 . PHE A 1 118 ? 7.984   -1.594  -0.847  1.000 14.510  ? 157 PHE AAA CE1 1 ? 
ATOM   1017 C CE2 . PHE A 1 118 ? 8.184   -3.896  -1.445  1.000 17.289  ? 157 PHE AAA CE2 1 ? 
ATOM   1018 C CZ  . PHE A 1 118 ? 8.022   -2.901  -0.510  1.000 17.299  ? 157 PHE AAA CZ  1 ? 
ATOM   1019 N N   . LEU A 1 119 ? 11.057  -3.273  -5.339  1.000 11.677  ? 158 LEU AAA N   1 ? 
ATOM   1020 C CA  . LEU A 1 119 ? 12.067  -4.277  -4.999  1.000 12.991  ? 158 LEU AAA CA  1 ? 
ATOM   1021 C C   . LEU A 1 119 ? 13.463  -3.645  -5.074  1.000 12.443  ? 158 LEU AAA C   1 ? 
ATOM   1022 O O   . LEU A 1 119 ? 14.314  -3.910  -4.201  1.000 13.520  ? 158 LEU AAA O   1 ? 
ATOM   1023 C CB  . LEU A 1 119 ? 11.943  -5.495  -5.916  1.000 16.442  ? 158 LEU AAA CB  1 ? 
ATOM   1024 C CG  . LEU A 1 119 ? 12.970  -6.617  -5.704  1.000 20.248  ? 158 LEU AAA CG  1 ? 
ATOM   1025 C CD1 . LEU A 1 119 ? 12.972  -7.060  -4.245  1.000 22.456  ? 158 LEU AAA CD1 1 ? 
ATOM   1026 C CD2 . LEU A 1 119 ? 12.672  -7.796  -6.629  1.000 22.549  ? 158 LEU AAA CD2 1 ? 
ATOM   1027 N N   . GLN A 1 120 ? 13.709  -2.848  -6.115  1.000 12.816  ? 159 GLN AAA N   1 ? 
ATOM   1028 C CA  . GLN A 1 120 ? 15.022  -2.216  -6.277  1.000 14.416  ? 159 GLN AAA CA  1 ? 
ATOM   1029 C C   . GLN A 1 120 ? 15.293  -1.386  -5.024  1.000 14.466  ? 159 GLN AAA C   1 ? 
ATOM   1030 O O   . GLN A 1 120 ? 16.410  -1.419  -4.461  1.000 15.919  ? 159 GLN AAA O   1 ? 
ATOM   1031 C CB  . GLN A 1 120 ? 14.987  -1.250  -7.467  1.000 18.588  ? 159 GLN AAA CB  1 ? 
ATOM   1032 C CG  . GLN A 1 120 ? 15.075  -1.801  -8.894  1.000 26.723  ? 159 GLN AAA CG  1 ? 
ATOM   1033 C CD  . GLN A 1 120 ? 14.852  -0.724  -9.939  0.500 25.688  ? 159 GLN AAA CD  1 ? 
ATOM   1034 O OE1 . GLN A 1 120 ? 14.998  0.477   -9.686  0.500 28.686  ? 159 GLN AAA OE1 1 ? 
ATOM   1035 N NE2 . GLN A 1 120 ? 14.513  -1.137  -11.155 0.500 27.091  ? 159 GLN AAA NE2 1 ? 
ATOM   1036 N N   . LYS A 1 121 ? 14.293  -0.607  -4.604  1.000 13.415  ? 160 LYS AAA N   1 ? 
ATOM   1037 C CA  . LYS A 1 121 ? 14.488  0.266   -3.451  1.000 14.649  ? 160 LYS AAA CA  1 ? 
ATOM   1038 C C   . LYS A 1 121 ? 14.626  -0.517  -2.158  1.000 14.643  ? 160 LYS AAA C   1 ? 
ATOM   1039 O O   . LYS A 1 121 ? 15.426  -0.127  -1.283  1.000 15.825  ? 160 LYS AAA O   1 ? 
ATOM   1040 C CB  . LYS A 1 121 ? 13.355  1.298   -3.330  1.000 15.868  ? 160 LYS AAA CB  1 ? 
ATOM   1041 C CG  . LYS A 1 121 ? 13.176  2.203   -4.531  1.000 18.709  ? 160 LYS AAA CG  1 ? 
ATOM   1042 C CD  . LYS A 1 121 ? 14.481  2.896   -4.827  1.000 21.907  ? 160 LYS AAA CD  1 ? 
ATOM   1043 C CE  . LYS A 1 121 ? 14.190  4.123   -5.644  1.000 25.111  ? 160 LYS AAA CE  1 ? 
ATOM   1044 N NZ  . LYS A 1 121 ? 15.425  4.612   -6.301  1.000 29.272  ? 160 LYS AAA NZ  1 ? 
ATOM   1045 N N   . ILE A 1 122 ? 13.860  -1.603  -1.983  1.000 12.943  ? 161 ILE AAA N   1 ? 
ATOM   1046 C CA  . ILE A 1 122 ? 13.935  -2.335  -0.720  1.000 13.980  ? 161 ILE AAA CA  1 ? 
ATOM   1047 C C   . ILE A 1 122 ? 15.238  -3.118  -0.629  1.000 13.423  ? 161 ILE AAA C   1 ? 
ATOM   1048 O O   . ILE A 1 122 ? 15.738  -3.347  0.470   1.000 14.684  ? 161 ILE AAA O   1 ? 
ATOM   1049 C CB  . ILE A 1 122 ? 12.734  -3.271  -0.548  1.000 17.532  ? 161 ILE AAA CB  1 ? 
ATOM   1050 C CG1 . ILE A 1 122 ? 11.454  -2.470  -0.324  1.000 20.595  ? 161 ILE AAA CG1 1 ? 
ATOM   1051 C CG2 . ILE A 1 122 ? 12.998  -4.285  0.571   1.000 23.179  ? 161 ILE AAA CG2 1 ? 
ATOM   1052 C CD1 . ILE A 1 122 ? 11.546  -1.487  0.817   1.000 20.781  ? 161 ILE AAA CD1 1 ? 
ATOM   1053 N N   . ASN A 1 123 ? 15.816  -3.530  -1.763  1.000 14.333  ? 162 ASN AAA N   1 ? 
ATOM   1054 C CA  . ASN A 1 123 ? 17.131  -4.156  -1.718  1.000 15.864  ? 162 ASN AAA CA  1 ? 
ATOM   1055 C C   . ASN A 1 123 ? 18.169  -3.214  -1.120  1.000 15.831  ? 162 ASN AAA C   1 ? 
ATOM   1056 O O   . ASN A 1 123 ? 19.175  -3.713  -0.602  1.000 17.779  ? 162 ASN AAA O   1 ? 
ATOM   1057 C CB  . ASN A 1 123 ? 17.529  -4.695  -3.101  1.000 17.911  ? 162 ASN AAA CB  1 ? 
ATOM   1058 C CG  . ASN A 1 123 ? 16.746  -5.940  -3.476  1.000 16.145  ? 162 ASN AAA CG  1 ? 
ATOM   1059 O OD1 . ASN A 1 123 ? 16.202  -6.627  -2.616  1.000 21.021  ? 162 ASN AAA OD1 1 ? 
ATOM   1060 N ND2 . ASN A 1 123 ? 16.767  -6.287  -4.752  1.000 21.065  ? 162 ASN AAA ND2 1 ? 
ATOM   1061 N N   . GLU A 1 124 ? 17.976  -1.895  -1.200  1.000 15.319  ? 163 GLU AAA N   1 ? 
ATOM   1062 C CA  . GLU A 1 124 ? 18.864  -0.887  -0.642  1.000 16.888  ? 163 GLU AAA CA  1 ? 
ATOM   1063 C C   . GLU A 1 124 ? 18.336  -0.288  0.668   1.000 17.154  ? 163 GLU AAA C   1 ? 
ATOM   1064 O O   . GLU A 1 124 ? 18.862  0.713   1.184   1.000 19.887  ? 163 GLU AAA O   1 ? 
ATOM   1065 C CB  . GLU A 1 124 ? 19.035  0.241   -1.664  1.000 18.077  ? 163 GLU AAA CB  1 ? 
ATOM   1066 C CG  . GLU A 1 124 ? 19.881  -0.252  -2.847  1.000 21.014  ? 163 GLU AAA CG  1 ? 
ATOM   1067 C CD  . GLU A 1 124 ? 21.378  -0.419  -2.589  1.000 21.019  ? 163 GLU AAA CD  1 ? 
ATOM   1068 O OE1 . GLU A 1 124 ? 21.844  -0.283  -1.447  1.000 22.762  ? 163 GLU AAA OE1 1 ? 
ATOM   1069 O OE2 . GLU A 1 124 ? 22.098  -0.638  -3.583  1.000 25.590  ? 163 GLU AAA OE2 1 ? 
ATOM   1070 N N   . LEU A 1 125 ? 17.333  -0.945  1.279   1.000 15.138  ? 164 LEU AAA N   1 ? 
ATOM   1071 C CA  . LEU A 1 125 ? 16.850  -0.471  2.568   1.000 15.840  ? 164 LEU AAA CA  1 ? 
ATOM   1072 C C   . LEU A 1 125 ? 18.070  -0.425  3.470   1.000 14.832  ? 164 LEU AAA C   1 ? 
ATOM   1073 O O   . LEU A 1 125 ? 18.746  -1.430  3.654   1.000 15.372  ? 164 LEU AAA O   1 ? 
ATOM   1074 C CB  . LEU A 1 125 ? 15.810  -1.453  3.097   1.000 16.347  ? 164 LEU AAA CB  1 ? 
ATOM   1075 C CG  . LEU A 1 125 ? 15.169  -1.073  4.434   1.000 14.771  ? 164 LEU AAA CG  1 ? 
ATOM   1076 C CD1 . LEU A 1 125 ? 14.141  0.042   4.199   1.000 16.835  ? 164 LEU AAA CD1 1 ? 
ATOM   1077 C CD2 . LEU A 1 125 ? 14.511  -2.290  5.064   1.000 17.083  ? 164 LEU AAA CD2 1 ? 
ATOM   1078 N N   . PRO A 1 126 ? 18.318  0.708   4.157   1.000 16.738  ? 165 PRO AAA N   1 ? 
ATOM   1079 C CA  . PRO A 1 126 ? 19.543  0.879   4.889   1.000 18.152  ? 165 PRO AAA CA  1 ? 
ATOM   1080 C C   . PRO A 1 126 ? 19.516  0.030   6.121   1.000 16.697  ? 165 PRO AAA C   1 ? 
ATOM   1081 O O   . PRO A 1 126 ? 18.492  -0.314  6.750   1.000 16.166  ? 165 PRO AAA O   1 ? 
ATOM   1082 C CB  . PRO A 1 126 ? 19.562  2.342   5.328   1.000 19.785  ? 165 PRO AAA CB  1 ? 
ATOM   1083 C CG  . PRO A 1 126 ? 18.108  2.641   5.454   1.000 23.116  ? 165 PRO AAA CG  1 ? 
ATOM   1084 C CD  . PRO A 1 126 ? 17.509  1.936   4.243   1.000 21.161  ? 165 PRO AAA CD  1 ? 
ATOM   1085 N N   . THR A 1 127 ? 20.747  -0.305  6.517   1.000 17.874  ? 166 THR AAA N   1 ? 
ATOM   1086 C CA  . THR A 1 127 ? 20.903  -1.016  7.769   1.000 18.462  ? 166 THR AAA CA  1 ? 
ATOM   1087 C C   . THR A 1 127 ? 20.258  -0.182  8.890   1.000 18.130  ? 166 THR AAA C   1 ? 
ATOM   1088 O O   . THR A 1 127 ? 20.412  1.038   8.922   1.000 20.976  ? 166 THR AAA O   1 ? 
ATOM   1089 C CB  . THR A 1 127 ? 22.401  -1.164  8.070   1.000 20.983  ? 166 THR AAA CB  1 ? 
ATOM   1090 O OG1 . THR A 1 127 ? 23.001  -1.711  6.884   1.000 20.790  ? 166 THR AAA OG1 1 ? 
ATOM   1091 C CG2 . THR A 1 127 ? 22.658  -1.979  9.319   1.000 24.513  ? 166 THR AAA CG2 1 ? 
ATOM   1092 N N   . GLU A 1 128 ? 19.508  -0.834  9.763   1.000 17.783  ? 167 GLU AAA N   1 ? 
ATOM   1093 C CA  . GLU A 1 128 ? 18.884  -0.112  10.872  1.000 21.011  ? 167 GLU AAA CA  1 ? 
ATOM   1094 C C   . GLU A 1 128 ? 19.935  0.470   11.815  1.000 26.190  ? 167 GLU AAA C   1 ? 
ATOM   1095 O O   . GLU A 1 128 ? 20.864  -0.207  12.241  1.000 30.003  ? 167 GLU AAA O   1 ? 
ATOM   1096 C CB  . GLU A 1 128 ? 17.907  -1.005  11.641  1.000 23.591  ? 167 GLU AAA CB  1 ? 
ATOM   1097 C CG  . GLU A 1 128 ? 17.154  -0.323  12.779  1.000 32.699  ? 167 GLU AAA CG  1 ? 
ATOM   1098 C CD  . GLU A 1 128 ? 16.164  -1.259  13.452  1.000 34.988  ? 167 GLU AAA CD  1 ? 
ATOM   1099 O OE1 . GLU A 1 128 ? 16.344  -2.490  13.316  1.000 38.104  ? 167 GLU AAA OE1 1 ? 
ATOM   1100 O OE2 . GLU A 1 128 ? 15.226  -0.778  14.110  1.000 38.291  ? 167 GLU AAA OE2 1 ? 
ATOM   1101 N N   . GLU A 1 129 ? 19.816  1.760   12.131  1.000 26.184  ? 168 GLU AAA N   1 ? 
ATOM   1102 C CA  . GLU A 1 129 ? 20.822  2.315   13.018  1.000 33.348  ? 168 GLU AAA CA  1 ? 
ATOM   1103 C C   . GLU A 1 129 ? 20.088  2.911   14.214  1.000 39.191  ? 168 GLU AAA C   1 ? 
ATOM   1104 O O   . GLU A 1 129 ? 18.865  2.724   14.343  1.000 46.700  ? 168 GLU AAA O   1 ? 
ATOM   1105 C CB  . GLU A 1 129 ? 21.718  3.293   12.252  1.000 37.601  ? 168 GLU AAA CB  1 ? 
ATOM   1106 C CG  . GLU A 1 129 ? 21.069  4.656   12.099  1.000 42.218  ? 168 GLU AAA CG  1 ? 
ATOM   1107 C CD  . GLU A 1 129 ? 21.371  5.435   10.835  1.000 46.939  ? 168 GLU AAA CD  1 ? 
ATOM   1108 O OE1 . GLU A 1 129 ? 22.074  4.892   9.933   1.000 46.348  ? 168 GLU AAA OE1 1 ? 
ATOM   1109 O OE2 . GLU A 1 129 ? 20.899  6.589   10.756  1.000 51.140  ? 168 GLU AAA OE2 1 ? 
ATOM   1110 O OXT . GLU A 1 129 ? 20.727  3.555   15.039  1.000 42.876  ? 168 GLU AAA OXT 1 ? 
HETATM 1111 C C1  . GOL B 2 .   ? -7.180  -12.027 0.107   1.000 22.804  ? 201 GOL AAA C1  1 ? 
HETATM 1112 O O1  . GOL B 2 .   ? -8.115  -12.040 1.189   1.000 21.471  ? 201 GOL AAA O1  1 ? 
HETATM 1113 C C2  . GOL B 2 .   ? -6.109  -10.990 0.313   1.000 22.875  ? 201 GOL AAA C2  1 ? 
HETATM 1114 O O2  . GOL B 2 .   ? -6.665  -9.681  0.486   1.000 18.153  ? 201 GOL AAA O2  1 ? 
HETATM 1115 C C3  . GOL B 2 .   ? -5.187  -10.954 -0.891  1.000 25.404  ? 201 GOL AAA C3  1 ? 
HETATM 1116 O O3  . GOL B 2 .   ? -4.146  -9.994  -0.741  1.000 28.616  ? 201 GOL AAA O3  1 ? 
HETATM 1117 C C1  . GOL C 2 .   ? -9.761  -3.847  -9.518  1.000 23.666  ? 202 GOL AAA C1  1 ? 
HETATM 1118 O O1  . GOL C 2 .   ? -9.399  -4.047  -10.881 1.000 22.889  ? 202 GOL AAA O1  1 ? 
HETATM 1119 C C2  . GOL C 2 .   ? -8.595  -3.439  -8.646  1.000 24.124  ? 202 GOL AAA C2  1 ? 
HETATM 1120 O O2  . GOL C 2 .   ? -7.571  -4.408  -8.747  1.000 19.207  ? 202 GOL AAA O2  1 ? 
HETATM 1121 C C3  . GOL C 2 .   ? -7.937  -2.126  -8.978  1.000 24.450  ? 202 GOL AAA C3  1 ? 
HETATM 1122 O O3  . GOL C 2 .   ? -8.887  -1.077  -9.072  1.000 25.461  ? 202 GOL AAA O3  1 ? 
HETATM 1123 C C4  . IJL D 3 .   ? -8.788  1.951   -9.244  1.000 34.514  ? 203 IJL AAA C4  1 ? 
HETATM 1124 C C5  . IJL D 3 .   ? -8.929  3.087   -10.002 1.000 13.177  ? 203 IJL AAA C5  1 ? 
HETATM 1125 C C6  . IJL D 3 .   ? -8.992  3.073   -11.359 1.000 32.960  ? 203 IJL AAA C6  1 ? 
HETATM 1126 C C7  . IJL D 3 .   ? -8.909  1.879   -12.027 1.000 33.171  ? 203 IJL AAA C7  1 ? 
HETATM 1127 N N1  . IJL D 3 .   ? -9.371  -1.580  -11.608 1.000 39.309  ? 203 IJL AAA N1  1 ? 
HETATM 1128 C C3  . IJL D 3 .   ? -8.728  0.748   -9.914  1.000 31.943  ? 203 IJL AAA C3  1 ? 
HETATM 1129 C C1  . IJL D 3 .   ? -8.699  -0.545  -12.091 1.000 40.727  ? 203 IJL AAA C1  1 ? 
HETATM 1130 O O1  . IJL D 3 .   ? -8.059  -0.571  -13.164 1.000 49.256  ? 203 IJL AAA O1  1 ? 
HETATM 1131 C C2  . IJL D 3 .   ? -8.770  0.712   -11.308 1.000 32.705  ? 203 IJL AAA C2  1 ? 
HETATM 1132 I I1  . IJL D 3 .   ? -9.094  4.957   -9.122  1.000 104.183 ? 203 IJL AAA I1  1 ? 
HETATM 1133 O O   . HOH E 4 .   ? -3.534  9.442   14.021  1.000 29.198  ? 301 HOH AAA O   1 ? 
HETATM 1134 O O   . HOH E 4 .   ? 11.535  8.640   -10.283 1.000 32.179  ? 302 HOH AAA O   1 ? 
HETATM 1135 O O   . HOH E 4 .   ? -13.188 8.906   -9.327  1.000 29.095  ? 303 HOH AAA O   1 ? 
HETATM 1136 O O   . HOH E 4 .   ? -17.528 6.561   4.156   1.000 30.082  ? 304 HOH AAA O   1 ? 
HETATM 1137 O O   . HOH E 4 .   ? 0.328   10.825  13.568  1.000 34.274  ? 305 HOH AAA O   1 ? 
HETATM 1138 O O   . HOH E 4 .   ? -0.873  11.469  5.237   1.000 39.335  ? 306 HOH AAA O   1 ? 
HETATM 1139 O O   . HOH E 4 .   ? -16.897 2.664   3.182   1.000 36.842  ? 307 HOH AAA O   1 ? 
HETATM 1140 O O   . HOH E 4 .   ? 5.020   -6.781  -16.278 1.000 29.543  ? 308 HOH AAA O   1 ? 
HETATM 1141 O O   . HOH E 4 .   ? -3.213  13.047  11.584  1.000 38.193  ? 309 HOH AAA O   1 ? 
HETATM 1142 O O   . HOH E 4 .   ? 14.071  -4.075  9.567   1.000 37.804  ? 310 HOH AAA O   1 ? 
HETATM 1143 O O   . HOH E 4 .   ? 4.408   -9.986  -5.622  1.000 30.453  ? 311 HOH AAA O   1 ? 
HETATM 1144 O O   . HOH E 4 .   ? -3.103  3.477   25.661  1.000 35.301  ? 312 HOH AAA O   1 ? 
HETATM 1145 O O   . HOH E 4 .   ? -14.079 -14.966 -0.745  1.000 42.042  ? 313 HOH AAA O   1 ? 
HETATM 1146 O O   . HOH E 4 .   ? -16.924 -13.122 2.096   1.000 44.977  ? 314 HOH AAA O   1 ? 
HETATM 1147 O O   . HOH E 4 .   ? -7.759  7.608   16.382  1.000 30.363  ? 315 HOH AAA O   1 ? 
HETATM 1148 O O   . HOH E 4 .   ? -6.489  7.280   0.966   1.000 29.523  ? 316 HOH AAA O   1 ? 
HETATM 1149 O O   . HOH E 4 .   ? 7.466   -7.340  -3.566  1.000 29.173  ? 317 HOH AAA O   1 ? 
HETATM 1150 O O   . HOH E 4 .   ? -6.831  -3.451  -2.458  1.000 17.009  ? 318 HOH AAA O   1 ? 
HETATM 1151 O O   . HOH E 4 .   ? -8.878  2.202   15.622  1.000 31.505  ? 319 HOH AAA O   1 ? 
HETATM 1152 O O   . HOH E 4 .   ? 14.734  -3.752  -11.511 1.000 35.559  ? 320 HOH AAA O   1 ? 
HETATM 1153 O O   . HOH E 4 .   ? -17.767 -2.548  -2.190  1.000 21.967  ? 321 HOH AAA O   1 ? 
HETATM 1154 O O   . HOH E 4 .   ? -19.533 4.269   -11.431 1.000 26.819  ? 322 HOH AAA O   1 ? 
HETATM 1155 O O   . HOH E 4 .   ? -14.285 -1.443  -13.335 1.000 26.415  ? 323 HOH AAA O   1 ? 
HETATM 1156 O O   . HOH E 4 .   ? -17.983 -8.136  -9.430  1.000 27.109  ? 324 HOH AAA O   1 ? 
HETATM 1157 O O   . HOH E 4 .   ? 13.186  -2.189  13.131  1.000 21.264  ? 325 HOH AAA O   1 ? 
HETATM 1158 O O   . HOH E 4 .   ? -5.865  -13.765 -11.070 1.000 32.762  ? 326 HOH AAA O   1 ? 
HETATM 1159 O O   . HOH E 4 .   ? 18.149  3.561   -2.463  1.000 23.500  ? 327 HOH AAA O   1 ? 
HETATM 1160 O O   . HOH E 4 .   ? -3.532  -5.468  -20.819 1.000 27.144  ? 328 HOH AAA O   1 ? 
HETATM 1161 O O   . HOH E 4 .   ? 1.015   -9.561  -16.225 1.000 29.820  ? 329 HOH AAA O   1 ? 
HETATM 1162 O O   . HOH E 4 .   ? -3.150  -2.574  -22.895 1.000 13.811  ? 330 HOH AAA O   1 ? 
HETATM 1163 O O   . HOH E 4 .   ? -11.193 5.287   -2.547  1.000 19.685  ? 331 HOH AAA O   1 ? 
HETATM 1164 O O   . HOH E 4 .   ? 6.176   11.477  -4.949  1.000 30.468  ? 332 HOH AAA O   1 ? 
HETATM 1165 O O   . HOH E 4 .   ? 24.227  -1.342  -0.741  1.000 28.348  ? 333 HOH AAA O   1 ? 
HETATM 1166 O O   . HOH E 4 .   ? -9.156  -14.384 -2.024  1.000 36.365  ? 334 HOH AAA O   1 ? 
HETATM 1167 O O   . HOH E 4 .   ? -10.448 -1.709  4.097   1.000 15.133  ? 335 HOH AAA O   1 ? 
HETATM 1168 O O   . HOH E 4 .   ? 19.936  5.381   7.559   1.000 32.991  ? 336 HOH AAA O   1 ? 
HETATM 1169 O O   . HOH E 4 .   ? -6.969  -12.169 3.648   1.000 30.892  ? 337 HOH AAA O   1 ? 
HETATM 1170 O O   . HOH E 4 .   ? -7.139  9.755   -4.252  1.000 41.262  ? 338 HOH AAA O   1 ? 
HETATM 1171 O O   . HOH E 4 .   ? -7.094  -4.294  5.248   1.000 24.142  ? 339 HOH AAA O   1 ? 
HETATM 1172 O O   . HOH E 4 .   ? -8.444  -5.714  -14.518 1.000 26.870  ? 340 HOH AAA O   1 ? 
HETATM 1173 O O   . HOH E 4 .   ? 2.909   -2.467  16.136  1.000 22.109  ? 341 HOH AAA O   1 ? 
HETATM 1174 O O   . HOH E 4 .   ? -7.919  4.950   8.096   1.000 21.477  ? 342 HOH AAA O   1 ? 
HETATM 1175 O O   . HOH E 4 .   ? -2.898  -11.839 -11.840 1.000 17.112  ? 343 HOH AAA O   1 ? 
HETATM 1176 O O   . HOH E 4 .   ? -5.116  -1.602  -3.721  1.000 12.967  ? 344 HOH AAA O   1 ? 
HETATM 1177 O O   . HOH E 4 .   ? 18.481  -4.949  -6.400  1.000 39.232  ? 345 HOH AAA O   1 ? 
HETATM 1178 O O   . HOH E 4 .   ? -7.209  -0.115  -18.638 1.000 26.698  ? 346 HOH AAA O   1 ? 
HETATM 1179 O O   . HOH E 4 .   ? 23.385  -0.787  13.117  1.000 45.246  ? 347 HOH AAA O   1 ? 
HETATM 1180 O O   . HOH E 4 .   ? 3.234   -1.143  17.087  1.000 16.367  ? 348 HOH AAA O   1 ? 
HETATM 1181 O O   . HOH E 4 .   ? 22.320  2.782   7.998   1.000 27.710  ? 349 HOH AAA O   1 ? 
HETATM 1182 O O   . HOH E 4 .   ? -14.014 -8.228  -11.928 1.000 33.438  ? 350 HOH AAA O   1 ? 
HETATM 1183 O O   . HOH E 4 .   ? 5.062   3.858   -17.406 1.000 30.806  ? 351 HOH AAA O   1 ? 
HETATM 1184 O O   . HOH E 4 .   ? -6.255  -4.686  -6.346  1.000 17.507  ? 352 HOH AAA O   1 ? 
HETATM 1185 O O   . HOH E 4 .   ? -5.468  8.905   -7.699  1.000 20.199  ? 353 HOH AAA O   1 ? 
HETATM 1186 O O   . HOH E 4 .   ? 8.677   1.817   -14.477 1.000 30.113  ? 354 HOH AAA O   1 ? 
HETATM 1187 O O   . HOH E 4 .   ? 13.383  -4.959  -9.307  1.000 18.636  ? 355 HOH AAA O   1 ? 
HETATM 1188 O O   . HOH E 4 .   ? -5.859  0.832   -4.701  1.000 13.344  ? 356 HOH AAA O   1 ? 
HETATM 1189 O O   . HOH E 4 .   ? -5.482  -4.750  5.453   1.000 25.976  ? 357 HOH AAA O   1 ? 
HETATM 1190 O O   . HOH E 4 .   ? 7.336   -6.837  -11.104 1.000 17.123  ? 358 HOH AAA O   1 ? 
HETATM 1191 O O   . HOH E 4 .   ? -0.680  -5.609  5.154   1.000 17.160  ? 359 HOH AAA O   1 ? 
HETATM 1192 O O   . HOH E 4 .   ? -8.350  3.073   -6.132  1.000 20.884  ? 360 HOH AAA O   1 ? 
HETATM 1193 O O   . HOH E 4 .   ? 24.400  -4.112  7.229   1.000 26.109  ? 361 HOH AAA O   1 ? 
HETATM 1194 O O   . HOH E 4 .   ? -4.523  9.809   -2.569  1.000 33.695  ? 362 HOH AAA O   1 ? 
HETATM 1195 O O   . HOH E 4 .   ? 0.784   -2.460  10.974  1.000 18.404  ? 363 HOH AAA O   1 ? 
HETATM 1196 O O   . HOH E 4 .   ? -7.276  -0.357  0.935   1.000 12.606  ? 364 HOH AAA O   1 ? 
HETATM 1197 O O   . HOH E 4 .   ? -20.916 -5.522  -3.085  1.000 30.458  ? 365 HOH AAA O   1 ? 
HETATM 1198 O O   . HOH E 4 .   ? -20.040 -2.555  -6.608  1.000 25.106  ? 366 HOH AAA O   1 ? 
HETATM 1199 O O   . HOH E 4 .   ? 6.793   6.671   9.687   1.000 28.843  ? 367 HOH AAA O   1 ? 
HETATM 1200 O O   . HOH E 4 .   ? 9.330   -0.320  -13.217 1.000 19.130  ? 368 HOH AAA O   1 ? 
HETATM 1201 O O   . HOH E 4 .   ? -6.609  5.574   3.314   1.000 25.053  ? 369 HOH AAA O   1 ? 
HETATM 1202 O O   . HOH E 4 .   ? 1.560   9.489   -10.156 1.000 25.201  ? 370 HOH AAA O   1 ? 
HETATM 1203 O O   . HOH E 4 .   ? 19.176  -3.609  9.445   1.000 27.210  ? 371 HOH AAA O   1 ? 
HETATM 1204 O O   . HOH E 4 .   ? 16.820  7.040   6.453   1.000 24.758  ? 372 HOH AAA O   1 ? 
HETATM 1205 O O   . HOH E 4 .   ? -11.076 2.782   9.334   1.000 30.907  ? 373 HOH AAA O   1 ? 
HETATM 1206 O O   . HOH E 4 .   ? -6.615  -4.627  -19.262 1.000 25.526  ? 374 HOH AAA O   1 ? 
HETATM 1207 O O   . HOH E 4 .   ? 4.934   -4.153  -15.944 1.000 20.747  ? 375 HOH AAA O   1 ? 
HETATM 1208 O O   . HOH E 4 .   ? 8.356   7.264   7.872   1.000 25.623  ? 376 HOH AAA O   1 ? 
HETATM 1209 O O   . HOH E 4 .   ? 16.535  4.148   13.637  1.000 21.773  ? 377 HOH AAA O   1 ? 
HETATM 1210 O O   . HOH E 4 .   ? 1.225   -3.642  8.428   1.000 16.576  ? 378 HOH AAA O   1 ? 
HETATM 1211 O O   . HOH E 4 .   ? -17.457 1.742   -13.348 1.000 28.285  ? 379 HOH AAA O   1 ? 
HETATM 1212 O O   . HOH E 4 .   ? 6.719   10.567  9.299   1.000 32.905  ? 380 HOH AAA O   1 ? 
HETATM 1213 O O   . HOH E 4 .   ? -13.342 1.690   -0.601  1.000 15.775  ? 381 HOH AAA O   1 ? 
HETATM 1214 O O   . HOH E 4 .   ? -3.995  -3.523  -5.388  1.000 14.430  ? 382 HOH AAA O   1 ? 
HETATM 1215 O O   . HOH E 4 .   ? -2.854  9.500   1.749   1.000 24.245  ? 383 HOH AAA O   1 ? 
HETATM 1216 O O   . HOH E 4 .   ? -12.182 1.271   1.903   1.000 15.639  ? 384 HOH AAA O   1 ? 
HETATM 1217 O O   . HOH E 4 .   ? -14.807 3.519   3.244   1.000 27.298  ? 385 HOH AAA O   1 ? 
HETATM 1218 O O   . HOH E 4 .   ? -6.949  -0.116  20.570  1.000 21.435  ? 386 HOH AAA O   1 ? 
HETATM 1219 O O   . HOH E 4 .   ? 1.857   -4.757  13.771  1.000 25.109  ? 387 HOH AAA O   1 ? 
HETATM 1220 O O   . HOH E 4 .   ? -0.753  13.221  -5.508  1.000 39.643  ? 388 HOH AAA O   1 ? 
HETATM 1221 O O   . HOH E 4 .   ? 12.632  -0.464  11.052  1.000 15.406  ? 389 HOH AAA O   1 ? 
HETATM 1222 O O   . HOH E 4 .   ? 6.549   -8.340  3.283   1.000 29.273  ? 390 HOH AAA O   1 ? 
HETATM 1223 O O   . HOH E 4 .   ? -0.709  -8.188  -21.327 1.000 32.298  ? 391 HOH AAA O   1 ? 
HETATM 1224 O O   . HOH E 4 .   ? 24.676  0.606   -3.338  1.000 32.640  ? 392 HOH AAA O   1 ? 
HETATM 1225 O O   . HOH E 4 .   ? -0.923  6.709   13.344  1.000 17.897  ? 393 HOH AAA O   1 ? 
HETATM 1226 O O   . HOH E 4 .   ? -6.080  8.850   10.670  1.000 41.629  ? 394 HOH AAA O   1 ? 
HETATM 1227 O O   . HOH E 4 .   ? -16.938 4.423   1.946   1.000 26.563  ? 395 HOH AAA O   1 ? 
HETATM 1228 O O   . HOH E 4 .   ? -6.934  -3.577  -15.741 1.000 19.489  ? 396 HOH AAA O   1 ? 
HETATM 1229 O O   . HOH E 4 .   ? -16.125 4.670   -0.382  1.000 39.361  ? 397 HOH AAA O   1 ? 
HETATM 1230 O O   . HOH E 4 .   ? -7.833  4.753   11.682  1.000 20.088  ? 398 HOH AAA O   1 ? 
HETATM 1231 O O   . HOH E 4 .   ? -8.197  -1.115  -1.531  1.000 17.496  ? 399 HOH AAA O   1 ? 
HETATM 1232 O O   . HOH E 4 .   ? 6.374   7.862   15.860  1.000 26.680  ? 400 HOH AAA O   1 ? 
HETATM 1233 O O   . HOH E 4 .   ? 9.312   -7.496  -0.359  1.000 26.861  ? 401 HOH AAA O   1 ? 
HETATM 1234 O O   . HOH E 4 .   ? -10.531 -1.690  8.321   1.000 17.230  ? 402 HOH AAA O   1 ? 
HETATM 1235 O O   . HOH E 4 .   ? 1.136   8.634   15.710  1.000 29.250  ? 403 HOH AAA O   1 ? 
HETATM 1236 O O   . HOH E 4 .   ? -8.009  3.591   19.892  1.000 29.515  ? 404 HOH AAA O   1 ? 
HETATM 1237 O O   . HOH E 4 .   ? 7.378   -7.122  12.557  1.000 24.915  ? 405 HOH AAA O   1 ? 
HETATM 1238 O O   . HOH E 4 .   ? -17.040 -5.320  -2.766  1.000 20.811  ? 406 HOH AAA O   1 ? 
HETATM 1239 O O   . HOH E 4 .   ? -10.972 3.382   -6.593  1.000 23.690  ? 407 HOH AAA O   1 ? 
HETATM 1240 O O   . HOH E 4 .   ? 1.742   -12.542 -3.870  1.000 39.961  ? 408 HOH AAA O   1 ? 
HETATM 1241 O O   . HOH E 4 .   ? 0.168   11.556  -8.499  1.000 33.526  ? 409 HOH AAA O   1 ? 
HETATM 1242 O O   . HOH E 4 .   ? -3.982  -1.616  16.305  1.000 26.744  ? 410 HOH AAA O   1 ? 
HETATM 1243 O O   . HOH E 4 .   ? 7.812   9.546   -12.345 1.000 25.293  ? 411 HOH AAA O   1 ? 
HETATM 1244 O O   . HOH E 4 .   ? -16.137 9.514   -6.556  1.000 41.304  ? 412 HOH AAA O   1 ? 
HETATM 1245 O O   . HOH E 4 .   ? -21.783 -0.511  -7.988  1.000 38.525  ? 413 HOH AAA O   1 ? 
HETATM 1246 O O   . HOH E 4 .   ? -6.418  -2.179  9.672   1.000 21.821  ? 414 HOH AAA O   1 ? 
HETATM 1247 O O   . HOH E 4 .   ? 11.389  -4.413  10.461  1.000 18.145  ? 415 HOH AAA O   1 ? 
HETATM 1248 O O   . HOH E 4 .   ? 1.590   -10.572 0.436   1.000 35.408  ? 416 HOH AAA O   1 ? 
HETATM 1249 O O   . HOH E 4 .   ? -1.507  -2.773  12.325  1.000 24.386  ? 417 HOH AAA O   1 ? 
HETATM 1250 O O   . HOH E 4 .   ? -16.985 -3.688  -13.825 1.000 35.493  ? 418 HOH AAA O   1 ? 
HETATM 1251 O O   . HOH E 4 .   ? -0.241  8.031   -11.689 1.000 19.709  ? 419 HOH AAA O   1 ? 
HETATM 1252 O O   . HOH E 4 .   ? 6.799   6.879   -14.414 1.000 23.968  ? 420 HOH AAA O   1 ? 
HETATM 1253 O O   . HOH E 4 .   ? 16.136  7.529   -6.046  1.000 27.158  ? 421 HOH AAA O   1 ? 
HETATM 1254 O O   . HOH E 4 .   ? 3.672   12.213  -11.157 1.000 28.146  ? 422 HOH AAA O   1 ? 
HETATM 1255 O O   . HOH E 4 .   ? 16.852  -5.431  13.823  1.000 48.268  ? 423 HOH AAA O   1 ? 
HETATM 1256 O O   . HOH E 4 .   ? 11.587  -3.882  17.929  1.000 16.160  ? 424 HOH AAA O   1 ? 
HETATM 1257 O O   . HOH E 4 .   ? 11.152  -1.836  -16.752 1.000 33.427  ? 425 HOH AAA O   1 ? 
HETATM 1258 O O   . HOH E 4 .   ? 3.715   -9.085  -2.919  1.000 34.014  ? 426 HOH AAA O   1 ? 
HETATM 1259 O O   . HOH E 4 .   ? 14.163  3.891   17.231  1.000 44.623  ? 427 HOH AAA O   1 ? 
HETATM 1260 O O   . HOH E 4 .   ? 15.988  -9.004  -6.021  1.000 29.962  ? 428 HOH AAA O   1 ? 
HETATM 1261 O O   . HOH E 4 .   ? 5.124   -8.897  7.772   1.000 37.280  ? 429 HOH AAA O   1 ? 
HETATM 1262 O O   . HOH E 4 .   ? 12.110  0.009   -12.845 1.000 30.990  ? 430 HOH AAA O   1 ? 
HETATM 1263 O O   . HOH E 4 .   ? 14.720  3.375   -10.916 1.000 29.921  ? 431 HOH AAA O   1 ? 
HETATM 1264 O O   . HOH E 4 .   ? 18.028  0.564   -6.327  1.000 49.865  ? 432 HOH AAA O   1 ? 
HETATM 1265 O O   . HOH E 4 .   ? 10.580  7.326   18.014  1.000 24.737  ? 433 HOH AAA O   1 ? 
HETATM 1266 O O   . HOH E 4 .   ? 6.874   13.209  12.588  1.000 41.915  ? 434 HOH AAA O   1 ? 
HETATM 1267 O O   . HOH E 4 .   ? 15.547  -5.785  -7.746  1.000 28.490  ? 435 HOH AAA O   1 ? 
HETATM 1268 O O   . HOH E 4 .   ? 0.362   12.863  13.542  1.000 39.097  ? 436 HOH AAA O   1 ? 
HETATM 1269 O O   . HOH E 4 .   ? -10.032 -0.458  1.727   1.000 17.570  ? 437 HOH AAA O   1 ? 
HETATM 1270 O O   . HOH E 4 .   ? 5.825   -7.154  9.880   1.000 32.932  ? 438 HOH AAA O   1 ? 
HETATM 1271 O O   . HOH E 4 .   ? 9.022   -8.916  2.404   1.000 30.972  ? 439 HOH AAA O   1 ? 
HETATM 1272 O O   . HOH E 4 .   ? 13.495  4.826   -9.276  1.000 37.814  ? 440 HOH AAA O   1 ? 
HETATM 1273 O O   . HOH E 4 .   ? -1.837  8.499   -16.012 1.000 41.206  ? 441 HOH AAA O   1 ? 
HETATM 1274 O O   . HOH E 4 .   ? -7.496  7.695   -9.470  1.000 30.793  ? 442 HOH AAA O   1 ? 
HETATM 1275 O O   . HOH E 4 .   ? 9.490   -7.177  -9.376  1.000 21.119  ? 443 HOH AAA O   1 ? 
HETATM 1276 O O   . HOH E 4 .   ? 12.304  -5.076  13.605  1.000 28.267  ? 444 HOH AAA O   1 ? 
HETATM 1277 O O   . HOH E 4 .   ? 7.383   4.943   -16.589 1.000 49.716  ? 445 HOH AAA O   1 ? 
HETATM 1278 O O   . HOH E 4 .   ? 7.586   -4.215  -14.974 1.000 22.720  ? 446 HOH AAA O   1 ? 
HETATM 1279 O O   . HOH E 4 .   ? -9.924  8.001   -7.041  1.000 39.154  ? 447 HOH AAA O   1 ? 
HETATM 1280 O O   . HOH E 4 .   ? 14.181  -3.733  16.771  1.000 29.151  ? 448 HOH AAA O   1 ? 
HETATM 1281 O O   . HOH E 4 .   ? -8.923  7.244   11.137  1.000 30.575  ? 449 HOH AAA O   1 ? 
HETATM 1282 O O   . HOH E 4 .   ? 18.075  -1.567  16.553  1.000 38.602  ? 450 HOH AAA O   1 ? 
HETATM 1283 O O   . HOH E 4 .   ? -9.622  -0.160  12.489  1.000 24.148  ? 451 HOH AAA O   1 ? 
HETATM 1284 O O   . HOH E 4 .   ? 9.343   10.135  8.676   1.000 32.849  ? 452 HOH AAA O   1 ? 
HETATM 1285 O O   . HOH E 4 .   ? 8.550   -6.600  -13.621 1.000 22.536  ? 453 HOH AAA O   1 ? 
HETATM 1286 O O   . HOH E 4 .   ? -9.606  3.062   13.295  1.000 29.979  ? 454 HOH AAA O   1 ? 
HETATM 1287 O O   . HOH E 4 .   ? -7.804  6.276   5.607   1.000 27.965  ? 455 HOH AAA O   1 ? 
HETATM 1288 O O   . HOH E 4 .   ? -20.102 -2.889  -3.769  1.000 23.336  ? 456 HOH AAA O   1 ? 
HETATM 1289 O O   . HOH E 4 .   ? 5.910   13.966  5.072   1.000 41.836  ? 457 HOH AAA O   1 ? 
HETATM 1290 O O   . HOH E 4 .   ? -2.603  11.585  3.227   1.000 35.258  ? 458 HOH AAA O   1 ? 
HETATM 1291 O O   . HOH E 4 .   ? -20.120 0.672   6.932   1.000 27.431  ? 459 HOH AAA O   1 ? 
HETATM 1292 O O   . HOH E 4 .   ? 11.325  -7.057  -13.057 1.000 32.339  ? 460 HOH AAA O   1 ? 
HETATM 1293 O O   . HOH E 4 .   ? -3.250  -5.293  6.380   1.000 26.297  ? 461 HOH AAA O   1 ? 
HETATM 1294 O O   . HOH E 4 .   ? 20.119  4.270   -0.501  1.000 32.881  ? 462 HOH AAA O   1 ? 
HETATM 1295 O O   . HOH E 4 .   ? -12.172 3.979   1.996   1.000 22.079  ? 463 HOH AAA O   1 ? 
HETATM 1296 O O   . HOH E 4 .   ? 1.618   -6.086  9.205   1.000 28.447  ? 464 HOH AAA O   1 ? 
HETATM 1297 O O   . HOH E 4 .   ? -13.268 4.374   -0.939  1.000 24.952  ? 465 HOH AAA O   1 ? 
HETATM 1298 O O   . HOH E 4 .   ? 0.505   -7.473  7.115   1.000 32.742  ? 466 HOH AAA O   1 ? 
HETATM 1299 O O   . HOH E 4 .   ? 2.702   12.840  -8.681  1.000 38.419  ? 467 HOH AAA O   1 ? 
HETATM 1300 O O   . HOH E 4 .   ? 5.905   13.681  -11.792 1.000 23.887  ? 468 HOH AAA O   1 ? 
HETATM 1301 O O   . HOH E 4 .   ? -14.890 -3.540  -14.993 1.000 43.333  ? 469 HOH AAA O   1 ? 
HETATM 1302 O O   . HOH E 4 .   ? 8.171   13.589  -5.579  1.000 41.471  ? 470 HOH AAA O   1 ? 
HETATM 1303 O O   . HOH E 4 .   ? 4.399   11.013  -1.865  1.000 37.148  ? 471 HOH AAA O   1 ? 
HETATM 1304 O O   . HOH E 4 .   ? 8.684   -1.955  -15.405 1.000 23.132  ? 472 HOH AAA O   1 ? 
HETATM 1305 O O   . HOH E 4 .   ? 18.723  -2.571  -10.268 1.000 47.630  ? 473 HOH AAA O   1 ? 
HETATM 1306 O O   . HOH E 4 .   ? -10.529 7.603   -1.189  1.000 35.195  ? 474 HOH AAA O   1 ? 
HETATM 1307 O O   . HOH E 4 .   ? -8.365  7.991   19.000  1.000 23.285  ? 475 HOH AAA O   1 ? 
HETATM 1308 O O   . HOH E 4 .   ? -10.403 6.006   2.804   1.000 32.686  ? 476 HOH AAA O   1 ? 
HETATM 1309 O O   . HOH E 4 .   ? 6.784   -0.582  -17.126 1.000 31.300  ? 477 HOH AAA O   1 ? 
# 
